data_9I1N
# 
_entry.id   9I1N 
# 
_audit_conform.dict_name       mmcif_pdbx.dic 
_audit_conform.dict_version    5.404 
_audit_conform.dict_location   http://mmcif.pdb.org/dictionaries/ascii/mmcif_pdbx.dic 
# 
loop_
_database_2.database_id 
_database_2.database_code 
_database_2.pdbx_database_accession 
_database_2.pdbx_DOI 
PDB   9I1N         pdb_00009i1n 10.2210/pdb9i1n/pdb 
WWPDB D_1292143423 ?            ?                   
# 
loop_
_pdbx_audit_revision_history.ordinal 
_pdbx_audit_revision_history.data_content_type 
_pdbx_audit_revision_history.major_revision 
_pdbx_audit_revision_history.minor_revision 
_pdbx_audit_revision_history.revision_date 
_pdbx_audit_revision_history.part_number 
1 'Structure model' 1 0 2025-07-02 ? 
2 'Structure model' 1 1 2025-07-16 ? 
# 
_pdbx_audit_revision_details.ordinal             1 
_pdbx_audit_revision_details.revision_ordinal    1 
_pdbx_audit_revision_details.data_content_type   'Structure model' 
_pdbx_audit_revision_details.provider            repository 
_pdbx_audit_revision_details.type                'Initial release' 
_pdbx_audit_revision_details.description         ? 
_pdbx_audit_revision_details.details             ? 
# 
_pdbx_audit_revision_group.ordinal             1 
_pdbx_audit_revision_group.revision_ordinal    2 
_pdbx_audit_revision_group.data_content_type   'Structure model' 
_pdbx_audit_revision_group.group               'Database references' 
# 
_pdbx_audit_revision_category.ordinal             1 
_pdbx_audit_revision_category.revision_ordinal    2 
_pdbx_audit_revision_category.data_content_type   'Structure model' 
_pdbx_audit_revision_category.category            citation 
# 
loop_
_pdbx_audit_revision_item.ordinal 
_pdbx_audit_revision_item.revision_ordinal 
_pdbx_audit_revision_item.data_content_type 
_pdbx_audit_revision_item.item 
1 2 'Structure model' '_citation.journal_id_ISSN'         
2 2 'Structure model' '_citation.journal_volume'          
3 2 'Structure model' '_citation.page_first'              
4 2 'Structure model' '_citation.page_last'               
5 2 'Structure model' '_citation.pdbx_database_id_PubMed' 
6 2 'Structure model' '_citation.title'                   
# 
_pdbx_database_status.status_code                     REL 
_pdbx_database_status.status_code_sf                  REL 
_pdbx_database_status.status_code_mr                  ? 
_pdbx_database_status.entry_id                        9I1N 
_pdbx_database_status.recvd_initial_deposition_date   2025-01-16 
_pdbx_database_status.SG_entry                        N 
_pdbx_database_status.deposit_site                    PDBE 
_pdbx_database_status.process_site                    PDBE 
_pdbx_database_status.status_code_cs                  ? 
_pdbx_database_status.status_code_nmr_data            ? 
_pdbx_database_status.methods_development_category    ? 
_pdbx_database_status.pdb_format_compatible           N 
# 
_pdbx_contact_author.id                 2 
_pdbx_contact_author.email              peter.crowley@universityofgalway.ie 
_pdbx_contact_author.name_first         Peter 
_pdbx_contact_author.name_last          Crowley 
_pdbx_contact_author.name_mi            B 
_pdbx_contact_author.role               'principal investigator/group leader' 
_pdbx_contact_author.identifier_ORCID   0000-0002-5365-0096 
# 
loop_
_audit_author.name 
_audit_author.pdbx_ordinal 
_audit_author.identifier_ORCID 
'Ifeagwu, M.C.' 1 0009-0001-8729-726X 
'Mockler, N.M.' 2 0000-0003-3392-9564 
'Crowley, P.B.' 3 0000-0002-5365-0096 
# 
_citation.abstract                  ? 
_citation.abstract_id_CAS           ? 
_citation.book_id_ISBN              ? 
_citation.book_publisher            ? 
_citation.book_publisher_city       ? 
_citation.book_title                ? 
_citation.coordinate_linkage        ? 
_citation.country                   US 
_citation.database_id_Medline       ? 
_citation.details                   ? 
_citation.id                        primary 
_citation.journal_abbrev            'Cryst.Growth Des.' 
_citation.journal_id_ASTM           ? 
_citation.journal_id_CSD            ? 
_citation.journal_id_ISSN           1528-7483 
_citation.journal_full              ? 
_citation.journal_issue             ? 
_citation.journal_volume            25 
_citation.language                  ? 
_citation.page_first                4661 
_citation.page_last                 4665 
_citation.title                     'N&#8208;Terminal Protein Complexation and Assembly with a Triangular Sulfated Macrocycle.' 
_citation.year                      2025 
_citation.database_id_CSD           ? 
_citation.pdbx_database_id_DOI      10.1021/acs.cgd.5c00290 
_citation.pdbx_database_id_PubMed   40625787 
_citation.pdbx_database_id_patent   ? 
_citation.unpublished_flag          ? 
# 
loop_
_citation_author.citation_id 
_citation_author.name 
_citation_author.ordinal 
_citation_author.identifier_ORCID 
primary 'Ifeagwu, M.C.' 1 ? 
primary 'Guo, L.'       2 ? 
primary 'Mockler, N.M.' 3 ? 
primary 'Dong, M.'      4 ? 
primary 'Li, C.'        5 ? 
primary 'Crowley, P.B.' 6 ? 
# 
loop_
_entity.id 
_entity.type 
_entity.src_method 
_entity.pdbx_description 
_entity.formula_weight 
_entity.pdbx_number_of_molecules 
_entity.pdbx_ec 
_entity.pdbx_mutation 
_entity.pdbx_fragment 
_entity.details 
1 polymer     man 'Fucose-binding lectin protein'   9906.859 1  ? 'M0, S1K' ? 
'Fucose-binding lectin protein, Putative fucose-binding lectin protein' 
2 non-polymer syn 'sulfato-terphen[3]arene complex' 1879.695 1  ? ?         ? ? 
3 non-polymer syn beta-D-fructopyranose             180.156  2  ? ?         ? ? 
4 water       nat water                             18.015   85 ? ?         ? ? 
# 
_entity_poly.entity_id                      1 
_entity_poly.type                           'polypeptide(L)' 
_entity_poly.nstd_linkage                   no 
_entity_poly.nstd_monomer                   no 
_entity_poly.pdbx_seq_one_letter_code       
;MKSVQTAATSWGTVPSIRVYTANNGKITERCWDGKGWYTGAFNEPGDNVSVTSWLVGSAIHIRVYASTGTTTTEWCWDGN
GWTKGAYTATN
;
_entity_poly.pdbx_seq_one_letter_code_can   
;MKSVQTAATSWGTVPSIRVYTANNGKITERCWDGKGWYTGAFNEPGDNVSVTSWLVGSAIHIRVYASTGTTTTEWCWDGN
GWTKGAYTATN
;
_entity_poly.pdbx_strand_id                 A 
_entity_poly.pdbx_target_identifier         ? 
# 
loop_
_pdbx_entity_nonpoly.entity_id 
_pdbx_entity_nonpoly.name 
_pdbx_entity_nonpoly.comp_id 
2 'sulfato-terphen[3]arene complex' A1IZO 
3 beta-D-fructopyranose             BDF   
4 water                             HOH   
# 
loop_
_entity_poly_seq.entity_id 
_entity_poly_seq.num 
_entity_poly_seq.mon_id 
_entity_poly_seq.hetero 
1 1  MET n 
1 2  LYS n 
1 3  SER n 
1 4  VAL n 
1 5  GLN n 
1 6  THR n 
1 7  ALA n 
1 8  ALA n 
1 9  THR n 
1 10 SER n 
1 11 TRP n 
1 12 GLY n 
1 13 THR n 
1 14 VAL n 
1 15 PRO n 
1 16 SER n 
1 17 ILE n 
1 18 ARG n 
1 19 VAL n 
1 20 TYR n 
1 21 THR n 
1 22 ALA n 
1 23 ASN n 
1 24 ASN n 
1 25 GLY n 
1 26 LYS n 
1 27 ILE n 
1 28 THR n 
1 29 GLU n 
1 30 ARG n 
1 31 CYS n 
1 32 TRP n 
1 33 ASP n 
1 34 GLY n 
1 35 LYS n 
1 36 GLY n 
1 37 TRP n 
1 38 TYR n 
1 39 THR n 
1 40 GLY n 
1 41 ALA n 
1 42 PHE n 
1 43 ASN n 
1 44 GLU n 
1 45 PRO n 
1 46 GLY n 
1 47 ASP n 
1 48 ASN n 
1 49 VAL n 
1 50 SER n 
1 51 VAL n 
1 52 THR n 
1 53 SER n 
1 54 TRP n 
1 55 LEU n 
1 56 VAL n 
1 57 GLY n 
1 58 SER n 
1 59 ALA n 
1 60 ILE n 
1 61 HIS n 
1 62 ILE n 
1 63 ARG n 
1 64 VAL n 
1 65 TYR n 
1 66 ALA n 
1 67 SER n 
1 68 THR n 
1 69 GLY n 
1 70 THR n 
1 71 THR n 
1 72 THR n 
1 73 THR n 
1 74 GLU n 
1 75 TRP n 
1 76 CYS n 
1 77 TRP n 
1 78 ASP n 
1 79 GLY n 
1 80 ASN n 
1 81 GLY n 
1 82 TRP n 
1 83 THR n 
1 84 LYS n 
1 85 GLY n 
1 86 ALA n 
1 87 TYR n 
1 88 THR n 
1 89 ALA n 
1 90 THR n 
1 91 ASN n 
# 
_entity_src_gen.entity_id                          1 
_entity_src_gen.pdbx_src_id                        1 
_entity_src_gen.pdbx_alt_source_flag               sample 
_entity_src_gen.pdbx_seq_type                      'Biological sequence' 
_entity_src_gen.pdbx_beg_seq_num                   1 
_entity_src_gen.pdbx_end_seq_num                   91 
_entity_src_gen.gene_src_common_name               ? 
_entity_src_gen.gene_src_genus                     ? 
_entity_src_gen.pdbx_gene_src_gene                 'E7Z57_08365, HF909_06975, LBW55_09125, RUN39_v1_50103' 
_entity_src_gen.gene_src_species                   ? 
_entity_src_gen.gene_src_strain                    ? 
_entity_src_gen.gene_src_tissue                    ? 
_entity_src_gen.gene_src_tissue_fraction           ? 
_entity_src_gen.gene_src_details                   ? 
_entity_src_gen.pdbx_gene_src_fragment             ? 
_entity_src_gen.pdbx_gene_src_scientific_name      'Ralstonia solanacearum' 
_entity_src_gen.pdbx_gene_src_ncbi_taxonomy_id     305 
_entity_src_gen.pdbx_gene_src_variant              ? 
_entity_src_gen.pdbx_gene_src_cell_line            ? 
_entity_src_gen.pdbx_gene_src_atcc                 ? 
_entity_src_gen.pdbx_gene_src_organ                ? 
_entity_src_gen.pdbx_gene_src_organelle            ? 
_entity_src_gen.pdbx_gene_src_cell                 ? 
_entity_src_gen.pdbx_gene_src_cellular_location    ? 
_entity_src_gen.host_org_common_name               ? 
_entity_src_gen.pdbx_host_org_scientific_name      'Escherichia coli' 
_entity_src_gen.pdbx_host_org_ncbi_taxonomy_id     562 
_entity_src_gen.host_org_genus                     ? 
_entity_src_gen.pdbx_host_org_gene                 ? 
_entity_src_gen.pdbx_host_org_organ                ? 
_entity_src_gen.host_org_species                   ? 
_entity_src_gen.pdbx_host_org_tissue               ? 
_entity_src_gen.pdbx_host_org_tissue_fraction      ? 
_entity_src_gen.pdbx_host_org_strain               ? 
_entity_src_gen.pdbx_host_org_variant              ? 
_entity_src_gen.pdbx_host_org_cell_line            ? 
_entity_src_gen.pdbx_host_org_atcc                 ? 
_entity_src_gen.pdbx_host_org_culture_collection   ? 
_entity_src_gen.pdbx_host_org_cell                 ? 
_entity_src_gen.pdbx_host_org_organelle            ? 
_entity_src_gen.pdbx_host_org_cellular_location    ? 
_entity_src_gen.pdbx_host_org_vector_type          ? 
_entity_src_gen.pdbx_host_org_vector               ? 
_entity_src_gen.host_org_details                   ? 
_entity_src_gen.expression_system_id               ? 
_entity_src_gen.plasmid_name                       ? 
_entity_src_gen.plasmid_details                    ? 
_entity_src_gen.pdbx_description                   ? 
# 
loop_
_chem_comp.id 
_chem_comp.type 
_chem_comp.mon_nstd_flag 
_chem_comp.name 
_chem_comp.pdbx_synonyms 
_chem_comp.formula 
_chem_comp.formula_weight 
A1IZO non-polymer                  . 'sulfato-terphen[3]arene complex' ?                                       'C57 H42 O48 S12' 
1879.695 
ALA   'L-peptide linking'          y ALANINE                           ?                                       'C3 H7 N O2'      
89.093   
ARG   'L-peptide linking'          y ARGININE                          ?                                       'C6 H15 N4 O2 1'  
175.209  
ASN   'L-peptide linking'          y ASPARAGINE                        ?                                       'C4 H8 N2 O3'     
132.118  
ASP   'L-peptide linking'          y 'ASPARTIC ACID'                   ?                                       'C4 H7 N O4'      
133.103  
BDF   'D-saccharide, beta linking' . beta-D-fructopyranose             'beta-D-fructose; D-fructose; fructose' 'C6 H12 O6'       
180.156  
CYS   'L-peptide linking'          y CYSTEINE                          ?                                       'C3 H7 N O2 S'    
121.158  
GLN   'L-peptide linking'          y GLUTAMINE                         ?                                       'C5 H10 N2 O3'    
146.144  
GLU   'L-peptide linking'          y 'GLUTAMIC ACID'                   ?                                       'C5 H9 N O4'      
147.129  
GLY   'peptide linking'            y GLYCINE                           ?                                       'C2 H5 N O2'      
75.067   
HIS   'L-peptide linking'          y HISTIDINE                         ?                                       'C6 H10 N3 O2 1'  
156.162  
HOH   non-polymer                  . WATER                             ?                                       'H2 O'            
18.015   
ILE   'L-peptide linking'          y ISOLEUCINE                        ?                                       'C6 H13 N O2'     
131.173  
LEU   'L-peptide linking'          y LEUCINE                           ?                                       'C6 H13 N O2'     
131.173  
LYS   'L-peptide linking'          y LYSINE                            ?                                       'C6 H15 N2 O2 1'  
147.195  
MET   'L-peptide linking'          y METHIONINE                        ?                                       'C5 H11 N O2 S'   
149.211  
PHE   'L-peptide linking'          y PHENYLALANINE                     ?                                       'C9 H11 N O2'     
165.189  
PRO   'L-peptide linking'          y PROLINE                           ?                                       'C5 H9 N O2'      
115.130  
SER   'L-peptide linking'          y SERINE                            ?                                       'C3 H7 N O3'      
105.093  
THR   'L-peptide linking'          y THREONINE                         ?                                       'C4 H9 N O3'      
119.119  
TRP   'L-peptide linking'          y TRYPTOPHAN                        ?                                       'C11 H12 N2 O2'   
204.225  
TYR   'L-peptide linking'          y TYROSINE                          ?                                       'C9 H11 N O3'     
181.189  
VAL   'L-peptide linking'          y VALINE                            ?                                       'C5 H11 N O2'     
117.146  
# 
loop_
_pdbx_chem_comp_identifier.comp_id 
_pdbx_chem_comp_identifier.type 
_pdbx_chem_comp_identifier.program 
_pdbx_chem_comp_identifier.program_version 
_pdbx_chem_comp_identifier.identifier 
BDF 'CONDENSED IUPAC CARBOHYDRATE SYMBOL' GMML     1.0 DFrupb             
BDF 'COMMON NAME'                         GMML     1.0 b-D-fructopyranose 
BDF 'IUPAC CARBOHYDRATE SYMBOL'           PDB-CARE 1.0 b-D-Frup           
BDF 'SNFG CARBOHYDRATE SYMBOL'            GMML     1.0 Fru                
# 
loop_
_pdbx_poly_seq_scheme.asym_id 
_pdbx_poly_seq_scheme.entity_id 
_pdbx_poly_seq_scheme.seq_id 
_pdbx_poly_seq_scheme.mon_id 
_pdbx_poly_seq_scheme.ndb_seq_num 
_pdbx_poly_seq_scheme.pdb_seq_num 
_pdbx_poly_seq_scheme.auth_seq_num 
_pdbx_poly_seq_scheme.pdb_mon_id 
_pdbx_poly_seq_scheme.auth_mon_id 
_pdbx_poly_seq_scheme.pdb_strand_id 
_pdbx_poly_seq_scheme.pdb_ins_code 
_pdbx_poly_seq_scheme.hetero 
A 1 1  MET 1  0  0  MET MET A . n 
A 1 2  LYS 2  1  1  LYS LYS A . n 
A 1 3  SER 3  2  2  SER SER A . n 
A 1 4  VAL 4  3  3  VAL VAL A . n 
A 1 5  GLN 5  4  4  GLN GLN A . n 
A 1 6  THR 6  5  5  THR THR A . n 
A 1 7  ALA 7  6  6  ALA ALA A . n 
A 1 8  ALA 8  7  7  ALA ALA A . n 
A 1 9  THR 9  8  8  THR THR A . n 
A 1 10 SER 10 9  9  SER SER A . n 
A 1 11 TRP 11 10 10 TRP TRP A . n 
A 1 12 GLY 12 11 11 GLY GLY A . n 
A 1 13 THR 13 12 12 THR THR A . n 
A 1 14 VAL 14 13 13 VAL VAL A . n 
A 1 15 PRO 15 14 14 PRO PRO A . n 
A 1 16 SER 16 15 15 SER SER A . n 
A 1 17 ILE 17 16 16 ILE ILE A . n 
A 1 18 ARG 18 17 17 ARG ARG A . n 
A 1 19 VAL 19 18 18 VAL VAL A . n 
A 1 20 TYR 20 19 19 TYR TYR A . n 
A 1 21 THR 21 20 20 THR THR A . n 
A 1 22 ALA 22 21 21 ALA ALA A . n 
A 1 23 ASN 23 22 22 ASN ASN A . n 
A 1 24 ASN 24 23 23 ASN ASN A . n 
A 1 25 GLY 25 24 24 GLY GLY A . n 
A 1 26 LYS 26 25 25 LYS LYS A . n 
A 1 27 ILE 27 26 26 ILE ILE A . n 
A 1 28 THR 28 27 27 THR THR A . n 
A 1 29 GLU 29 28 28 GLU GLU A . n 
A 1 30 ARG 30 29 29 ARG ARG A . n 
A 1 31 CYS 31 30 30 CYS CYS A . n 
A 1 32 TRP 32 31 31 TRP TRP A . n 
A 1 33 ASP 33 32 32 ASP ASP A . n 
A 1 34 GLY 34 33 33 GLY GLY A . n 
A 1 35 LYS 35 34 34 LYS LYS A . n 
A 1 36 GLY 36 35 35 GLY GLY A . n 
A 1 37 TRP 37 36 36 TRP TRP A . n 
A 1 38 TYR 38 37 37 TYR TYR A . n 
A 1 39 THR 39 38 38 THR THR A . n 
A 1 40 GLY 40 39 39 GLY GLY A . n 
A 1 41 ALA 41 40 40 ALA ALA A . n 
A 1 42 PHE 42 41 41 PHE PHE A . n 
A 1 43 ASN 43 42 42 ASN ASN A . n 
A 1 44 GLU 44 43 43 GLU GLU A . n 
A 1 45 PRO 45 44 44 PRO PRO A . n 
A 1 46 GLY 46 45 45 GLY GLY A . n 
A 1 47 ASP 47 46 46 ASP ASP A . n 
A 1 48 ASN 48 47 47 ASN ASN A . n 
A 1 49 VAL 49 48 48 VAL VAL A . n 
A 1 50 SER 50 49 49 SER SER A . n 
A 1 51 VAL 51 50 50 VAL VAL A . n 
A 1 52 THR 52 51 51 THR THR A . n 
A 1 53 SER 53 52 52 SER SER A . n 
A 1 54 TRP 54 53 53 TRP TRP A . n 
A 1 55 LEU 55 54 54 LEU LEU A . n 
A 1 56 VAL 56 55 55 VAL VAL A . n 
A 1 57 GLY 57 56 56 GLY GLY A . n 
A 1 58 SER 58 57 57 SER SER A . n 
A 1 59 ALA 59 58 58 ALA ALA A . n 
A 1 60 ILE 60 59 59 ILE ILE A . n 
A 1 61 HIS 61 60 60 HIS HIS A . n 
A 1 62 ILE 62 61 61 ILE ILE A . n 
A 1 63 ARG 63 62 62 ARG ARG A . n 
A 1 64 VAL 64 63 63 VAL VAL A . n 
A 1 65 TYR 65 64 64 TYR TYR A . n 
A 1 66 ALA 66 65 65 ALA ALA A . n 
A 1 67 SER 67 66 66 SER SER A . n 
A 1 68 THR 68 67 67 THR THR A . n 
A 1 69 GLY 69 68 68 GLY GLY A . n 
A 1 70 THR 70 69 69 THR THR A . n 
A 1 71 THR 71 70 70 THR THR A . n 
A 1 72 THR 72 71 71 THR THR A . n 
A 1 73 THR 73 72 72 THR THR A . n 
A 1 74 GLU 74 73 73 GLU GLU A . n 
A 1 75 TRP 75 74 74 TRP TRP A . n 
A 1 76 CYS 76 75 75 CYS CYS A . n 
A 1 77 TRP 77 76 76 TRP TRP A . n 
A 1 78 ASP 78 77 77 ASP ASP A . n 
A 1 79 GLY 79 78 78 GLY GLY A . n 
A 1 80 ASN 80 79 79 ASN ASN A . n 
A 1 81 GLY 81 80 80 GLY GLY A . n 
A 1 82 TRP 82 81 81 TRP TRP A . n 
A 1 83 THR 83 82 82 THR THR A . n 
A 1 84 LYS 84 83 83 LYS LYS A . n 
A 1 85 GLY 85 84 84 GLY GLY A . n 
A 1 86 ALA 86 85 85 ALA ALA A . n 
A 1 87 TYR 87 86 86 TYR TYR A . n 
A 1 88 THR 88 87 87 THR THR A . n 
A 1 89 ALA 89 88 88 ALA ALA A . n 
A 1 90 THR 90 89 89 THR THR A . n 
A 1 91 ASN 91 90 90 ASN ASN A . n 
# 
_pdbx_entity_instance_feature.ordinal        1 
_pdbx_entity_instance_feature.comp_id        A1IZO 
_pdbx_entity_instance_feature.asym_id        ? 
_pdbx_entity_instance_feature.seq_num        ? 
_pdbx_entity_instance_feature.auth_comp_id   A1IZO 
_pdbx_entity_instance_feature.auth_asym_id   ? 
_pdbx_entity_instance_feature.auth_seq_num   ? 
_pdbx_entity_instance_feature.feature_type   'SUBJECT OF INVESTIGATION' 
_pdbx_entity_instance_feature.details        ? 
# 
loop_
_pdbx_nonpoly_scheme.asym_id 
_pdbx_nonpoly_scheme.entity_id 
_pdbx_nonpoly_scheme.mon_id 
_pdbx_nonpoly_scheme.ndb_seq_num 
_pdbx_nonpoly_scheme.pdb_seq_num 
_pdbx_nonpoly_scheme.auth_seq_num 
_pdbx_nonpoly_scheme.pdb_mon_id 
_pdbx_nonpoly_scheme.auth_mon_id 
_pdbx_nonpoly_scheme.pdb_strand_id 
_pdbx_nonpoly_scheme.pdb_ins_code 
B 2 A1IZO 1  101 101 A1IZO TP3 A . 
C 3 BDF   1  102 102 BDF   BDF A . 
D 3 BDF   1  103 103 BDF   BDF A . 
E 4 HOH   1  201 43  HOH   HOH A . 
E 4 HOH   2  202 70  HOH   HOH A . 
E 4 HOH   3  203 106 HOH   HOH A . 
E 4 HOH   4  204 56  HOH   HOH A . 
E 4 HOH   5  205 9   HOH   HOH A . 
E 4 HOH   6  206 14  HOH   HOH A . 
E 4 HOH   7  207 107 HOH   HOH A . 
E 4 HOH   8  208 64  HOH   HOH A . 
E 4 HOH   9  209 12  HOH   HOH A . 
E 4 HOH   10 210 95  HOH   HOH A . 
E 4 HOH   11 211 16  HOH   HOH A . 
E 4 HOH   12 212 54  HOH   HOH A . 
E 4 HOH   13 213 77  HOH   HOH A . 
E 4 HOH   14 214 2   HOH   HOH A . 
E 4 HOH   15 215 36  HOH   HOH A . 
E 4 HOH   16 216 48  HOH   HOH A . 
E 4 HOH   17 217 4   HOH   HOH A . 
E 4 HOH   18 218 105 HOH   HOH A . 
E 4 HOH   19 219 94  HOH   HOH A . 
E 4 HOH   20 220 79  HOH   HOH A . 
E 4 HOH   21 221 23  HOH   HOH A . 
E 4 HOH   22 222 33  HOH   HOH A . 
E 4 HOH   23 223 31  HOH   HOH A . 
E 4 HOH   24 224 7   HOH   HOH A . 
E 4 HOH   25 225 76  HOH   HOH A . 
E 4 HOH   26 226 34  HOH   HOH A . 
E 4 HOH   27 227 21  HOH   HOH A . 
E 4 HOH   28 228 82  HOH   HOH A . 
E 4 HOH   29 229 59  HOH   HOH A . 
E 4 HOH   30 230 55  HOH   HOH A . 
E 4 HOH   31 231 63  HOH   HOH A . 
E 4 HOH   32 232 6   HOH   HOH A . 
E 4 HOH   33 233 15  HOH   HOH A . 
E 4 HOH   34 234 30  HOH   HOH A . 
E 4 HOH   35 235 58  HOH   HOH A . 
E 4 HOH   36 236 20  HOH   HOH A . 
E 4 HOH   37 237 26  HOH   HOH A . 
E 4 HOH   38 238 32  HOH   HOH A . 
E 4 HOH   39 239 108 HOH   HOH A . 
E 4 HOH   40 240 38  HOH   HOH A . 
E 4 HOH   41 241 27  HOH   HOH A . 
E 4 HOH   42 242 18  HOH   HOH A . 
E 4 HOH   43 243 28  HOH   HOH A . 
E 4 HOH   44 244 19  HOH   HOH A . 
E 4 HOH   45 245 99  HOH   HOH A . 
E 4 HOH   46 246 5   HOH   HOH A . 
E 4 HOH   47 247 11  HOH   HOH A . 
E 4 HOH   48 248 40  HOH   HOH A . 
E 4 HOH   49 249 71  HOH   HOH A . 
E 4 HOH   50 250 80  HOH   HOH A . 
E 4 HOH   51 251 13  HOH   HOH A . 
E 4 HOH   52 252 29  HOH   HOH A . 
E 4 HOH   53 253 24  HOH   HOH A . 
E 4 HOH   54 254 52  HOH   HOH A . 
E 4 HOH   55 255 25  HOH   HOH A . 
E 4 HOH   56 256 75  HOH   HOH A . 
E 4 HOH   57 257 53  HOH   HOH A . 
E 4 HOH   58 258 10  HOH   HOH A . 
E 4 HOH   59 259 72  HOH   HOH A . 
E 4 HOH   60 260 65  HOH   HOH A . 
E 4 HOH   61 261 45  HOH   HOH A . 
E 4 HOH   62 262 97  HOH   HOH A . 
E 4 HOH   63 263 22  HOH   HOH A . 
E 4 HOH   64 264 41  HOH   HOH A . 
E 4 HOH   65 265 85  HOH   HOH A . 
E 4 HOH   66 266 3   HOH   HOH A . 
E 4 HOH   67 267 49  HOH   HOH A . 
E 4 HOH   68 268 81  HOH   HOH A . 
E 4 HOH   69 269 93  HOH   HOH A . 
E 4 HOH   70 270 8   HOH   HOH A . 
E 4 HOH   71 271 50  HOH   HOH A . 
E 4 HOH   72 272 100 HOH   HOH A . 
E 4 HOH   73 273 69  HOH   HOH A . 
E 4 HOH   74 274 101 HOH   HOH A . 
E 4 HOH   75 275 47  HOH   HOH A . 
E 4 HOH   76 276 68  HOH   HOH A . 
E 4 HOH   77 277 73  HOH   HOH A . 
E 4 HOH   78 278 39  HOH   HOH A . 
E 4 HOH   79 279 96  HOH   HOH A . 
E 4 HOH   80 280 60  HOH   HOH A . 
E 4 HOH   81 281 57  HOH   HOH A . 
E 4 HOH   82 282 46  HOH   HOH A . 
E 4 HOH   83 283 35  HOH   HOH A . 
E 4 HOH   84 284 37  HOH   HOH A . 
E 4 HOH   85 285 51  HOH   HOH A . 
# 
loop_
_pdbx_unobs_or_zero_occ_atoms.id 
_pdbx_unobs_or_zero_occ_atoms.PDB_model_num 
_pdbx_unobs_or_zero_occ_atoms.polymer_flag 
_pdbx_unobs_or_zero_occ_atoms.occupancy_flag 
_pdbx_unobs_or_zero_occ_atoms.auth_asym_id 
_pdbx_unobs_or_zero_occ_atoms.auth_comp_id 
_pdbx_unobs_or_zero_occ_atoms.auth_seq_id 
_pdbx_unobs_or_zero_occ_atoms.PDB_ins_code 
_pdbx_unobs_or_zero_occ_atoms.auth_atom_id 
_pdbx_unobs_or_zero_occ_atoms.label_alt_id 
_pdbx_unobs_or_zero_occ_atoms.label_asym_id 
_pdbx_unobs_or_zero_occ_atoms.label_comp_id 
_pdbx_unobs_or_zero_occ_atoms.label_seq_id 
_pdbx_unobs_or_zero_occ_atoms.label_atom_id 
1 1 Y 0 A LYS 1 ? CD ? A LYS 2 CD 
2 1 Y 0 A LYS 1 ? CE ? A LYS 2 CE 
3 1 Y 0 A LYS 1 ? NZ ? A LYS 2 NZ 
# 
loop_
_software.citation_id 
_software.classification 
_software.compiler_name 
_software.compiler_version 
_software.contact_author 
_software.contact_author_email 
_software.date 
_software.description 
_software.dependencies 
_software.hardware 
_software.language 
_software.location 
_software.mods 
_software.name 
_software.os 
_software.os_version 
_software.type 
_software.version 
_software.pdbx_ordinal 
? refinement        ? ? ? ? ? ? ? ? ? ? ? PHENIX   ? ? ? 1.20.1_4487 1 
? 'data reduction'  ? ? ? ? ? ? ? ? ? ? ? XDS      ? ? ? 1.20.1_4487 2 
? 'data scaling'    ? ? ? ? ? ? ? ? ? ? ? Aimless  ? ? ? .           3 
? phasing           ? ? ? ? ? ? ? ? ? ? ? PHASER   ? ? ? .           4 
? 'data processing' ? ? ? ? ? ? ? ? ? ? ? autoPROC ? ? ? .           5 
# 
_cell.angle_alpha                  90.000 
_cell.angle_alpha_esd              ? 
_cell.angle_beta                   90.000 
_cell.angle_beta_esd               ? 
_cell.angle_gamma                  120.000 
_cell.angle_gamma_esd              ? 
_cell.entry_id                     9I1N 
_cell.details                      ? 
_cell.formula_units_Z              ? 
_cell.length_a                     43.526 
_cell.length_a_esd                 ? 
_cell.length_b                     43.526 
_cell.length_b_esd                 ? 
_cell.length_c                     85.907 
_cell.length_c_esd                 ? 
_cell.volume                       140947.280 
_cell.volume_esd                   ? 
_cell.Z_PDB                        6 
_cell.reciprocal_angle_alpha       ? 
_cell.reciprocal_angle_beta        ? 
_cell.reciprocal_angle_gamma       ? 
_cell.reciprocal_angle_alpha_esd   ? 
_cell.reciprocal_angle_beta_esd    ? 
_cell.reciprocal_angle_gamma_esd   ? 
_cell.reciprocal_length_a          ? 
_cell.reciprocal_length_b          ? 
_cell.reciprocal_length_c          ? 
_cell.reciprocal_length_a_esd      ? 
_cell.reciprocal_length_b_esd      ? 
_cell.reciprocal_length_c_esd      ? 
_cell.pdbx_unique_axis             ? 
_cell.pdbx_esd_method              ? 
# 
_symmetry.entry_id                         9I1N 
_symmetry.cell_setting                     ? 
_symmetry.Int_Tables_number                173 
_symmetry.space_group_name_Hall            'P 6c' 
_symmetry.space_group_name_H-M             'P 63' 
_symmetry.pdbx_full_space_group_name_H-M   ? 
# 
_exptl.absorpt_coefficient_mu     ? 
_exptl.absorpt_correction_T_max   ? 
_exptl.absorpt_correction_T_min   ? 
_exptl.absorpt_correction_type    ? 
_exptl.absorpt_process_details    ? 
_exptl.entry_id                   9I1N 
_exptl.crystals_number            1 
_exptl.details                    ? 
_exptl.method                     'X-RAY DIFFRACTION' 
_exptl.method_details             ? 
# 
_exptl_crystal.colour                       ? 
_exptl_crystal.density_diffrn               ? 
_exptl_crystal.density_Matthews             1.99 
_exptl_crystal.density_method               ? 
_exptl_crystal.density_percent_sol          38.36 
_exptl_crystal.description                  ? 
_exptl_crystal.F_000                        ? 
_exptl_crystal.id                           1 
_exptl_crystal.preparation                  ? 
_exptl_crystal.size_max                     ? 
_exptl_crystal.size_mid                     ? 
_exptl_crystal.size_min                     ? 
_exptl_crystal.size_rad                     ? 
_exptl_crystal.colour_lustre                ? 
_exptl_crystal.colour_modifier              ? 
_exptl_crystal.colour_primary               ? 
_exptl_crystal.density_meas                 ? 
_exptl_crystal.density_meas_esd             ? 
_exptl_crystal.density_meas_gt              ? 
_exptl_crystal.density_meas_lt              ? 
_exptl_crystal.density_meas_temp            ? 
_exptl_crystal.density_meas_temp_esd        ? 
_exptl_crystal.density_meas_temp_gt         ? 
_exptl_crystal.density_meas_temp_lt         ? 
_exptl_crystal.pdbx_crystal_image_url       ? 
_exptl_crystal.pdbx_crystal_image_format    ? 
_exptl_crystal.pdbx_mosaicity               ? 
_exptl_crystal.pdbx_mosaicity_esd           ? 
_exptl_crystal.pdbx_mosaic_method           ? 
_exptl_crystal.pdbx_mosaic_block_size       ? 
_exptl_crystal.pdbx_mosaic_block_size_esd   ? 
# 
_exptl_crystal_grow.apparatus       ? 
_exptl_crystal_grow.atmosphere      ? 
_exptl_crystal_grow.crystal_id      1 
_exptl_crystal_grow.details         ? 
_exptl_crystal_grow.method          'VAPOR DIFFUSION, HANGING DROP' 
_exptl_crystal_grow.method_ref      ? 
_exptl_crystal_grow.pH              4 
_exptl_crystal_grow.pressure        ? 
_exptl_crystal_grow.pressure_esd    ? 
_exptl_crystal_grow.seeding         ? 
_exptl_crystal_grow.seeding_ref     ? 
_exptl_crystal_grow.temp_details    ? 
_exptl_crystal_grow.temp_esd        ? 
_exptl_crystal_grow.time            ? 
_exptl_crystal_grow.pdbx_details    '1.2 M tri-Sodium citrate pH 4.0' 
_exptl_crystal_grow.pdbx_pH_range   ? 
_exptl_crystal_grow.temp            293 
# 
_diffrn.ambient_environment              ? 
_diffrn.ambient_temp                     100 
_diffrn.ambient_temp_details             ? 
_diffrn.ambient_temp_esd                 ? 
_diffrn.crystal_id                       1 
_diffrn.crystal_support                  ? 
_diffrn.crystal_treatment                ? 
_diffrn.details                          ? 
_diffrn.id                               1 
_diffrn.ambient_pressure                 ? 
_diffrn.ambient_pressure_esd             ? 
_diffrn.ambient_pressure_gt              ? 
_diffrn.ambient_pressure_lt              ? 
_diffrn.ambient_temp_gt                  ? 
_diffrn.ambient_temp_lt                  ? 
_diffrn.pdbx_serial_crystal_experiment   N 
# 
_diffrn_detector.details                      ? 
_diffrn_detector.detector                     PIXEL 
_diffrn_detector.diffrn_id                    1 
_diffrn_detector.type                         'DECTRIS EIGER X 9M' 
_diffrn_detector.area_resol_mean              ? 
_diffrn_detector.dtime                        ? 
_diffrn_detector.pdbx_frames_total            ? 
_diffrn_detector.pdbx_collection_time_total   ? 
_diffrn_detector.pdbx_collection_date         2024-10-26 
_diffrn_detector.pdbx_frequency               ? 
_diffrn_detector.id                           ? 
_diffrn_detector.number_of_axes               ? 
# 
_diffrn_radiation.collimation                      ? 
_diffrn_radiation.diffrn_id                        1 
_diffrn_radiation.filter_edge                      ? 
_diffrn_radiation.inhomogeneity                    ? 
_diffrn_radiation.monochromator                    M 
_diffrn_radiation.polarisn_norm                    ? 
_diffrn_radiation.polarisn_ratio                   ? 
_diffrn_radiation.probe                            ? 
_diffrn_radiation.type                             ? 
_diffrn_radiation.xray_symbol                      ? 
_diffrn_radiation.wavelength_id                    1 
_diffrn_radiation.pdbx_monochromatic_or_laue_m_l   M 
_diffrn_radiation.pdbx_wavelength_list             ? 
_diffrn_radiation.pdbx_wavelength                  ? 
_diffrn_radiation.pdbx_diffrn_protocol             'SINGLE WAVELENGTH' 
_diffrn_radiation.pdbx_analyzer                    ? 
_diffrn_radiation.pdbx_scattering_type             x-ray 
# 
_diffrn_radiation_wavelength.id           1 
_diffrn_radiation_wavelength.wavelength   0.98 
_diffrn_radiation_wavelength.wt           1.0 
# 
_diffrn_source.current                     ? 
_diffrn_source.details                     ? 
_diffrn_source.diffrn_id                   1 
_diffrn_source.power                       ? 
_diffrn_source.size                        ? 
_diffrn_source.source                      SYNCHROTRON 
_diffrn_source.target                      ? 
_diffrn_source.type                        'SOLEIL BEAMLINE PROXIMA 2' 
_diffrn_source.voltage                     ? 
_diffrn_source.take-off_angle              ? 
_diffrn_source.pdbx_wavelength_list        0.98 
_diffrn_source.pdbx_wavelength             ? 
_diffrn_source.pdbx_synchrotron_beamline   'PROXIMA 2' 
_diffrn_source.pdbx_synchrotron_site       SOLEIL 
# 
_reflns.B_iso_Wilson_estimate                          15.12 
_reflns.entry_id                                       9I1N 
_reflns.data_reduction_details                         ? 
_reflns.data_reduction_method                          ? 
_reflns.d_resolution_high                              1.696 
_reflns.d_resolution_low                               37.695 
_reflns.details                                        ? 
_reflns.limit_h_max                                    ? 
_reflns.limit_h_min                                    ? 
_reflns.limit_k_max                                    ? 
_reflns.limit_k_min                                    ? 
_reflns.limit_l_max                                    ? 
_reflns.limit_l_min                                    ? 
_reflns.number_all                                     ? 
_reflns.number_obs                                     10257 
_reflns.observed_criterion                             ? 
_reflns.observed_criterion_F_max                       ? 
_reflns.observed_criterion_F_min                       ? 
_reflns.observed_criterion_I_max                       ? 
_reflns.observed_criterion_I_min                       ? 
_reflns.observed_criterion_sigma_F                     ? 
_reflns.observed_criterion_sigma_I                     ? 
_reflns.percent_possible_obs                           99.9 
_reflns.R_free_details                                 ? 
_reflns.Rmerge_F_all                                   ? 
_reflns.Rmerge_F_obs                                   ? 
_reflns.Friedel_coverage                               ? 
_reflns.number_gt                                      ? 
_reflns.threshold_expression                           ? 
_reflns.pdbx_redundancy                                18.9 
_reflns.pdbx_netI_over_av_sigmaI                       ? 
_reflns.pdbx_netI_over_sigmaI                          19.9 
_reflns.pdbx_res_netI_over_av_sigmaI_2                 ? 
_reflns.pdbx_res_netI_over_sigmaI_2                    ? 
_reflns.pdbx_chi_squared                               ? 
_reflns.pdbx_scaling_rejects                           ? 
_reflns.pdbx_d_res_high_opt                            ? 
_reflns.pdbx_d_res_low_opt                             ? 
_reflns.pdbx_d_res_opt_method                          ? 
_reflns.phase_calculation_details                      ? 
_reflns.pdbx_Rrim_I_all                                0.102 
_reflns.pdbx_Rpim_I_all                                0.023 
_reflns.pdbx_d_opt                                     ? 
_reflns.pdbx_number_measured_all                       ? 
_reflns.pdbx_diffrn_id                                 1 
_reflns.pdbx_ordinal                                   1 
_reflns.pdbx_CC_half                                   0.999 
_reflns.pdbx_CC_star                                   ? 
_reflns.pdbx_R_split                                   ? 
_reflns.pdbx_Rmerge_I_obs                              0.099 
_reflns.pdbx_Rmerge_I_all                              ? 
_reflns.pdbx_Rsym_value                                ? 
_reflns.pdbx_CC_split_method                           ? 
_reflns.pdbx_aniso_diffraction_limit_axis_1_ortho[1]   ? 
_reflns.pdbx_aniso_diffraction_limit_axis_1_ortho[2]   ? 
_reflns.pdbx_aniso_diffraction_limit_axis_1_ortho[3]   ? 
_reflns.pdbx_aniso_diffraction_limit_axis_2_ortho[1]   ? 
_reflns.pdbx_aniso_diffraction_limit_axis_2_ortho[2]   ? 
_reflns.pdbx_aniso_diffraction_limit_axis_2_ortho[3]   ? 
_reflns.pdbx_aniso_diffraction_limit_axis_3_ortho[1]   ? 
_reflns.pdbx_aniso_diffraction_limit_axis_3_ortho[2]   ? 
_reflns.pdbx_aniso_diffraction_limit_axis_3_ortho[3]   ? 
_reflns.pdbx_aniso_diffraction_limit_1                 ? 
_reflns.pdbx_aniso_diffraction_limit_2                 ? 
_reflns.pdbx_aniso_diffraction_limit_3                 ? 
_reflns.pdbx_aniso_B_tensor_eigenvector_1_ortho[1]     ? 
_reflns.pdbx_aniso_B_tensor_eigenvector_1_ortho[2]     ? 
_reflns.pdbx_aniso_B_tensor_eigenvector_1_ortho[3]     ? 
_reflns.pdbx_aniso_B_tensor_eigenvector_2_ortho[1]     ? 
_reflns.pdbx_aniso_B_tensor_eigenvector_2_ortho[2]     ? 
_reflns.pdbx_aniso_B_tensor_eigenvector_2_ortho[3]     ? 
_reflns.pdbx_aniso_B_tensor_eigenvector_3_ortho[1]     ? 
_reflns.pdbx_aniso_B_tensor_eigenvector_3_ortho[2]     ? 
_reflns.pdbx_aniso_B_tensor_eigenvector_3_ortho[3]     ? 
_reflns.pdbx_aniso_B_tensor_eigenvalue_1               ? 
_reflns.pdbx_aniso_B_tensor_eigenvalue_2               ? 
_reflns.pdbx_aniso_B_tensor_eigenvalue_3               ? 
_reflns.pdbx_orthogonalization_convention              ? 
_reflns.pdbx_percent_possible_ellipsoidal              ? 
_reflns.pdbx_percent_possible_spherical                ? 
_reflns.pdbx_percent_possible_ellipsoidal_anomalous    ? 
_reflns.pdbx_percent_possible_spherical_anomalous      ? 
_reflns.pdbx_redundancy_anomalous                      ? 
_reflns.pdbx_CC_half_anomalous                         ? 
_reflns.pdbx_absDiff_over_sigma_anomalous              ? 
_reflns.pdbx_percent_possible_anomalous                ? 
_reflns.pdbx_observed_signal_threshold                 ? 
_reflns.pdbx_signal_type                               ? 
_reflns.pdbx_signal_details                            ? 
_reflns.pdbx_signal_software_id                        ? 
# 
_reflns_shell.d_res_high                                    1.696 
_reflns_shell.d_res_low                                     1.725 
_reflns_shell.meanI_over_sigI_all                           ? 
_reflns_shell.meanI_over_sigI_obs                           2.9 
_reflns_shell.number_measured_all                           ? 
_reflns_shell.number_measured_obs                           ? 
_reflns_shell.number_possible                               ? 
_reflns_shell.number_unique_all                             ? 
_reflns_shell.number_unique_obs                             505 
_reflns_shell.percent_possible_obs                          ? 
_reflns_shell.Rmerge_F_all                                  ? 
_reflns_shell.Rmerge_F_obs                                  ? 
_reflns_shell.meanI_over_sigI_gt                            ? 
_reflns_shell.meanI_over_uI_all                             ? 
_reflns_shell.meanI_over_uI_gt                              ? 
_reflns_shell.number_measured_gt                            ? 
_reflns_shell.number_unique_gt                              ? 
_reflns_shell.percent_possible_gt                           ? 
_reflns_shell.Rmerge_F_gt                                   ? 
_reflns_shell.Rmerge_I_gt                                   ? 
_reflns_shell.pdbx_redundancy                               14.4 
_reflns_shell.pdbx_chi_squared                              ? 
_reflns_shell.pdbx_netI_over_sigmaI_all                     ? 
_reflns_shell.pdbx_netI_over_sigmaI_obs                     ? 
_reflns_shell.pdbx_Rrim_I_all                               0.810 
_reflns_shell.pdbx_Rpim_I_all                               0.205 
_reflns_shell.pdbx_rejects                                  ? 
_reflns_shell.pdbx_ordinal                                  1 
_reflns_shell.pdbx_diffrn_id                                1 
_reflns_shell.pdbx_CC_half                                  0.971 
_reflns_shell.pdbx_CC_star                                  ? 
_reflns_shell.pdbx_R_split                                  ? 
_reflns_shell.percent_possible_all                          98.2 
_reflns_shell.Rmerge_I_all                                  ? 
_reflns_shell.Rmerge_I_obs                                  0.782 
_reflns_shell.pdbx_Rsym_value                               ? 
_reflns_shell.pdbx_percent_possible_ellipsoidal             ? 
_reflns_shell.pdbx_percent_possible_spherical               ? 
_reflns_shell.pdbx_percent_possible_ellipsoidal_anomalous   ? 
_reflns_shell.pdbx_percent_possible_spherical_anomalous     ? 
_reflns_shell.pdbx_redundancy_anomalous                     ? 
_reflns_shell.pdbx_CC_half_anomalous                        ? 
_reflns_shell.pdbx_absDiff_over_sigma_anomalous             ? 
_reflns_shell.pdbx_percent_possible_anomalous               ? 
# 
_refine.aniso_B[1][1]                            ? 
_refine.aniso_B[1][2]                            ? 
_refine.aniso_B[1][3]                            ? 
_refine.aniso_B[2][2]                            ? 
_refine.aniso_B[2][3]                            ? 
_refine.aniso_B[3][3]                            ? 
_refine.B_iso_max                                ? 
_refine.B_iso_mean                               21.85 
_refine.B_iso_min                                ? 
_refine.correlation_coeff_Fo_to_Fc               ? 
_refine.correlation_coeff_Fo_to_Fc_free          ? 
_refine.details                                  ? 
_refine.diff_density_max                         ? 
_refine.diff_density_max_esd                     ? 
_refine.diff_density_min                         ? 
_refine.diff_density_min_esd                     ? 
_refine.diff_density_rms                         ? 
_refine.diff_density_rms_esd                     ? 
_refine.entry_id                                 9I1N 
_refine.pdbx_refine_id                           'X-RAY DIFFRACTION' 
_refine.ls_abs_structure_details                 ? 
_refine.ls_abs_structure_Flack                   ? 
_refine.ls_abs_structure_Flack_esd               ? 
_refine.ls_abs_structure_Rogers                  ? 
_refine.ls_abs_structure_Rogers_esd              ? 
_refine.ls_d_res_high                            1.70 
_refine.ls_d_res_low                             37.69 
_refine.ls_extinction_coef                       ? 
_refine.ls_extinction_coef_esd                   ? 
_refine.ls_extinction_expression                 ? 
_refine.ls_extinction_method                     ? 
_refine.ls_goodness_of_fit_all                   ? 
_refine.ls_goodness_of_fit_all_esd               ? 
_refine.ls_goodness_of_fit_obs                   ? 
_refine.ls_goodness_of_fit_obs_esd               ? 
_refine.ls_hydrogen_treatment                    ? 
_refine.ls_matrix_type                           ? 
_refine.ls_number_constraints                    ? 
_refine.ls_number_parameters                     ? 
_refine.ls_number_reflns_all                     ? 
_refine.ls_number_reflns_obs                     10217 
_refine.ls_number_reflns_R_free                  498 
_refine.ls_number_reflns_R_work                  9719 
_refine.ls_number_restraints                     ? 
_refine.ls_percent_reflns_obs                    99.51 
_refine.ls_percent_reflns_R_free                 4.87 
_refine.ls_R_factor_all                          ? 
_refine.ls_R_factor_obs                          0.1578 
_refine.ls_R_factor_R_free                       0.1925 
_refine.ls_R_factor_R_free_error                 ? 
_refine.ls_R_factor_R_free_error_details         ? 
_refine.ls_R_factor_R_work                       0.1562 
_refine.ls_R_Fsqd_factor_obs                     ? 
_refine.ls_R_I_factor_obs                        ? 
_refine.ls_redundancy_reflns_all                 ? 
_refine.ls_redundancy_reflns_obs                 ? 
_refine.ls_restrained_S_all                      ? 
_refine.ls_restrained_S_obs                      ? 
_refine.ls_shift_over_esd_max                    ? 
_refine.ls_shift_over_esd_mean                   ? 
_refine.ls_structure_factor_coef                 ? 
_refine.ls_weighting_details                     ? 
_refine.ls_weighting_scheme                      ? 
_refine.ls_wR_factor_all                         ? 
_refine.ls_wR_factor_obs                         ? 
_refine.ls_wR_factor_R_free                      ? 
_refine.ls_wR_factor_R_work                      ? 
_refine.occupancy_max                            ? 
_refine.occupancy_min                            ? 
_refine.solvent_model_details                    'FLAT BULK SOLVENT MODEL' 
_refine.solvent_model_param_bsol                 ? 
_refine.solvent_model_param_ksol                 ? 
_refine.pdbx_R_complete                          ? 
_refine.ls_R_factor_gt                           ? 
_refine.ls_goodness_of_fit_gt                    ? 
_refine.ls_goodness_of_fit_ref                   ? 
_refine.ls_shift_over_su_max                     ? 
_refine.ls_shift_over_su_max_lt                  ? 
_refine.ls_shift_over_su_mean                    ? 
_refine.ls_shift_over_su_mean_lt                 ? 
_refine.pdbx_ls_sigma_I                          ? 
_refine.pdbx_ls_sigma_F                          1.36 
_refine.pdbx_ls_sigma_Fsqd                       ? 
_refine.pdbx_data_cutoff_high_absF               ? 
_refine.pdbx_data_cutoff_high_rms_absF           ? 
_refine.pdbx_data_cutoff_low_absF                ? 
_refine.pdbx_isotropic_thermal_model             ? 
_refine.pdbx_ls_cross_valid_method               'FREE R-VALUE' 
_refine.pdbx_method_to_determine_struct          'MOLECULAR REPLACEMENT' 
_refine.pdbx_starting_model                      ? 
_refine.pdbx_stereochemistry_target_values       'GeoStd + Monomer Library + CDL v1.2' 
_refine.pdbx_R_Free_selection_details            ? 
_refine.pdbx_stereochem_target_val_spec_case     ? 
_refine.pdbx_overall_ESU_R                       ? 
_refine.pdbx_overall_ESU_R_Free                  ? 
_refine.pdbx_solvent_vdw_probe_radii             1.1000 
_refine.pdbx_solvent_ion_probe_radii             ? 
_refine.pdbx_solvent_shrinkage_radii             0.9000 
_refine.pdbx_real_space_R                        ? 
_refine.pdbx_density_correlation                 ? 
_refine.pdbx_pd_number_of_powder_patterns        ? 
_refine.pdbx_pd_number_of_points                 ? 
_refine.pdbx_pd_meas_number_of_points            ? 
_refine.pdbx_pd_proc_ls_prof_R_factor            ? 
_refine.pdbx_pd_proc_ls_prof_wR_factor           ? 
_refine.pdbx_pd_Marquardt_correlation_coeff      ? 
_refine.pdbx_pd_Fsqrd_R_factor                   ? 
_refine.pdbx_pd_ls_matrix_band_width             ? 
_refine.pdbx_overall_phase_error                 22.1160 
_refine.pdbx_overall_SU_R_free_Cruickshank_DPI   ? 
_refine.pdbx_overall_SU_R_free_Blow_DPI          ? 
_refine.pdbx_overall_SU_R_Blow_DPI               ? 
_refine.pdbx_TLS_residual_ADP_flag               ? 
_refine.pdbx_diffrn_id                           1 
_refine.overall_SU_B                             ? 
_refine.overall_SU_ML                            0.1382 
_refine.overall_SU_R_Cruickshank_DPI             ? 
_refine.overall_SU_R_free                        ? 
_refine.overall_FOM_free_R_set                   ? 
_refine.overall_FOM_work_R_set                   ? 
_refine.pdbx_average_fsc_overall                 ? 
_refine.pdbx_average_fsc_work                    ? 
_refine.pdbx_average_fsc_free                    ? 
# 
_refine_hist.pdbx_refine_id                   'X-RAY DIFFRACTION' 
_refine_hist.cycle_id                         LAST 
_refine_hist.details                          ? 
_refine_hist.d_res_high                       1.70 
_refine_hist.d_res_low                        37.69 
_refine_hist.number_atoms_solvent             85 
_refine_hist.number_atoms_total               924 
_refine_hist.number_reflns_all                ? 
_refine_hist.number_reflns_obs                ? 
_refine_hist.number_reflns_R_free             ? 
_refine_hist.number_reflns_R_work             ? 
_refine_hist.R_factor_all                     ? 
_refine_hist.R_factor_obs                     ? 
_refine_hist.R_factor_R_free                  ? 
_refine_hist.R_factor_R_work                  ? 
_refine_hist.pdbx_number_residues_total       ? 
_refine_hist.pdbx_B_iso_mean_ligand           ? 
_refine_hist.pdbx_B_iso_mean_solvent          ? 
_refine_hist.pdbx_number_atoms_protein        698 
_refine_hist.pdbx_number_atoms_nucleic_acid   0 
_refine_hist.pdbx_number_atoms_ligand         141 
_refine_hist.pdbx_number_atoms_lipid          ? 
_refine_hist.pdbx_number_atoms_carb           ? 
_refine_hist.pdbx_pseudo_atom_details         ? 
# 
loop_
_refine_ls_restr.pdbx_refine_id 
_refine_ls_restr.criterion 
_refine_ls_restr.dev_ideal 
_refine_ls_restr.dev_ideal_target 
_refine_ls_restr.number 
_refine_ls_restr.rejects 
_refine_ls_restr.type 
_refine_ls_restr.weight 
_refine_ls_restr.pdbx_restraint_function 
'X-RAY DIFFRACTION' ? 0.0186  ? 886  ? f_bond_d           ? ? 
'X-RAY DIFFRACTION' ? 1.3240  ? 1251 ? f_angle_d          ? ? 
'X-RAY DIFFRACTION' ? 0.0732  ? 118  ? f_chiral_restr     ? ? 
'X-RAY DIFFRACTION' ? 0.0108  ? 135  ? f_plane_restr      ? ? 
'X-RAY DIFFRACTION' ? 21.6085 ? 129  ? f_dihedral_angle_d ? ? 
# 
loop_
_refine_ls_shell.pdbx_refine_id 
_refine_ls_shell.d_res_high 
_refine_ls_shell.d_res_low 
_refine_ls_shell.number_reflns_all 
_refine_ls_shell.number_reflns_obs 
_refine_ls_shell.number_reflns_R_free 
_refine_ls_shell.number_reflns_R_work 
_refine_ls_shell.percent_reflns_obs 
_refine_ls_shell.percent_reflns_R_free 
_refine_ls_shell.R_factor_all 
_refine_ls_shell.R_factor_obs 
_refine_ls_shell.R_factor_R_free_error 
_refine_ls_shell.R_factor_R_work 
_refine_ls_shell.redundancy_reflns_all 
_refine_ls_shell.redundancy_reflns_obs 
_refine_ls_shell.wR_factor_all 
_refine_ls_shell.wR_factor_obs 
_refine_ls_shell.wR_factor_R_free 
_refine_ls_shell.wR_factor_R_work 
_refine_ls_shell.pdbx_R_complete 
_refine_ls_shell.pdbx_total_number_of_bins_used 
_refine_ls_shell.pdbx_phase_error 
_refine_ls_shell.pdbx_fsc_work 
_refine_ls_shell.pdbx_fsc_free 
_refine_ls_shell.R_factor_R_free 
'X-RAY DIFFRACTION' 1.70 1.87  . . 127 2399 98.75 . . . . 0.2043 . . . . . . . . . . . 0.2791 
'X-RAY DIFFRACTION' 1.87 2.14  . . 136 2409 99.73 . . . . 0.1521 . . . . . . . . . . . 0.1729 
'X-RAY DIFFRACTION' 2.14 2.69  . . 138 2424 99.73 . . . . 0.1769 . . . . . . . . . . . 0.2282 
'X-RAY DIFFRACTION' 2.69 37.69 . . 97  2487 99.85 . . . . 0.1379 . . . . . . . . . . . 0.1583 
# 
_struct.entry_id                     9I1N 
_struct.title                        'The MK-RSL - sulfato-terphen[3]arene complex, P63 form, citrate pH 4.0' 
_struct.pdbx_model_details           ? 
_struct.pdbx_formula_weight          ? 
_struct.pdbx_formula_weight_method   ? 
_struct.pdbx_model_type_details      ? 
_struct.pdbx_CASP_flag               N 
# 
_struct_keywords.entry_id        9I1N 
_struct_keywords.text            'Beta-propeller, Enzyme, Lectin, Fucose-binding, SUGAR BINDING PROTEIN' 
_struct_keywords.pdbx_keywords   'SUGAR BINDING PROTEIN' 
# 
loop_
_struct_asym.id 
_struct_asym.pdbx_blank_PDB_chainid_flag 
_struct_asym.pdbx_modified 
_struct_asym.entity_id 
_struct_asym.details 
A N N 1 ? 
B N N 2 ? 
C N N 3 ? 
D N N 3 ? 
E N N 4 ? 
# 
_struct_ref.id                         1 
_struct_ref.db_name                    UNP 
_struct_ref.db_code                    A0A0S4TLR1_RALSL 
_struct_ref.pdbx_db_accession          A0A0S4TLR1 
_struct_ref.pdbx_db_isoform            ? 
_struct_ref.entity_id                  1 
_struct_ref.pdbx_seq_one_letter_code   
;MSSVQTAATSWGTVPSIRVYTANNGKITERCWDGKGWYTGAFNEPGDNVSVTSWLVGSAIHIRVYASTGTTTTEWCWDGN
GWTKGAYTATN
;
_struct_ref.pdbx_align_begin           1 
# 
_struct_ref_seq.align_id                      1 
_struct_ref_seq.ref_id                        1 
_struct_ref_seq.pdbx_PDB_id_code              9I1N 
_struct_ref_seq.pdbx_strand_id                A 
_struct_ref_seq.seq_align_beg                 1 
_struct_ref_seq.pdbx_seq_align_beg_ins_code   ? 
_struct_ref_seq.seq_align_end                 91 
_struct_ref_seq.pdbx_seq_align_end_ins_code   ? 
_struct_ref_seq.pdbx_db_accession             A0A0S4TLR1 
_struct_ref_seq.db_align_beg                  1 
_struct_ref_seq.pdbx_db_align_beg_ins_code    ? 
_struct_ref_seq.db_align_end                  91 
_struct_ref_seq.pdbx_db_align_end_ins_code    ? 
_struct_ref_seq.pdbx_auth_seq_align_beg       0 
_struct_ref_seq.pdbx_auth_seq_align_end       90 
# 
_struct_ref_seq_dif.align_id                     1 
_struct_ref_seq_dif.pdbx_pdb_id_code             9I1N 
_struct_ref_seq_dif.mon_id                       LYS 
_struct_ref_seq_dif.pdbx_pdb_strand_id           A 
_struct_ref_seq_dif.seq_num                      2 
_struct_ref_seq_dif.pdbx_pdb_ins_code            ? 
_struct_ref_seq_dif.pdbx_seq_db_name             UNP 
_struct_ref_seq_dif.pdbx_seq_db_accession_code   A0A0S4TLR1 
_struct_ref_seq_dif.db_mon_id                    SER 
_struct_ref_seq_dif.pdbx_seq_db_seq_num          2 
_struct_ref_seq_dif.details                      'engineered mutation' 
_struct_ref_seq_dif.pdbx_auth_seq_num            1 
_struct_ref_seq_dif.pdbx_ordinal                 1 
# 
_pdbx_struct_assembly.id                   1 
_pdbx_struct_assembly.details              author_defined_assembly 
_pdbx_struct_assembly.method_details       ? 
_pdbx_struct_assembly.oligomeric_details   trimeric 
_pdbx_struct_assembly.oligomeric_count     3 
# 
loop_
_pdbx_struct_assembly_prop.biol_id 
_pdbx_struct_assembly_prop.type 
_pdbx_struct_assembly_prop.value 
_pdbx_struct_assembly_prop.details 
1 'ABSA (A^2)' 7700  ? 
1 MORE         -15   ? 
1 'SSA (A^2)'  15180 ? 
# 
_pdbx_struct_assembly_gen.assembly_id       1 
_pdbx_struct_assembly_gen.oper_expression   1,2,3 
_pdbx_struct_assembly_gen.asym_id_list      A,B,C,D,E 
# 
_pdbx_struct_assembly_auth_evidence.id                     1 
_pdbx_struct_assembly_auth_evidence.assembly_id            1 
_pdbx_struct_assembly_auth_evidence.experimental_support   none 
_pdbx_struct_assembly_auth_evidence.details                ? 
# 
loop_
_pdbx_struct_oper_list.id 
_pdbx_struct_oper_list.type 
_pdbx_struct_oper_list.name 
_pdbx_struct_oper_list.symmetry_operation 
_pdbx_struct_oper_list.matrix[1][1] 
_pdbx_struct_oper_list.matrix[1][2] 
_pdbx_struct_oper_list.matrix[1][3] 
_pdbx_struct_oper_list.vector[1] 
_pdbx_struct_oper_list.matrix[2][1] 
_pdbx_struct_oper_list.matrix[2][2] 
_pdbx_struct_oper_list.matrix[2][3] 
_pdbx_struct_oper_list.vector[2] 
_pdbx_struct_oper_list.matrix[3][1] 
_pdbx_struct_oper_list.matrix[3][2] 
_pdbx_struct_oper_list.matrix[3][3] 
_pdbx_struct_oper_list.vector[3] 
1 'identity operation'         1_555 x,y,z        1.0000000000  0.0000000000  0.0000000000  0.0000000000   0.0000000000  1.0000000000  0.0000000000  0.0000000000  0.0000000000  0.0000000000  1.0000000000 0.0000000000  
2 'crystal symmetry operation' 2_665 -y+1,x-y+1,z -0.4550027124 -0.5747487949 -0.6801737679 6.0072171566   0.8542395565  -0.0660011418 -0.5156729869 13.7817828933 0.2514901825  -0.8156639456 0.5210038541 10.2464803954 
3 'crystal symmetry operation' 3_565 -x+y,-x+1,z  -0.4550027124 0.8542395565  0.2514901825  -11.6165332304 -0.5747487949 -0.0660011418 -0.8156639456 12.7199388552 -0.6801737679 -0.5156729869 0.5210038541 5.8543889004 
# 
_struct_mon_prot_cis.pdbx_id                1 
_struct_mon_prot_cis.label_comp_id          VAL 
_struct_mon_prot_cis.label_seq_id           14 
_struct_mon_prot_cis.label_asym_id          A 
_struct_mon_prot_cis.label_alt_id           . 
_struct_mon_prot_cis.pdbx_PDB_ins_code      ? 
_struct_mon_prot_cis.auth_comp_id           VAL 
_struct_mon_prot_cis.auth_seq_id            13 
_struct_mon_prot_cis.auth_asym_id           A 
_struct_mon_prot_cis.pdbx_label_comp_id_2   PRO 
_struct_mon_prot_cis.pdbx_label_seq_id_2    15 
_struct_mon_prot_cis.pdbx_label_asym_id_2   A 
_struct_mon_prot_cis.pdbx_PDB_ins_code_2    ? 
_struct_mon_prot_cis.pdbx_auth_comp_id_2    PRO 
_struct_mon_prot_cis.pdbx_auth_seq_id_2     14 
_struct_mon_prot_cis.pdbx_auth_asym_id_2    A 
_struct_mon_prot_cis.pdbx_PDB_model_num     1 
_struct_mon_prot_cis.pdbx_omega_angle       -1.77 
# 
loop_
_struct_sheet.id 
_struct_sheet.type 
_struct_sheet.number_strands 
_struct_sheet.details 
AA1 ? 4 ? 
AA2 ? 4 ? 
# 
loop_
_struct_sheet_order.sheet_id 
_struct_sheet_order.range_id_1 
_struct_sheet_order.range_id_2 
_struct_sheet_order.offset 
_struct_sheet_order.sense 
AA1 1 2 ? anti-parallel 
AA1 2 3 ? anti-parallel 
AA1 3 4 ? anti-parallel 
AA2 1 2 ? anti-parallel 
AA2 2 3 ? anti-parallel 
AA2 3 4 ? anti-parallel 
# 
loop_
_struct_sheet_range.sheet_id 
_struct_sheet_range.id 
_struct_sheet_range.beg_label_comp_id 
_struct_sheet_range.beg_label_asym_id 
_struct_sheet_range.beg_label_seq_id 
_struct_sheet_range.pdbx_beg_PDB_ins_code 
_struct_sheet_range.end_label_comp_id 
_struct_sheet_range.end_label_asym_id 
_struct_sheet_range.end_label_seq_id 
_struct_sheet_range.pdbx_end_PDB_ins_code 
_struct_sheet_range.beg_auth_comp_id 
_struct_sheet_range.beg_auth_asym_id 
_struct_sheet_range.beg_auth_seq_id 
_struct_sheet_range.end_auth_comp_id 
_struct_sheet_range.end_auth_asym_id 
_struct_sheet_range.end_auth_seq_id 
AA1 1 GLN A 5  ? TRP A 11 ? GLN A 4  TRP A 10 
AA1 2 SER A 16 ? ASN A 23 ? SER A 15 ASN A 22 
AA1 3 LYS A 26 ? TRP A 32 ? LYS A 25 TRP A 31 
AA1 4 TRP A 37 ? PRO A 45 ? TRP A 36 PRO A 44 
AA2 1 ASN A 48 ? VAL A 56 ? ASN A 47 VAL A 55 
AA2 2 ALA A 59 ? THR A 68 ? ALA A 58 THR A 67 
AA2 3 THR A 71 ? TRP A 77 ? THR A 70 TRP A 76 
AA2 4 TRP A 82 ? LYS A 84 ? TRP A 81 LYS A 83 
# 
loop_
_pdbx_struct_sheet_hbond.sheet_id 
_pdbx_struct_sheet_hbond.range_id_1 
_pdbx_struct_sheet_hbond.range_id_2 
_pdbx_struct_sheet_hbond.range_1_label_atom_id 
_pdbx_struct_sheet_hbond.range_1_label_comp_id 
_pdbx_struct_sheet_hbond.range_1_label_asym_id 
_pdbx_struct_sheet_hbond.range_1_label_seq_id 
_pdbx_struct_sheet_hbond.range_1_PDB_ins_code 
_pdbx_struct_sheet_hbond.range_1_auth_atom_id 
_pdbx_struct_sheet_hbond.range_1_auth_comp_id 
_pdbx_struct_sheet_hbond.range_1_auth_asym_id 
_pdbx_struct_sheet_hbond.range_1_auth_seq_id 
_pdbx_struct_sheet_hbond.range_2_label_atom_id 
_pdbx_struct_sheet_hbond.range_2_label_comp_id 
_pdbx_struct_sheet_hbond.range_2_label_asym_id 
_pdbx_struct_sheet_hbond.range_2_label_seq_id 
_pdbx_struct_sheet_hbond.range_2_PDB_ins_code 
_pdbx_struct_sheet_hbond.range_2_auth_atom_id 
_pdbx_struct_sheet_hbond.range_2_auth_comp_id 
_pdbx_struct_sheet_hbond.range_2_auth_asym_id 
_pdbx_struct_sheet_hbond.range_2_auth_seq_id 
AA1 1 2 N GLN A 5  ? N GLN A 4  O ALA A 22 ? O ALA A 21 
AA1 2 3 N ASN A 23 ? N ASN A 22 O LYS A 26 ? O LYS A 25 
AA1 3 4 N ILE A 27 ? N ILE A 26 O GLU A 44 ? O GLU A 43 
AA2 1 2 N THR A 52 ? N THR A 51 O ARG A 63 ? O ARG A 62 
AA2 2 3 N ALA A 66 ? N ALA A 65 O THR A 73 ? O THR A 72 
AA2 3 4 N CYS A 76 ? N CYS A 75 O THR A 83 ? O THR A 82 
# 
_pdbx_entry_details.entry_id                   9I1N 
_pdbx_entry_details.nonpolymer_details         ? 
_pdbx_entry_details.sequence_details           ? 
_pdbx_entry_details.compound_details           ? 
_pdbx_entry_details.source_details             ? 
_pdbx_entry_details.has_ligand_of_interest     Y 
_pdbx_entry_details.has_protein_modification   N 
# 
loop_
_pdbx_validate_torsion.id 
_pdbx_validate_torsion.PDB_model_num 
_pdbx_validate_torsion.auth_comp_id 
_pdbx_validate_torsion.auth_asym_id 
_pdbx_validate_torsion.auth_seq_id 
_pdbx_validate_torsion.PDB_ins_code 
_pdbx_validate_torsion.label_alt_id 
_pdbx_validate_torsion.phi 
_pdbx_validate_torsion.psi 
1 1 ASP A 32 ? ? -151.83 42.26  
2 1 LYS A 34 ? ? -121.50 -93.95 
3 1 ASN A 79 ? ? -147.35 42.48  
# 
loop_
_pdbx_struct_special_symmetry.id 
_pdbx_struct_special_symmetry.PDB_model_num 
_pdbx_struct_special_symmetry.auth_asym_id 
_pdbx_struct_special_symmetry.auth_comp_id 
_pdbx_struct_special_symmetry.auth_seq_id 
_pdbx_struct_special_symmetry.PDB_ins_code 
_pdbx_struct_special_symmetry.label_asym_id 
_pdbx_struct_special_symmetry.label_comp_id 
_pdbx_struct_special_symmetry.label_seq_id 
1 1 A HOH 210 ? E HOH . 
2 1 A HOH 270 ? E HOH . 
# 
loop_
_space_group_symop.id 
_space_group_symop.operation_xyz 
1 x,y,z        
2 x-y,x,z+1/2  
3 y,-x+y,z+1/2 
4 -y,x-y,z     
5 -x+y,-x,z    
6 -x,-y,z+1/2  
# 
_pdbx_unobs_or_zero_occ_residues.id               1 
_pdbx_unobs_or_zero_occ_residues.PDB_model_num    1 
_pdbx_unobs_or_zero_occ_residues.polymer_flag     Y 
_pdbx_unobs_or_zero_occ_residues.occupancy_flag   0 
_pdbx_unobs_or_zero_occ_residues.auth_asym_id     A 
_pdbx_unobs_or_zero_occ_residues.auth_comp_id     ASN 
_pdbx_unobs_or_zero_occ_residues.auth_seq_id      90 
_pdbx_unobs_or_zero_occ_residues.PDB_ins_code     ? 
_pdbx_unobs_or_zero_occ_residues.label_asym_id    A 
_pdbx_unobs_or_zero_occ_residues.label_comp_id    ASN 
_pdbx_unobs_or_zero_occ_residues.label_seq_id     91 
# 
loop_
_chem_comp_atom.comp_id 
_chem_comp_atom.atom_id 
_chem_comp_atom.type_symbol 
_chem_comp_atom.pdbx_aromatic_flag 
_chem_comp_atom.pdbx_stereo_config 
_chem_comp_atom.pdbx_ordinal 
A1IZO C10  C Y N 1   
A1IZO C13  C Y N 2   
A1IZO C14  C Y N 3   
A1IZO C15  C Y N 4   
A1IZO C16  C Y N 5   
A1IZO C17  C Y N 6   
A1IZO C18  C Y N 7   
A1IZO C20  C N N 8   
A1IZO C21  C Y N 9   
A1IZO C22  C Y N 10  
A1IZO C23  C Y N 11  
A1IZO C25  C Y N 12  
A1IZO C01  C Y N 13  
A1IZO C02  C Y N 14  
A1IZO C03  C Y N 15  
A1IZO C04  C Y N 16  
A1IZO C05  C Y N 17  
A1IZO C06  C Y N 18  
A1IZO C07  C Y N 19  
A1IZO C08  C Y N 20  
A1IZO C09  C Y N 21  
A1IZO C11  C Y N 22  
A1IZO C12  C Y N 23  
A1IZO C19  C N N 24  
A1IZO C24  C Y N 25  
A1IZO C26  C Y N 26  
A1IZO C27  C Y N 27  
A1IZO C28  C Y N 28  
A1IZO C29  C Y N 29  
A1IZO C30  C Y N 30  
A1IZO C31  C Y N 31  
A1IZO C32  C Y N 32  
A1IZO C33  C Y N 33  
A1IZO C34  C Y N 34  
A1IZO C35  C Y N 35  
A1IZO C36  C Y N 36  
A1IZO C37  C Y N 37  
A1IZO C38  C Y N 38  
A1IZO C39  C Y N 39  
A1IZO C40  C Y N 40  
A1IZO C41  C Y N 41  
A1IZO C42  C Y N 42  
A1IZO C43  C Y N 43  
A1IZO C44  C Y N 44  
A1IZO C45  C Y N 45  
A1IZO C46  C Y N 46  
A1IZO C47  C Y N 47  
A1IZO C48  C Y N 48  
A1IZO C49  C Y N 49  
A1IZO C50  C Y N 50  
A1IZO C51  C Y N 51  
A1IZO C52  C Y N 52  
A1IZO C53  C Y N 53  
A1IZO C54  C Y N 54  
A1IZO C55  C Y N 55  
A1IZO C56  C Y N 56  
A1IZO C57  C N N 57  
A1IZO O58  O N N 58  
A1IZO O60  O N N 59  
A1IZO O61  O N N 60  
A1IZO O62  O N N 61  
A1IZO O63  O N N 62  
A1IZO O65  O N N 63  
A1IZO O66  O N N 64  
A1IZO O67  O N N 65  
A1IZO O68  O N N 66  
A1IZO O70  O N N 67  
A1IZO O71  O N N 68  
A1IZO O72  O N N 69  
A1IZO O73  O N N 70  
A1IZO O75  O N N 71  
A1IZO O76  O N N 72  
A1IZO O77  O N N 73  
A1IZO O78  O N N 74  
A1IZO O80  O N N 75  
A1IZO O81  O N N 76  
A1IZO O82  O N N 77  
A1IZO O83  O N N 78  
A1IZO O85  O N N 79  
A1IZO O86  O N N 80  
A1IZO O87  O N N 81  
A1IZO O88  O N N 82  
A1IZO O90  O N N 83  
A1IZO O91  O N N 84  
A1IZO O92  O N N 85  
A1IZO O93  O N N 86  
A1IZO O95  O N N 87  
A1IZO O96  O N N 88  
A1IZO O97  O N N 89  
A1IZO O98  O N N 90  
A1IZO OA0  O N N 91  
A1IZO OA1  O N N 92  
A1IZO OA2  O N N 93  
A1IZO OA3  O N N 94  
A1IZO OA5  O N N 95  
A1IZO OA6  O N N 96  
A1IZO OA7  O N N 97  
A1IZO OA8  O N N 98  
A1IZO OAA  O N N 99  
A1IZO OAB  O N N 100 
A1IZO OAC  O N N 101 
A1IZO OAD  O N N 102 
A1IZO OAF  O N N 103 
A1IZO OAG  O N N 104 
A1IZO OAH  O N N 105 
A1IZO S59  S N N 106 
A1IZO S64  S N N 107 
A1IZO S69  S N N 108 
A1IZO S74  S N N 109 
A1IZO S79  S N N 110 
A1IZO S84  S N N 111 
A1IZO S89  S N N 112 
A1IZO S94  S N N 113 
A1IZO S99  S N N 114 
A1IZO SA4  S N N 115 
A1IZO SA9  S N N 116 
A1IZO SAE  S N N 117 
A1IZO H151 H N N 118 
A1IZO H181 H N N 119 
A1IZO H202 H N N 120 
A1IZO H201 H N N 121 
A1IZO H231 H N N 122 
A1IZO H031 H N N 123 
A1IZO H061 H N N 124 
A1IZO H081 H N N 125 
A1IZO H091 H N N 126 
A1IZO H111 H N N 127 
A1IZO H121 H N N 128 
A1IZO H192 H N N 129 
A1IZO H191 H N N 130 
A1IZO H261 H N N 131 
A1IZO H291 H N N 132 
A1IZO H321 H N N 133 
A1IZO H351 H N N 134 
A1IZO H361 H N N 135 
A1IZO H381 H N N 136 
A1IZO H391 H N N 137 
A1IZO H401 H N N 138 
A1IZO H411 H N N 139 
A1IZO H431 H N N 140 
A1IZO H441 H N N 141 
A1IZO H471 H N N 142 
A1IZO H501 H N N 143 
A1IZO H531 H N N 144 
A1IZO H561 H N N 145 
A1IZO H571 H N N 146 
A1IZO H572 H N N 147 
A1IZO H1   H N N 148 
A1IZO H2   H N N 149 
A1IZO H3   H N N 150 
A1IZO H4   H N N 151 
A1IZO H5   H N N 152 
A1IZO H6   H N N 153 
A1IZO H7   H N N 154 
A1IZO H8   H N N 155 
A1IZO H9   H N N 156 
A1IZO H10  H N N 157 
A1IZO H11  H N N 158 
A1IZO H12  H N N 159 
ALA   N    N N N 160 
ALA   CA   C N S 161 
ALA   C    C N N 162 
ALA   O    O N N 163 
ALA   CB   C N N 164 
ALA   OXT  O N N 165 
ALA   H    H N N 166 
ALA   H2   H N N 167 
ALA   HA   H N N 168 
ALA   HB1  H N N 169 
ALA   HB2  H N N 170 
ALA   HB3  H N N 171 
ALA   HXT  H N N 172 
ARG   N    N N N 173 
ARG   CA   C N S 174 
ARG   C    C N N 175 
ARG   O    O N N 176 
ARG   CB   C N N 177 
ARG   CG   C N N 178 
ARG   CD   C N N 179 
ARG   NE   N N N 180 
ARG   CZ   C N N 181 
ARG   NH1  N N N 182 
ARG   NH2  N N N 183 
ARG   OXT  O N N 184 
ARG   H    H N N 185 
ARG   H2   H N N 186 
ARG   HA   H N N 187 
ARG   HB2  H N N 188 
ARG   HB3  H N N 189 
ARG   HG2  H N N 190 
ARG   HG3  H N N 191 
ARG   HD2  H N N 192 
ARG   HD3  H N N 193 
ARG   HE   H N N 194 
ARG   HH11 H N N 195 
ARG   HH12 H N N 196 
ARG   HH21 H N N 197 
ARG   HH22 H N N 198 
ARG   HXT  H N N 199 
ASN   N    N N N 200 
ASN   CA   C N S 201 
ASN   C    C N N 202 
ASN   O    O N N 203 
ASN   CB   C N N 204 
ASN   CG   C N N 205 
ASN   OD1  O N N 206 
ASN   ND2  N N N 207 
ASN   OXT  O N N 208 
ASN   H    H N N 209 
ASN   H2   H N N 210 
ASN   HA   H N N 211 
ASN   HB2  H N N 212 
ASN   HB3  H N N 213 
ASN   HD21 H N N 214 
ASN   HD22 H N N 215 
ASN   HXT  H N N 216 
ASP   N    N N N 217 
ASP   CA   C N S 218 
ASP   C    C N N 219 
ASP   O    O N N 220 
ASP   CB   C N N 221 
ASP   CG   C N N 222 
ASP   OD1  O N N 223 
ASP   OD2  O N N 224 
ASP   OXT  O N N 225 
ASP   H    H N N 226 
ASP   H2   H N N 227 
ASP   HA   H N N 228 
ASP   HB2  H N N 229 
ASP   HB3  H N N 230 
ASP   HD2  H N N 231 
ASP   HXT  H N N 232 
BDF   C1   C N N 233 
BDF   C2   C N R 234 
BDF   C3   C N S 235 
BDF   C4   C N R 236 
BDF   C5   C N R 237 
BDF   C6   C N N 238 
BDF   O1   O N N 239 
BDF   O2   O N N 240 
BDF   O3   O N N 241 
BDF   O4   O N N 242 
BDF   O5   O N N 243 
BDF   O6   O N N 244 
BDF   H11  H N N 245 
BDF   H12  H N N 246 
BDF   H3   H N N 247 
BDF   H4   H N N 248 
BDF   H5   H N N 249 
BDF   H61  H N N 250 
BDF   H62  H N N 251 
BDF   HO1  H N N 252 
BDF   HO2  H N N 253 
BDF   HO3  H N N 254 
BDF   HO4  H N N 255 
BDF   HO5  H N N 256 
CYS   N    N N N 257 
CYS   CA   C N R 258 
CYS   C    C N N 259 
CYS   O    O N N 260 
CYS   CB   C N N 261 
CYS   SG   S N N 262 
CYS   OXT  O N N 263 
CYS   H    H N N 264 
CYS   H2   H N N 265 
CYS   HA   H N N 266 
CYS   HB2  H N N 267 
CYS   HB3  H N N 268 
CYS   HG   H N N 269 
CYS   HXT  H N N 270 
GLN   N    N N N 271 
GLN   CA   C N S 272 
GLN   C    C N N 273 
GLN   O    O N N 274 
GLN   CB   C N N 275 
GLN   CG   C N N 276 
GLN   CD   C N N 277 
GLN   OE1  O N N 278 
GLN   NE2  N N N 279 
GLN   OXT  O N N 280 
GLN   H    H N N 281 
GLN   H2   H N N 282 
GLN   HA   H N N 283 
GLN   HB2  H N N 284 
GLN   HB3  H N N 285 
GLN   HG2  H N N 286 
GLN   HG3  H N N 287 
GLN   HE21 H N N 288 
GLN   HE22 H N N 289 
GLN   HXT  H N N 290 
GLU   N    N N N 291 
GLU   CA   C N S 292 
GLU   C    C N N 293 
GLU   O    O N N 294 
GLU   CB   C N N 295 
GLU   CG   C N N 296 
GLU   CD   C N N 297 
GLU   OE1  O N N 298 
GLU   OE2  O N N 299 
GLU   OXT  O N N 300 
GLU   H    H N N 301 
GLU   H2   H N N 302 
GLU   HA   H N N 303 
GLU   HB2  H N N 304 
GLU   HB3  H N N 305 
GLU   HG2  H N N 306 
GLU   HG3  H N N 307 
GLU   HE2  H N N 308 
GLU   HXT  H N N 309 
GLY   N    N N N 310 
GLY   CA   C N N 311 
GLY   C    C N N 312 
GLY   O    O N N 313 
GLY   OXT  O N N 314 
GLY   H    H N N 315 
GLY   H2   H N N 316 
GLY   HA2  H N N 317 
GLY   HA3  H N N 318 
GLY   HXT  H N N 319 
HIS   N    N N N 320 
HIS   CA   C N S 321 
HIS   C    C N N 322 
HIS   O    O N N 323 
HIS   CB   C N N 324 
HIS   CG   C Y N 325 
HIS   ND1  N Y N 326 
HIS   CD2  C Y N 327 
HIS   CE1  C Y N 328 
HIS   NE2  N Y N 329 
HIS   OXT  O N N 330 
HIS   H    H N N 331 
HIS   H2   H N N 332 
HIS   HA   H N N 333 
HIS   HB2  H N N 334 
HIS   HB3  H N N 335 
HIS   HD1  H N N 336 
HIS   HD2  H N N 337 
HIS   HE1  H N N 338 
HIS   HE2  H N N 339 
HIS   HXT  H N N 340 
HOH   O    O N N 341 
HOH   H1   H N N 342 
HOH   H2   H N N 343 
ILE   N    N N N 344 
ILE   CA   C N S 345 
ILE   C    C N N 346 
ILE   O    O N N 347 
ILE   CB   C N S 348 
ILE   CG1  C N N 349 
ILE   CG2  C N N 350 
ILE   CD1  C N N 351 
ILE   OXT  O N N 352 
ILE   H    H N N 353 
ILE   H2   H N N 354 
ILE   HA   H N N 355 
ILE   HB   H N N 356 
ILE   HG12 H N N 357 
ILE   HG13 H N N 358 
ILE   HG21 H N N 359 
ILE   HG22 H N N 360 
ILE   HG23 H N N 361 
ILE   HD11 H N N 362 
ILE   HD12 H N N 363 
ILE   HD13 H N N 364 
ILE   HXT  H N N 365 
LEU   N    N N N 366 
LEU   CA   C N S 367 
LEU   C    C N N 368 
LEU   O    O N N 369 
LEU   CB   C N N 370 
LEU   CG   C N N 371 
LEU   CD1  C N N 372 
LEU   CD2  C N N 373 
LEU   OXT  O N N 374 
LEU   H    H N N 375 
LEU   H2   H N N 376 
LEU   HA   H N N 377 
LEU   HB2  H N N 378 
LEU   HB3  H N N 379 
LEU   HG   H N N 380 
LEU   HD11 H N N 381 
LEU   HD12 H N N 382 
LEU   HD13 H N N 383 
LEU   HD21 H N N 384 
LEU   HD22 H N N 385 
LEU   HD23 H N N 386 
LEU   HXT  H N N 387 
LYS   N    N N N 388 
LYS   CA   C N S 389 
LYS   C    C N N 390 
LYS   O    O N N 391 
LYS   CB   C N N 392 
LYS   CG   C N N 393 
LYS   CD   C N N 394 
LYS   CE   C N N 395 
LYS   NZ   N N N 396 
LYS   OXT  O N N 397 
LYS   H    H N N 398 
LYS   H2   H N N 399 
LYS   HA   H N N 400 
LYS   HB2  H N N 401 
LYS   HB3  H N N 402 
LYS   HG2  H N N 403 
LYS   HG3  H N N 404 
LYS   HD2  H N N 405 
LYS   HD3  H N N 406 
LYS   HE2  H N N 407 
LYS   HE3  H N N 408 
LYS   HZ1  H N N 409 
LYS   HZ2  H N N 410 
LYS   HZ3  H N N 411 
LYS   HXT  H N N 412 
MET   N    N N N 413 
MET   CA   C N S 414 
MET   C    C N N 415 
MET   O    O N N 416 
MET   CB   C N N 417 
MET   CG   C N N 418 
MET   SD   S N N 419 
MET   CE   C N N 420 
MET   OXT  O N N 421 
MET   H    H N N 422 
MET   H2   H N N 423 
MET   HA   H N N 424 
MET   HB2  H N N 425 
MET   HB3  H N N 426 
MET   HG2  H N N 427 
MET   HG3  H N N 428 
MET   HE1  H N N 429 
MET   HE2  H N N 430 
MET   HE3  H N N 431 
MET   HXT  H N N 432 
PHE   N    N N N 433 
PHE   CA   C N S 434 
PHE   C    C N N 435 
PHE   O    O N N 436 
PHE   CB   C N N 437 
PHE   CG   C Y N 438 
PHE   CD1  C Y N 439 
PHE   CD2  C Y N 440 
PHE   CE1  C Y N 441 
PHE   CE2  C Y N 442 
PHE   CZ   C Y N 443 
PHE   OXT  O N N 444 
PHE   H    H N N 445 
PHE   H2   H N N 446 
PHE   HA   H N N 447 
PHE   HB2  H N N 448 
PHE   HB3  H N N 449 
PHE   HD1  H N N 450 
PHE   HD2  H N N 451 
PHE   HE1  H N N 452 
PHE   HE2  H N N 453 
PHE   HZ   H N N 454 
PHE   HXT  H N N 455 
PRO   N    N N N 456 
PRO   CA   C N S 457 
PRO   C    C N N 458 
PRO   O    O N N 459 
PRO   CB   C N N 460 
PRO   CG   C N N 461 
PRO   CD   C N N 462 
PRO   OXT  O N N 463 
PRO   H    H N N 464 
PRO   HA   H N N 465 
PRO   HB2  H N N 466 
PRO   HB3  H N N 467 
PRO   HG2  H N N 468 
PRO   HG3  H N N 469 
PRO   HD2  H N N 470 
PRO   HD3  H N N 471 
PRO   HXT  H N N 472 
SER   N    N N N 473 
SER   CA   C N S 474 
SER   C    C N N 475 
SER   O    O N N 476 
SER   CB   C N N 477 
SER   OG   O N N 478 
SER   OXT  O N N 479 
SER   H    H N N 480 
SER   H2   H N N 481 
SER   HA   H N N 482 
SER   HB2  H N N 483 
SER   HB3  H N N 484 
SER   HG   H N N 485 
SER   HXT  H N N 486 
THR   N    N N N 487 
THR   CA   C N S 488 
THR   C    C N N 489 
THR   O    O N N 490 
THR   CB   C N R 491 
THR   OG1  O N N 492 
THR   CG2  C N N 493 
THR   OXT  O N N 494 
THR   H    H N N 495 
THR   H2   H N N 496 
THR   HA   H N N 497 
THR   HB   H N N 498 
THR   HG1  H N N 499 
THR   HG21 H N N 500 
THR   HG22 H N N 501 
THR   HG23 H N N 502 
THR   HXT  H N N 503 
TRP   N    N N N 504 
TRP   CA   C N S 505 
TRP   C    C N N 506 
TRP   O    O N N 507 
TRP   CB   C N N 508 
TRP   CG   C Y N 509 
TRP   CD1  C Y N 510 
TRP   CD2  C Y N 511 
TRP   NE1  N Y N 512 
TRP   CE2  C Y N 513 
TRP   CE3  C Y N 514 
TRP   CZ2  C Y N 515 
TRP   CZ3  C Y N 516 
TRP   CH2  C Y N 517 
TRP   OXT  O N N 518 
TRP   H    H N N 519 
TRP   H2   H N N 520 
TRP   HA   H N N 521 
TRP   HB2  H N N 522 
TRP   HB3  H N N 523 
TRP   HD1  H N N 524 
TRP   HE1  H N N 525 
TRP   HE3  H N N 526 
TRP   HZ2  H N N 527 
TRP   HZ3  H N N 528 
TRP   HH2  H N N 529 
TRP   HXT  H N N 530 
TYR   N    N N N 531 
TYR   CA   C N S 532 
TYR   C    C N N 533 
TYR   O    O N N 534 
TYR   CB   C N N 535 
TYR   CG   C Y N 536 
TYR   CD1  C Y N 537 
TYR   CD2  C Y N 538 
TYR   CE1  C Y N 539 
TYR   CE2  C Y N 540 
TYR   CZ   C Y N 541 
TYR   OH   O N N 542 
TYR   OXT  O N N 543 
TYR   H    H N N 544 
TYR   H2   H N N 545 
TYR   HA   H N N 546 
TYR   HB2  H N N 547 
TYR   HB3  H N N 548 
TYR   HD1  H N N 549 
TYR   HD2  H N N 550 
TYR   HE1  H N N 551 
TYR   HE2  H N N 552 
TYR   HH   H N N 553 
TYR   HXT  H N N 554 
VAL   N    N N N 555 
VAL   CA   C N S 556 
VAL   C    C N N 557 
VAL   O    O N N 558 
VAL   CB   C N N 559 
VAL   CG1  C N N 560 
VAL   CG2  C N N 561 
VAL   OXT  O N N 562 
VAL   H    H N N 563 
VAL   H2   H N N 564 
VAL   HA   H N N 565 
VAL   HB   H N N 566 
VAL   HG11 H N N 567 
VAL   HG12 H N N 568 
VAL   HG13 H N N 569 
VAL   HG21 H N N 570 
VAL   HG22 H N N 571 
VAL   HG23 H N N 572 
VAL   HXT  H N N 573 
# 
loop_
_chem_comp_bond.comp_id 
_chem_comp_bond.atom_id_1 
_chem_comp_bond.atom_id_2 
_chem_comp_bond.value_order 
_chem_comp_bond.pdbx_aromatic_flag 
_chem_comp_bond.pdbx_stereo_config 
_chem_comp_bond.pdbx_ordinal 
A1IZO S59 O60  doub N N 1   
A1IZO S59 O61  sing N N 2   
A1IZO S59 O62  doub N N 3   
A1IZO O58 S59  sing N N 4   
A1IZO C25 O58  sing N N 5   
A1IZO S64 O65  doub N N 6   
A1IZO S64 O66  sing N N 7   
A1IZO S64 O67  doub N N 8   
A1IZO O63 S64  sing N N 9   
A1IZO C27 O63  sing N N 10  
A1IZO S69 O70  sing N N 11  
A1IZO S69 O71  doub N N 12  
A1IZO S69 O72  doub N N 13  
A1IZO O68 S69  sing N N 14  
A1IZO C30 O68  sing N N 15  
A1IZO S74 O75  doub N N 16  
A1IZO S74 O76  sing N N 17  
A1IZO S74 O77  doub N N 18  
A1IZO O73 S74  sing N N 19  
A1IZO C28 O73  sing N N 20  
A1IZO S79 O80  doub N N 21  
A1IZO S79 O81  sing N N 22  
A1IZO S79 O82  doub N N 23  
A1IZO O78 S79  sing N N 24  
A1IZO C04 O78  sing N N 25  
A1IZO S84 O85  doub N N 26  
A1IZO S84 O86  sing N N 27  
A1IZO S84 O87  doub N N 28  
A1IZO O83 S84  sing N N 29  
A1IZO C14 O83  sing N N 30  
A1IZO S89 O90  doub N N 31  
A1IZO S89 O91  sing N N 32  
A1IZO S89 O92  doub N N 33  
A1IZO O88 S89  sing N N 34  
A1IZO C02 O88  sing N N 35  
A1IZO S94 O95  sing N N 36  
A1IZO S94 O96  doub N N 37  
A1IZO S94 O97  doub N N 38  
A1IZO O93 S94  sing N N 39  
A1IZO C16 O93  sing N N 40  
A1IZO S99 OA0  doub N N 41  
A1IZO S99 OA1  sing N N 42  
A1IZO S99 OA2  doub N N 43  
A1IZO O98 S99  sing N N 44  
A1IZO C52 O98  sing N N 45  
A1IZO SA4 OA5  sing N N 46  
A1IZO SA4 OA6  doub N N 47  
A1IZO SA4 OA7  doub N N 48  
A1IZO OA3 SA4  sing N N 49  
A1IZO C54 OA3  sing N N 50  
A1IZO SA9 OAA  sing N N 51  
A1IZO SA9 OAB  doub N N 52  
A1IZO SA9 OAC  doub N N 53  
A1IZO OA8 SA9  sing N N 54  
A1IZO C49 OA8  sing N N 55  
A1IZO SAE OAF  sing N N 56  
A1IZO SAE OAG  doub N N 57  
A1IZO SAE OAH  doub N N 58  
A1IZO OAD SAE  sing N N 59  
A1IZO C51 OAD  sing N N 60  
A1IZO C01 C02  doub Y N 61  
A1IZO C02 C03  sing Y N 62  
A1IZO C03 C04  doub Y N 63  
A1IZO C04 C05  sing Y N 64  
A1IZO C05 C06  doub Y N 65  
A1IZO C06 C01  sing Y N 66  
A1IZO C05 C07  sing N N 67  
A1IZO C07 C08  doub Y N 68  
A1IZO C08 C09  sing Y N 69  
A1IZO C09 C10  doub Y N 70  
A1IZO C10 C11  sing Y N 71  
A1IZO C11 C12  doub Y N 72  
A1IZO C12 C07  sing Y N 73  
A1IZO C10 C13  sing N N 74  
A1IZO C13 C14  doub Y N 75  
A1IZO C14 C15  sing Y N 76  
A1IZO C15 C16  doub Y N 77  
A1IZO C16 C17  sing Y N 78  
A1IZO C17 C18  doub Y N 79  
A1IZO C18 C13  sing Y N 80  
A1IZO C17 C19  sing N N 81  
A1IZO C01 C20  sing N N 82  
A1IZO C20 C21  sing N N 83  
A1IZO C19 C22  sing N N 84  
A1IZO C21 C23  doub Y N 85  
A1IZO C23 C24  sing Y N 86  
A1IZO C24 C25  doub Y N 87  
A1IZO C25 C26  sing Y N 88  
A1IZO C26 C27  doub Y N 89  
A1IZO C27 C21  sing Y N 90  
A1IZO C22 C28  doub Y N 91  
A1IZO C28 C29  sing Y N 92  
A1IZO C29 C30  doub Y N 93  
A1IZO C30 C31  sing Y N 94  
A1IZO C31 C32  doub Y N 95  
A1IZO C32 C22  sing Y N 96  
A1IZO C31 C33  sing N N 97  
A1IZO C24 C34  sing N N 98  
A1IZO C34 C35  doub Y N 99  
A1IZO C35 C36  sing Y N 100 
A1IZO C36 C37  doub Y N 101 
A1IZO C37 C38  sing Y N 102 
A1IZO C38 C39  doub Y N 103 
A1IZO C39 C34  sing Y N 104 
A1IZO C33 C40  doub Y N 105 
A1IZO C40 C41  sing Y N 106 
A1IZO C41 C42  doub Y N 107 
A1IZO C42 C43  sing Y N 108 
A1IZO C43 C44  doub Y N 109 
A1IZO C44 C33  sing Y N 110 
A1IZO C37 C45  sing N N 111 
A1IZO C42 C46  sing N N 112 
A1IZO C45 C47  doub Y N 113 
A1IZO C47 C48  sing Y N 114 
A1IZO C48 C49  doub Y N 115 
A1IZO C49 C50  sing Y N 116 
A1IZO C50 C51  doub Y N 117 
A1IZO C51 C45  sing Y N 118 
A1IZO C46 C52  doub Y N 119 
A1IZO C52 C53  sing Y N 120 
A1IZO C53 C54  doub Y N 121 
A1IZO C54 C55  sing Y N 122 
A1IZO C55 C56  doub Y N 123 
A1IZO C56 C46  sing Y N 124 
A1IZO C48 C57  sing N N 125 
A1IZO C55 C57  sing N N 126 
A1IZO C15 H151 sing N N 127 
A1IZO C18 H181 sing N N 128 
A1IZO C20 H202 sing N N 129 
A1IZO C20 H201 sing N N 130 
A1IZO C23 H231 sing N N 131 
A1IZO C03 H031 sing N N 132 
A1IZO C06 H061 sing N N 133 
A1IZO C08 H081 sing N N 134 
A1IZO C09 H091 sing N N 135 
A1IZO C11 H111 sing N N 136 
A1IZO C12 H121 sing N N 137 
A1IZO C19 H192 sing N N 138 
A1IZO C19 H191 sing N N 139 
A1IZO C26 H261 sing N N 140 
A1IZO C29 H291 sing N N 141 
A1IZO C32 H321 sing N N 142 
A1IZO C35 H351 sing N N 143 
A1IZO C36 H361 sing N N 144 
A1IZO C38 H381 sing N N 145 
A1IZO C39 H391 sing N N 146 
A1IZO C40 H401 sing N N 147 
A1IZO C41 H411 sing N N 148 
A1IZO C43 H431 sing N N 149 
A1IZO C44 H441 sing N N 150 
A1IZO C47 H471 sing N N 151 
A1IZO C50 H501 sing N N 152 
A1IZO C53 H531 sing N N 153 
A1IZO C56 H561 sing N N 154 
A1IZO C57 H571 sing N N 155 
A1IZO C57 H572 sing N N 156 
A1IZO O61 H1   sing N N 157 
A1IZO O66 H2   sing N N 158 
A1IZO O70 H3   sing N N 159 
A1IZO O76 H4   sing N N 160 
A1IZO O81 H5   sing N N 161 
A1IZO O86 H6   sing N N 162 
A1IZO O91 H7   sing N N 163 
A1IZO O95 H8   sing N N 164 
A1IZO OA1 H9   sing N N 165 
A1IZO OA5 H10  sing N N 166 
A1IZO OAF H11  sing N N 167 
A1IZO OAA H12  sing N N 168 
ALA   N   CA   sing N N 169 
ALA   N   H    sing N N 170 
ALA   N   H2   sing N N 171 
ALA   CA  C    sing N N 172 
ALA   CA  CB   sing N N 173 
ALA   CA  HA   sing N N 174 
ALA   C   O    doub N N 175 
ALA   C   OXT  sing N N 176 
ALA   CB  HB1  sing N N 177 
ALA   CB  HB2  sing N N 178 
ALA   CB  HB3  sing N N 179 
ALA   OXT HXT  sing N N 180 
ARG   N   CA   sing N N 181 
ARG   N   H    sing N N 182 
ARG   N   H2   sing N N 183 
ARG   CA  C    sing N N 184 
ARG   CA  CB   sing N N 185 
ARG   CA  HA   sing N N 186 
ARG   C   O    doub N N 187 
ARG   C   OXT  sing N N 188 
ARG   CB  CG   sing N N 189 
ARG   CB  HB2  sing N N 190 
ARG   CB  HB3  sing N N 191 
ARG   CG  CD   sing N N 192 
ARG   CG  HG2  sing N N 193 
ARG   CG  HG3  sing N N 194 
ARG   CD  NE   sing N N 195 
ARG   CD  HD2  sing N N 196 
ARG   CD  HD3  sing N N 197 
ARG   NE  CZ   sing N N 198 
ARG   NE  HE   sing N N 199 
ARG   CZ  NH1  sing N N 200 
ARG   CZ  NH2  doub N N 201 
ARG   NH1 HH11 sing N N 202 
ARG   NH1 HH12 sing N N 203 
ARG   NH2 HH21 sing N N 204 
ARG   NH2 HH22 sing N N 205 
ARG   OXT HXT  sing N N 206 
ASN   N   CA   sing N N 207 
ASN   N   H    sing N N 208 
ASN   N   H2   sing N N 209 
ASN   CA  C    sing N N 210 
ASN   CA  CB   sing N N 211 
ASN   CA  HA   sing N N 212 
ASN   C   O    doub N N 213 
ASN   C   OXT  sing N N 214 
ASN   CB  CG   sing N N 215 
ASN   CB  HB2  sing N N 216 
ASN   CB  HB3  sing N N 217 
ASN   CG  OD1  doub N N 218 
ASN   CG  ND2  sing N N 219 
ASN   ND2 HD21 sing N N 220 
ASN   ND2 HD22 sing N N 221 
ASN   OXT HXT  sing N N 222 
ASP   N   CA   sing N N 223 
ASP   N   H    sing N N 224 
ASP   N   H2   sing N N 225 
ASP   CA  C    sing N N 226 
ASP   CA  CB   sing N N 227 
ASP   CA  HA   sing N N 228 
ASP   C   O    doub N N 229 
ASP   C   OXT  sing N N 230 
ASP   CB  CG   sing N N 231 
ASP   CB  HB2  sing N N 232 
ASP   CB  HB3  sing N N 233 
ASP   CG  OD1  doub N N 234 
ASP   CG  OD2  sing N N 235 
ASP   OD2 HD2  sing N N 236 
ASP   OXT HXT  sing N N 237 
BDF   C1  C2   sing N N 238 
BDF   C1  O1   sing N N 239 
BDF   C1  H11  sing N N 240 
BDF   C1  H12  sing N N 241 
BDF   C2  C3   sing N N 242 
BDF   C2  O2   sing N N 243 
BDF   C2  O6   sing N N 244 
BDF   C3  C4   sing N N 245 
BDF   C3  O3   sing N N 246 
BDF   C3  H3   sing N N 247 
BDF   C4  C5   sing N N 248 
BDF   C4  O4   sing N N 249 
BDF   C4  H4   sing N N 250 
BDF   C5  C6   sing N N 251 
BDF   C5  O5   sing N N 252 
BDF   C5  H5   sing N N 253 
BDF   C6  O6   sing N N 254 
BDF   C6  H61  sing N N 255 
BDF   C6  H62  sing N N 256 
BDF   O1  HO1  sing N N 257 
BDF   O2  HO2  sing N N 258 
BDF   O3  HO3  sing N N 259 
BDF   O4  HO4  sing N N 260 
BDF   O5  HO5  sing N N 261 
CYS   N   CA   sing N N 262 
CYS   N   H    sing N N 263 
CYS   N   H2   sing N N 264 
CYS   CA  C    sing N N 265 
CYS   CA  CB   sing N N 266 
CYS   CA  HA   sing N N 267 
CYS   C   O    doub N N 268 
CYS   C   OXT  sing N N 269 
CYS   CB  SG   sing N N 270 
CYS   CB  HB2  sing N N 271 
CYS   CB  HB3  sing N N 272 
CYS   SG  HG   sing N N 273 
CYS   OXT HXT  sing N N 274 
GLN   N   CA   sing N N 275 
GLN   N   H    sing N N 276 
GLN   N   H2   sing N N 277 
GLN   CA  C    sing N N 278 
GLN   CA  CB   sing N N 279 
GLN   CA  HA   sing N N 280 
GLN   C   O    doub N N 281 
GLN   C   OXT  sing N N 282 
GLN   CB  CG   sing N N 283 
GLN   CB  HB2  sing N N 284 
GLN   CB  HB3  sing N N 285 
GLN   CG  CD   sing N N 286 
GLN   CG  HG2  sing N N 287 
GLN   CG  HG3  sing N N 288 
GLN   CD  OE1  doub N N 289 
GLN   CD  NE2  sing N N 290 
GLN   NE2 HE21 sing N N 291 
GLN   NE2 HE22 sing N N 292 
GLN   OXT HXT  sing N N 293 
GLU   N   CA   sing N N 294 
GLU   N   H    sing N N 295 
GLU   N   H2   sing N N 296 
GLU   CA  C    sing N N 297 
GLU   CA  CB   sing N N 298 
GLU   CA  HA   sing N N 299 
GLU   C   O    doub N N 300 
GLU   C   OXT  sing N N 301 
GLU   CB  CG   sing N N 302 
GLU   CB  HB2  sing N N 303 
GLU   CB  HB3  sing N N 304 
GLU   CG  CD   sing N N 305 
GLU   CG  HG2  sing N N 306 
GLU   CG  HG3  sing N N 307 
GLU   CD  OE1  doub N N 308 
GLU   CD  OE2  sing N N 309 
GLU   OE2 HE2  sing N N 310 
GLU   OXT HXT  sing N N 311 
GLY   N   CA   sing N N 312 
GLY   N   H    sing N N 313 
GLY   N   H2   sing N N 314 
GLY   CA  C    sing N N 315 
GLY   CA  HA2  sing N N 316 
GLY   CA  HA3  sing N N 317 
GLY   C   O    doub N N 318 
GLY   C   OXT  sing N N 319 
GLY   OXT HXT  sing N N 320 
HIS   N   CA   sing N N 321 
HIS   N   H    sing N N 322 
HIS   N   H2   sing N N 323 
HIS   CA  C    sing N N 324 
HIS   CA  CB   sing N N 325 
HIS   CA  HA   sing N N 326 
HIS   C   O    doub N N 327 
HIS   C   OXT  sing N N 328 
HIS   CB  CG   sing N N 329 
HIS   CB  HB2  sing N N 330 
HIS   CB  HB3  sing N N 331 
HIS   CG  ND1  sing Y N 332 
HIS   CG  CD2  doub Y N 333 
HIS   ND1 CE1  doub Y N 334 
HIS   ND1 HD1  sing N N 335 
HIS   CD2 NE2  sing Y N 336 
HIS   CD2 HD2  sing N N 337 
HIS   CE1 NE2  sing Y N 338 
HIS   CE1 HE1  sing N N 339 
HIS   NE2 HE2  sing N N 340 
HIS   OXT HXT  sing N N 341 
HOH   O   H1   sing N N 342 
HOH   O   H2   sing N N 343 
ILE   N   CA   sing N N 344 
ILE   N   H    sing N N 345 
ILE   N   H2   sing N N 346 
ILE   CA  C    sing N N 347 
ILE   CA  CB   sing N N 348 
ILE   CA  HA   sing N N 349 
ILE   C   O    doub N N 350 
ILE   C   OXT  sing N N 351 
ILE   CB  CG1  sing N N 352 
ILE   CB  CG2  sing N N 353 
ILE   CB  HB   sing N N 354 
ILE   CG1 CD1  sing N N 355 
ILE   CG1 HG12 sing N N 356 
ILE   CG1 HG13 sing N N 357 
ILE   CG2 HG21 sing N N 358 
ILE   CG2 HG22 sing N N 359 
ILE   CG2 HG23 sing N N 360 
ILE   CD1 HD11 sing N N 361 
ILE   CD1 HD12 sing N N 362 
ILE   CD1 HD13 sing N N 363 
ILE   OXT HXT  sing N N 364 
LEU   N   CA   sing N N 365 
LEU   N   H    sing N N 366 
LEU   N   H2   sing N N 367 
LEU   CA  C    sing N N 368 
LEU   CA  CB   sing N N 369 
LEU   CA  HA   sing N N 370 
LEU   C   O    doub N N 371 
LEU   C   OXT  sing N N 372 
LEU   CB  CG   sing N N 373 
LEU   CB  HB2  sing N N 374 
LEU   CB  HB3  sing N N 375 
LEU   CG  CD1  sing N N 376 
LEU   CG  CD2  sing N N 377 
LEU   CG  HG   sing N N 378 
LEU   CD1 HD11 sing N N 379 
LEU   CD1 HD12 sing N N 380 
LEU   CD1 HD13 sing N N 381 
LEU   CD2 HD21 sing N N 382 
LEU   CD2 HD22 sing N N 383 
LEU   CD2 HD23 sing N N 384 
LEU   OXT HXT  sing N N 385 
LYS   N   CA   sing N N 386 
LYS   N   H    sing N N 387 
LYS   N   H2   sing N N 388 
LYS   CA  C    sing N N 389 
LYS   CA  CB   sing N N 390 
LYS   CA  HA   sing N N 391 
LYS   C   O    doub N N 392 
LYS   C   OXT  sing N N 393 
LYS   CB  CG   sing N N 394 
LYS   CB  HB2  sing N N 395 
LYS   CB  HB3  sing N N 396 
LYS   CG  CD   sing N N 397 
LYS   CG  HG2  sing N N 398 
LYS   CG  HG3  sing N N 399 
LYS   CD  CE   sing N N 400 
LYS   CD  HD2  sing N N 401 
LYS   CD  HD3  sing N N 402 
LYS   CE  NZ   sing N N 403 
LYS   CE  HE2  sing N N 404 
LYS   CE  HE3  sing N N 405 
LYS   NZ  HZ1  sing N N 406 
LYS   NZ  HZ2  sing N N 407 
LYS   NZ  HZ3  sing N N 408 
LYS   OXT HXT  sing N N 409 
MET   N   CA   sing N N 410 
MET   N   H    sing N N 411 
MET   N   H2   sing N N 412 
MET   CA  C    sing N N 413 
MET   CA  CB   sing N N 414 
MET   CA  HA   sing N N 415 
MET   C   O    doub N N 416 
MET   C   OXT  sing N N 417 
MET   CB  CG   sing N N 418 
MET   CB  HB2  sing N N 419 
MET   CB  HB3  sing N N 420 
MET   CG  SD   sing N N 421 
MET   CG  HG2  sing N N 422 
MET   CG  HG3  sing N N 423 
MET   SD  CE   sing N N 424 
MET   CE  HE1  sing N N 425 
MET   CE  HE2  sing N N 426 
MET   CE  HE3  sing N N 427 
MET   OXT HXT  sing N N 428 
PHE   N   CA   sing N N 429 
PHE   N   H    sing N N 430 
PHE   N   H2   sing N N 431 
PHE   CA  C    sing N N 432 
PHE   CA  CB   sing N N 433 
PHE   CA  HA   sing N N 434 
PHE   C   O    doub N N 435 
PHE   C   OXT  sing N N 436 
PHE   CB  CG   sing N N 437 
PHE   CB  HB2  sing N N 438 
PHE   CB  HB3  sing N N 439 
PHE   CG  CD1  doub Y N 440 
PHE   CG  CD2  sing Y N 441 
PHE   CD1 CE1  sing Y N 442 
PHE   CD1 HD1  sing N N 443 
PHE   CD2 CE2  doub Y N 444 
PHE   CD2 HD2  sing N N 445 
PHE   CE1 CZ   doub Y N 446 
PHE   CE1 HE1  sing N N 447 
PHE   CE2 CZ   sing Y N 448 
PHE   CE2 HE2  sing N N 449 
PHE   CZ  HZ   sing N N 450 
PHE   OXT HXT  sing N N 451 
PRO   N   CA   sing N N 452 
PRO   N   CD   sing N N 453 
PRO   N   H    sing N N 454 
PRO   CA  C    sing N N 455 
PRO   CA  CB   sing N N 456 
PRO   CA  HA   sing N N 457 
PRO   C   O    doub N N 458 
PRO   C   OXT  sing N N 459 
PRO   CB  CG   sing N N 460 
PRO   CB  HB2  sing N N 461 
PRO   CB  HB3  sing N N 462 
PRO   CG  CD   sing N N 463 
PRO   CG  HG2  sing N N 464 
PRO   CG  HG3  sing N N 465 
PRO   CD  HD2  sing N N 466 
PRO   CD  HD3  sing N N 467 
PRO   OXT HXT  sing N N 468 
SER   N   CA   sing N N 469 
SER   N   H    sing N N 470 
SER   N   H2   sing N N 471 
SER   CA  C    sing N N 472 
SER   CA  CB   sing N N 473 
SER   CA  HA   sing N N 474 
SER   C   O    doub N N 475 
SER   C   OXT  sing N N 476 
SER   CB  OG   sing N N 477 
SER   CB  HB2  sing N N 478 
SER   CB  HB3  sing N N 479 
SER   OG  HG   sing N N 480 
SER   OXT HXT  sing N N 481 
THR   N   CA   sing N N 482 
THR   N   H    sing N N 483 
THR   N   H2   sing N N 484 
THR   CA  C    sing N N 485 
THR   CA  CB   sing N N 486 
THR   CA  HA   sing N N 487 
THR   C   O    doub N N 488 
THR   C   OXT  sing N N 489 
THR   CB  OG1  sing N N 490 
THR   CB  CG2  sing N N 491 
THR   CB  HB   sing N N 492 
THR   OG1 HG1  sing N N 493 
THR   CG2 HG21 sing N N 494 
THR   CG2 HG22 sing N N 495 
THR   CG2 HG23 sing N N 496 
THR   OXT HXT  sing N N 497 
TRP   N   CA   sing N N 498 
TRP   N   H    sing N N 499 
TRP   N   H2   sing N N 500 
TRP   CA  C    sing N N 501 
TRP   CA  CB   sing N N 502 
TRP   CA  HA   sing N N 503 
TRP   C   O    doub N N 504 
TRP   C   OXT  sing N N 505 
TRP   CB  CG   sing N N 506 
TRP   CB  HB2  sing N N 507 
TRP   CB  HB3  sing N N 508 
TRP   CG  CD1  doub Y N 509 
TRP   CG  CD2  sing Y N 510 
TRP   CD1 NE1  sing Y N 511 
TRP   CD1 HD1  sing N N 512 
TRP   CD2 CE2  doub Y N 513 
TRP   CD2 CE3  sing Y N 514 
TRP   NE1 CE2  sing Y N 515 
TRP   NE1 HE1  sing N N 516 
TRP   CE2 CZ2  sing Y N 517 
TRP   CE3 CZ3  doub Y N 518 
TRP   CE3 HE3  sing N N 519 
TRP   CZ2 CH2  doub Y N 520 
TRP   CZ2 HZ2  sing N N 521 
TRP   CZ3 CH2  sing Y N 522 
TRP   CZ3 HZ3  sing N N 523 
TRP   CH2 HH2  sing N N 524 
TRP   OXT HXT  sing N N 525 
TYR   N   CA   sing N N 526 
TYR   N   H    sing N N 527 
TYR   N   H2   sing N N 528 
TYR   CA  C    sing N N 529 
TYR   CA  CB   sing N N 530 
TYR   CA  HA   sing N N 531 
TYR   C   O    doub N N 532 
TYR   C   OXT  sing N N 533 
TYR   CB  CG   sing N N 534 
TYR   CB  HB2  sing N N 535 
TYR   CB  HB3  sing N N 536 
TYR   CG  CD1  doub Y N 537 
TYR   CG  CD2  sing Y N 538 
TYR   CD1 CE1  sing Y N 539 
TYR   CD1 HD1  sing N N 540 
TYR   CD2 CE2  doub Y N 541 
TYR   CD2 HD2  sing N N 542 
TYR   CE1 CZ   doub Y N 543 
TYR   CE1 HE1  sing N N 544 
TYR   CE2 CZ   sing Y N 545 
TYR   CE2 HE2  sing N N 546 
TYR   CZ  OH   sing N N 547 
TYR   OH  HH   sing N N 548 
TYR   OXT HXT  sing N N 549 
VAL   N   CA   sing N N 550 
VAL   N   H    sing N N 551 
VAL   N   H2   sing N N 552 
VAL   CA  C    sing N N 553 
VAL   CA  CB   sing N N 554 
VAL   CA  HA   sing N N 555 
VAL   C   O    doub N N 556 
VAL   C   OXT  sing N N 557 
VAL   CB  CG1  sing N N 558 
VAL   CB  CG2  sing N N 559 
VAL   CB  HB   sing N N 560 
VAL   CG1 HG11 sing N N 561 
VAL   CG1 HG12 sing N N 562 
VAL   CG1 HG13 sing N N 563 
VAL   CG2 HG21 sing N N 564 
VAL   CG2 HG22 sing N N 565 
VAL   CG2 HG23 sing N N 566 
VAL   OXT HXT  sing N N 567 
# 
_pdbx_audit_support.funding_organization   'Science Foundation Ireland' 
_pdbx_audit_support.country                Ireland 
_pdbx_audit_support.grant_number           12/RC/2275_P2 
_pdbx_audit_support.ordinal                1 
# 
_pdbx_initial_refinement_model.id               1 
_pdbx_initial_refinement_model.entity_id_list   ? 
_pdbx_initial_refinement_model.type             'experimental model' 
_pdbx_initial_refinement_model.source_name      PDB 
_pdbx_initial_refinement_model.accession_code   2BT9 
_pdbx_initial_refinement_model.details          ? 
# 
_space_group.name_H-M_alt     'P 63' 
_space_group.name_Hall        'P 6c' 
_space_group.IT_number        173 
_space_group.crystal_system   hexagonal 
_space_group.id               1 
# 
_atom_sites.entry_id                    9I1N 
_atom_sites.Cartn_transf_matrix[1][1]   ? 
_atom_sites.Cartn_transf_matrix[1][2]   ? 
_atom_sites.Cartn_transf_matrix[1][3]   ? 
_atom_sites.Cartn_transf_matrix[2][1]   ? 
_atom_sites.Cartn_transf_matrix[2][2]   ? 
_atom_sites.Cartn_transf_matrix[2][3]   ? 
_atom_sites.Cartn_transf_matrix[3][1]   ? 
_atom_sites.Cartn_transf_matrix[3][2]   ? 
_atom_sites.Cartn_transf_matrix[3][3]   ? 
_atom_sites.Cartn_transf_vector[1]      ? 
_atom_sites.Cartn_transf_vector[2]      ? 
_atom_sites.Cartn_transf_vector[3]      ? 
_atom_sites.Cartn_transform_axes        ? 
_atom_sites.fract_transf_matrix[1][1]   0.02404726 
_atom_sites.fract_transf_matrix[1][2]   0.00638097 
_atom_sites.fract_transf_matrix[1][3]   0.00920853 
_atom_sites.fract_transf_matrix[2][1]   0.00317432 
_atom_sites.fract_transf_matrix[2][2]   0.02175351 
_atom_sites.fract_transf_matrix[2][3]   0.01484912 
_atom_sites.fract_transf_matrix[3][1]   -0.00201605 
_atom_sites.fract_transf_matrix[3][2]   -0.00626111 
_atom_sites.fract_transf_matrix[3][3]   0.00960331 
_atom_sites.fract_transf_vector[1]      0.272493 
_atom_sites.fract_transf_vector[2]      0.400739 
_atom_sites.fract_transf_vector[3]      -0.166081 
_atom_sites.solution_primary            ? 
_atom_sites.solution_secondary          ? 
_atom_sites.solution_hydrogens          ? 
_atom_sites.special_details             ? 
# 
loop_
_atom_type.symbol 
_atom_type.scat_dispersion_real 
_atom_type.scat_dispersion_imag 
_atom_type.scat_Cromer_Mann_a1 
_atom_type.scat_Cromer_Mann_a2 
_atom_type.scat_Cromer_Mann_a3 
_atom_type.scat_Cromer_Mann_a4 
_atom_type.scat_Cromer_Mann_b1 
_atom_type.scat_Cromer_Mann_b2 
_atom_type.scat_Cromer_Mann_b3 
_atom_type.scat_Cromer_Mann_b4 
_atom_type.scat_Cromer_Mann_c 
_atom_type.scat_source 
_atom_type.scat_dispersion_source 
C ? ? 3.54356 2.42580 ? ? 25.62398 1.50364  ? ? 0.0 
;2-Gaussian fit: Grosse-Kunstleve RW, Sauter NK, Adams PD: Newsletter of the IUCr Commission on Crystallographic Computing 2004, 3, 22-31.
;
? 
N ? ? 4.01032 2.96436 ? ? 19.97189 1.75589  ? ? 0.0 
;2-Gaussian fit: Grosse-Kunstleve RW, Sauter NK, Adams PD: Newsletter of the IUCr Commission on Crystallographic Computing 2004, 3, 22-31.
;
? 
O ? ? 4.49882 3.47563 ? ? 15.80542 1.70748  ? ? 0.0 
;2-Gaussian fit: Grosse-Kunstleve RW, Sauter NK, Adams PD: Newsletter of the IUCr Commission on Crystallographic Computing 2004, 3, 22-31.
;
? 
S ? ? 9.55732 6.39887 ? ? 1.23737  29.19336 ? ? 0.0 
;2-Gaussian fit: Grosse-Kunstleve RW, Sauter NK, Adams PD: Newsletter of the IUCr Commission on Crystallographic Computing 2004, 3, 22-31.
;
? 
# 
loop_
_atom_site.group_PDB 
_atom_site.id 
_atom_site.type_symbol 
_atom_site.label_atom_id 
_atom_site.label_alt_id 
_atom_site.label_comp_id 
_atom_site.label_asym_id 
_atom_site.label_entity_id 
_atom_site.label_seq_id 
_atom_site.pdbx_PDB_ins_code 
_atom_site.Cartn_x 
_atom_site.Cartn_y 
_atom_site.Cartn_z 
_atom_site.occupancy 
_atom_site.B_iso_or_equiv 
_atom_site.pdbx_formal_charge 
_atom_site.auth_seq_id 
_atom_site.auth_comp_id 
_atom_site.auth_asym_id 
_atom_site.auth_atom_id 
_atom_site.pdbx_PDB_model_num 
ATOM   1   N N   . MET   A 1 1  ? 9.33680   17.01526  -14.67853 1.000 37.17181 ? 0   MET   A N   1 
ATOM   2   C CA  . MET   A 1 1  ? 9.64706   16.14064  -13.55255 1.000 35.61513 ? 0   MET   A CA  1 
ATOM   3   C C   . MET   A 1 1  ? 8.92255   16.55485  -12.25684 1.000 38.06166 ? 0   MET   A C   1 
ATOM   4   O O   . MET   A 1 1  ? 8.44319   17.67741  -12.13232 1.000 36.93654 ? 0   MET   A O   1 
ATOM   5   C CB  . MET   A 1 1  ? 11.16525  16.07759  -13.36198 1.000 41.65950 ? 0   MET   A CB  1 
ATOM   6   C CG  . MET   A 1 1  ? 11.84628  17.36098  -12.92626 1.000 25.96559 ? 0   MET   A CG  1 
ATOM   7   S SD  . MET   A 1 1  ? 13.46002  17.53765  -13.77711 1.000 50.75113 ? 0   MET   A SD  1 
ATOM   8   C CE  . MET   A 1 1  ? 12.98166  18.50719  -15.21381 1.000 42.02872 ? 0   MET   A CE  1 
ATOM   9   N N   . LYS   A 1 2  ? 8.81413   15.62746  -11.30957 1.000 33.61969 ? 1   LYS   A N   1 
ATOM   10  C CA  . LYS   A 1 2  ? 8.00580   15.85334  -10.11988 1.000 31.00247 ? 1   LYS   A CA  1 
ATOM   11  C C   . LYS   A 1 2  ? 8.52386   14.94656  -9.01627  1.000 31.00278 ? 1   LYS   A C   1 
ATOM   12  O O   . LYS   A 1 2  ? 9.36417   14.07214  -9.24596  1.000 33.91472 ? 1   LYS   A O   1 
ATOM   13  C CB  . LYS   A 1 2  ? 6.52316   15.57027  -10.38612 1.000 33.03164 ? 1   LYS   A CB  1 
ATOM   14  C CG  . LYS   A 1 2  ? 6.28769   14.13781  -10.76295 1.000 32.59438 ? 1   LYS   A CG  1 
ATOM   15  C CD  . LYS   A 1 2  ? 4.82065   13.83668  -11.02355 0.000 33.35730 ? 1   LYS   A CD  1 
ATOM   16  C CE  . LYS   A 1 2  ? 4.31361   14.53046  -12.27261 0.000 34.35670 ? 1   LYS   A CE  1 
ATOM   17  N NZ  . LYS   A 1 2  ? 2.87724   14.22271  -12.51293 0.000 36.66785 ? 1   LYS   A NZ  1 
ATOM   18  N N   . SER   A 1 3  ? 8.01091   15.16174  -7.80894  1.000 25.46949 ? 2   SER   A N   1 
ATOM   19  C CA  . SER   A 1 3  ? 8.40301   14.33917  -6.67646  1.000 22.10299 ? 2   SER   A CA  1 
ATOM   20  C C   . SER   A 1 3  ? 7.52281   13.09970  -6.57345  1.000 22.52040 ? 2   SER   A C   1 
ATOM   21  O O   . SER   A 1 3  ? 6.32718   13.11768  -6.90426  1.000 24.69786 ? 2   SER   A O   1 
ATOM   22  C CB  . SER   A 1 3  ? 8.31663   15.11595  -5.36374  1.000 19.57785 ? 2   SER   A CB  1 
ATOM   23  O OG  . SER   A 1 3  ? 9.23318   16.19837  -5.33760  1.000 25.08004 ? 2   SER   A OG  1 
ATOM   24  N N   . VAL   A 1 4  ? 8.11943   12.02413  -6.07557  1.000 16.83291 ? 3   VAL   A N   1 
ATOM   25  C CA  . VAL   A 1 4  ? 7.32925   10.83329  -5.80509  1.000 14.38033 ? 3   VAL   A CA  1 
ATOM   26  C C   . VAL   A 1 4  ? 6.35571   11.12233  -4.66825  1.000 15.78302 ? 3   VAL   A C   1 
ATOM   27  O O   . VAL   A 1 4  ? 6.48405   12.09864  -3.92636  1.000 19.84242 ? 3   VAL   A O   1 
ATOM   28  C CB  . VAL   A 1 4  ? 8.22486   9.62964   -5.48485  1.000 18.57461 ? 3   VAL   A CB  1 
ATOM   29  C CG1 . VAL   A 1 4  ? 9.07823   9.28388   -6.68916  1.000 20.01302 ? 3   VAL   A CG1 1 
ATOM   30  C CG2 . VAL   A 1 4  ? 9.11031   9.91627   -4.28293  1.000 17.82461 ? 3   VAL   A CG2 1 
ATOM   31  N N   . GLN   A 1 5  ? 5.33820   10.27703  -4.55671  1.000 15.54752 ? 4   GLN   A N   1 
ATOM   32  C CA  A GLN   A 1 5  ? 4.34699   10.39827  -3.50208  0.500 15.06604 ? 4   GLN   A CA  1 
ATOM   33  C CA  B GLN   A 1 5  ? 4.34436   10.39325  -3.50255  0.500 15.06924 ? 4   GLN   A CA  1 
ATOM   34  C C   . GLN   A 1 5  ? 4.32080   9.10569   -2.69501  1.000 13.98382 ? 4   GLN   A C   1 
ATOM   35  O O   . GLN   A 1 5  ? 4.37431   8.01859   -3.25997  1.000 18.36095 ? 4   GLN   A O   1 
ATOM   36  C CB  A GLN   A 1 5  ? 2.97587   10.71754  -4.11329  0.500 17.96856 ? 4   GLN   A CB  1 
ATOM   37  C CB  B GLN   A 1 5  ? 2.96542   10.68970  -4.09611  0.500 17.97480 ? 4   GLN   A CB  1 
ATOM   38  C CG  A GLN   A 1 5  ? 1.89166   11.07410  -3.11312  0.500 15.48707 ? 4   GLN   A CG  1 
ATOM   39  C CG  B GLN   A 1 5  ? 2.98197   11.79035  -5.13775  0.500 18.29002 ? 4   GLN   A CG  1 
ATOM   40  C CD  A GLN   A 1 5  ? 0.95850   9.90621   -2.87994  0.500 20.48136 ? 4   GLN   A CD  1 
ATOM   41  C CD  B GLN   A 1 5  ? 2.18963   13.00955  -4.69139  0.500 18.52860 ? 4   GLN   A CD  1 
ATOM   42  O OE1 A GLN   A 1 5  ? 0.78549   9.06050   -3.76379  0.500 15.29676 ? 4   GLN   A OE1 1 
ATOM   43  O OE1 B GLN   A 1 5  ? 2.14169   13.31992  -3.51070  0.500 26.27322 ? 4   GLN   A OE1 1 
ATOM   44  N NE2 A GLN   A 1 5  ? 0.34270   9.85412   -1.69929  0.500 19.02462 ? 4   GLN   A NE2 1 
ATOM   45  N NE2 B GLN   A 1 5  ? 1.56457   13.69615  -5.63330  0.500 23.66149 ? 4   GLN   A NE2 1 
ATOM   46  N N   . THR   A 1 6  ? 4.27123   9.21542   -1.36833  1.000 12.41592 ? 5   THR   A N   1 
ATOM   47  C CA  . THR   A 1 6  ? 4.31083   8.01321   -0.54184  1.000 11.18657 ? 5   THR   A CA  1 
ATOM   48  C C   . THR   A 1 6  ? 3.11445   7.93210   0.39882   1.000 14.31099 ? 5   THR   A C   1 
ATOM   49  O O   . THR   A 1 6  ? 2.43561   8.92805   0.66699   1.000 13.74798 ? 5   THR   A O   1 
ATOM   50  C CB  . THR   A 1 6  ? 5.60307   7.92781   0.28344   1.000 12.05222 ? 5   THR   A CB  1 
ATOM   51  O OG1 . THR   A 1 6  ? 5.62398   8.92803   1.31769   1.000 15.40109 ? 5   THR   A OG1 1 
ATOM   52  C CG2 . THR   A 1 6  ? 6.80138   8.09372   -0.62872  1.000 12.40515 ? 5   THR   A CG2 1 
ATOM   53  N N   . ALA   A 1 7  ? 2.88645   6.71823   0.90293   1.000 13.31767 ? 6   ALA   A N   1 
ATOM   54  C CA  . ALA   A 1 7  ? 1.96254   6.45453   1.99571   1.000 10.49687 ? 6   ALA   A CA  1 
ATOM   55  C C   . ALA   A 1 7  ? 2.59026   5.40354   2.89164   1.000 10.17810 ? 6   ALA   A C   1 
ATOM   56  O O   . ALA   A 1 7  ? 3.32577   4.54692   2.40516   1.000 12.74935 ? 6   ALA   A O   1 
ATOM   57  C CB  . ALA   A 1 7  ? 0.63049   5.91938   1.48262   1.000 13.13616 ? 6   ALA   A CB  1 
ATOM   58  N N   . ALA   A 1 8  ? 2.27762   5.42762   4.18249   1.000 8.90774  ? 7   ALA   A N   1 
ATOM   59  C CA  . ALA   A 1 8  ? 2.91760   4.48325   5.09671   1.000 9.82253  ? 7   ALA   A CA  1 
ATOM   60  C C   . ALA   A 1 8  ? 1.91906   3.94159   6.10545   1.000 10.76822 ? 7   ALA   A C   1 
ATOM   61  O O   . ALA   A 1 8  ? 1.00564   4.65422   6.54251   1.000 11.20055 ? 7   ALA   A O   1 
ATOM   62  C CB  . ALA   A 1 8  ? 4.08031   5.11349   5.86915   1.000 14.46033 ? 7   ALA   A CB  1 
ATOM   63  N N   . THR   A 1 9  ? 2.17347   2.70704   6.55799   1.000 11.03601 ? 8   THR   A N   1 
ATOM   64  C CA  . THR   A 1 9  ? 1.39320   2.12919   7.65143   1.000 12.79067 ? 8   THR   A CA  1 
ATOM   65  C C   . THR   A 1 9  ? 2.30715   1.24192   8.48811   1.000 12.54633 ? 8   THR   A C   1 
ATOM   66  O O   . THR   A 1 9  ? 3.43077   0.91632   8.08340   1.000 13.20029 ? 8   THR   A O   1 
ATOM   67  C CB  . THR   A 1 9  ? 0.19239   1.35793   7.12159   1.000 12.11640 ? 8   THR   A CB  1 
ATOM   68  O OG1 . THR   A 1 9  ? -0.68851  1.02469   8.21413   1.000 10.79855 ? 8   THR   A OG1 1 
ATOM   69  C CG2 . THR   A 1 9  ? 0.67514   0.05999   6.38098   1.000 10.81770 ? 8   THR   A CG2 1 
ATOM   70  N N   . SER   A 1 10 ? 1.83220   0.85522   9.66861   1.000 9.61201  ? 9   SER   A N   1 
ATOM   71  C CA  . SER   A 1 10 ? 2.66222   0.02812   10.54036  1.000 11.14375 ? 9   SER   A CA  1 
ATOM   72  C C   . SER   A 1 10 ? 1.78274   -0.72970  11.52405  1.000 13.50106 ? 9   SER   A C   1 
ATOM   73  O O   . SER   A 1 10 ? 0.64580   -0.34036  11.79705  1.000 15.51957 ? 9   SER   A O   1 
ATOM   74  C CB  . SER   A 1 10 ? 3.69321   0.89419   11.30518  1.000 10.61901 ? 9   SER   A CB  1 
ATOM   75  O OG  . SER   A 1 10 ? 3.05309   1.92137   12.07476  1.000 15.79484 ? 9   SER   A OG  1 
ATOM   76  N N   . TRP   A 1 11 ? 2.32780   -1.82183  12.05542  1.000 14.55515 ? 10  TRP   A N   1 
ATOM   77  C CA  . TRP   A 1 11 ? 1.62098   -2.61772  13.04979  1.000 16.98923 ? 10  TRP   A CA  1 
ATOM   78  C C   . TRP   A 1 11 ? 2.62887   -3.36495  13.90122  1.000 18.45794 ? 10  TRP   A C   1 
ATOM   79  O O   . TRP   A 1 11 ? 3.79916   -3.49452  13.53414  1.000 17.54901 ? 10  TRP   A O   1 
ATOM   80  C CB  . TRP   A 1 11 ? 0.65489   -3.59980  12.37964  1.000 15.27831 ? 10  TRP   A CB  1 
ATOM   81  C CG  . TRP   A 1 11 ? 1.29917   -4.59462  11.47112  1.000 14.59387 ? 10  TRP   A CG  1 
ATOM   82  C CD1 . TRP   A 1 11 ? 1.75114   -5.84653  11.81508  1.000 14.47268 ? 10  TRP   A CD1 1 
ATOM   83  C CD2 . TRP   A 1 11 ? 1.53221   -4.46124  10.06513  1.000 15.20311 ? 10  TRP   A CD2 1 
ATOM   84  N NE1 . TRP   A 1 11 ? 2.24829   -6.47254  10.72650  1.000 18.51753 ? 10  TRP   A NE1 1 
ATOM   85  C CE2 . TRP   A 1 11 ? 2.13667   -5.65627  9.63262   1.000 17.09501 ? 10  TRP   A CE2 1 
ATOM   86  C CE3 . TRP   A 1 11 ? 1.29099   -3.45099  9.12790   1.000 15.36554 ? 10  TRP   A CE3 1 
ATOM   87  C CZ2 . TRP   A 1 11 ? 2.51212   -5.87511  8.30403   1.000 16.55633 ? 10  TRP   A CZ2 1 
ATOM   88  C CZ3 . TRP   A 1 11 ? 1.66213   -3.67291  7.79760   1.000 14.16058 ? 10  TRP   A CZ3 1 
ATOM   89  C CH2 . TRP   A 1 11 ? 2.27620   -4.88360  7.40323   1.000 13.60619 ? 10  TRP   A CH2 1 
ATOM   90  N N   . GLY   A 1 12 ? 2.16795   -3.84618  15.04055  1.000 19.68016 ? 11  GLY   A N   1 
ATOM   91  C CA  . GLY   A 1 12 ? 3.02391   -4.68629  15.86383  1.000 21.32753 ? 11  GLY   A CA  1 
ATOM   92  C C   . GLY   A 1 12 ? 4.00607   -3.91599  16.73381  1.000 25.30467 ? 11  GLY   A C   1 
ATOM   93  O O   . GLY   A 1 12 ? 3.98171   -2.67626  16.85604  1.000 23.16046 ? 11  GLY   A O   1 
ATOM   94  N N   . THR   A 1 13 ? 4.90903   -4.69576  17.34204  1.000 28.09953 ? 12  THR   A N   1 
ATOM   95  C CA  . THR   A 1 13 ? 5.81888   -4.23092  18.38514  1.000 36.90038 ? 12  THR   A CA  1 
ATOM   96  C C   . THR   A 1 13 ? 7.21055   -3.88897  17.86834  1.000 25.68484 ? 12  THR   A C   1 
ATOM   97  O O   . THR   A 1 13 ? 7.85985   -2.98819  18.41764  1.000 32.98098 ? 12  THR   A O   1 
ATOM   98  C CB  . THR   A 1 13 ? 5.92529   -5.30462  19.48896  1.000 28.59963 ? 12  THR   A CB  1 
ATOM   99  O OG1 . THR   A 1 13 ? 6.41137   -6.53553  18.92649  1.000 41.07323 ? 12  THR   A OG1 1 
ATOM   100 C CG2 . THR   A 1 13 ? 4.56602   -5.56685  20.13950  1.000 29.62670 ? 12  THR   A CG2 1 
ATOM   101 N N   . VAL   A 1 14 ? 7.64337   -4.54544  16.78771  1.000 22.36083 ? 13  VAL   A N   1 
ATOM   102 C CA  . VAL   A 1 14 ? 9.02615   -4.39777  16.31148  1.000 18.20768 ? 13  VAL   A CA  1 
ATOM   103 C C   . VAL   A 1 14 ? 9.33604   -2.99168  15.80734  1.000 21.07257 ? 13  VAL   A C   1 
ATOM   104 O O   . VAL   A 1 14 ? 10.38816  -2.44204  16.18029  1.000 22.13275 ? 13  VAL   A O   1 
ATOM   105 C CB  . VAL   A 1 14 ? 9.32749   -5.48492  15.26244  1.000 20.00758 ? 13  VAL   A CB  1 
ATOM   106 C CG1 . VAL   A 1 14 ? 10.63537  -5.23250  14.54624  1.000 18.13392 ? 13  VAL   A CG1 1 
ATOM   107 C CG2 . VAL   A 1 14 ? 9.28810   -6.87823  15.91406  1.000 22.66860 ? 13  VAL   A CG2 1 
ATOM   108 N N   . PRO   A 1 15 ? 8.50673   -2.35984  14.97291  1.000 21.16722 ? 14  PRO   A N   1 
ATOM   109 C CA  . PRO   A 1 15 ? 7.24727   -2.82443  14.36854  1.000 17.95823 ? 14  PRO   A CA  1 
ATOM   110 C C   . PRO   A 1 15 ? 7.47855   -3.29936  12.96384  1.000 17.56290 ? 14  PRO   A C   1 
ATOM   111 O O   . PRO   A 1 15 ? 8.59218   -3.32003  12.44202  1.000 15.81165 ? 14  PRO   A O   1 
ATOM   112 C CB  . PRO   A 1 15 ? 6.40805   -1.54854  14.34680  1.000 18.98477 ? 14  PRO   A CB  1 
ATOM   113 C CG  . PRO   A 1 15 ? 7.44513   -0.55174  13.91310  1.000 14.58886 ? 14  PRO   A CG  1 
ATOM   114 C CD  . PRO   A 1 15 ? 8.71730   -0.94200  14.66233  1.000 19.06502 ? 14  PRO   A CD  1 
ATOM   115 N N   . SER   A 1 16 ? 6.40154   -3.69316  12.29412  1.000 16.65462 ? 15  SER   A N   1 
ATOM   116 C CA  A SER   A 1 16 ? 6.40326   -3.93325  10.85933  0.500 12.65093 ? 15  SER   A CA  1 
ATOM   117 C CA  B SER   A 1 16 ? 6.47048   -3.92031  10.86758  0.500 12.58316 ? 15  SER   A CA  1 
ATOM   118 C C   . SER   A 1 16 ? 5.97036   -2.64110  10.19228  1.000 17.31342 ? 15  SER   A C   1 
ATOM   119 O O   . SER   A 1 16 ? 4.98493   -2.05409  10.62227  1.000 16.15940 ? 15  SER   A O   1 
ATOM   120 C CB  A SER   A 1 16 ? 5.41324   -5.04167  10.49939  0.500 15.96583 ? 15  SER   A CB  1 
ATOM   121 C CB  B SER   A 1 16 ? 5.62887   -5.14185  10.48864  0.500 16.64916 ? 15  SER   A CB  1 
ATOM   122 O OG  A SER   A 1 16 ? 5.93095   -6.32762  10.75888  0.500 12.82179 ? 15  SER   A OG  1 
ATOM   123 O OG  B SER   A 1 16 ? 5.81300   -5.49093  9.13495   0.500 17.64410 ? 15  SER   A OG  1 
ATOM   124 N N   . ILE   A 1 17 ? 6.68787   -2.19541  9.15625   1.000 13.27110 ? 16  ILE   A N   1 
ATOM   125 C CA  . ILE   A 1 17 ? 6.36584   -0.95477  8.45372   1.000 11.98645 ? 16  ILE   A CA  1 
ATOM   126 C C   . ILE   A 1 17 ? 6.19340   -1.27806  6.97312   1.000 13.34202 ? 16  ILE   A C   1 
ATOM   127 O O   . ILE   A 1 17 ? 6.94454   -2.09416  6.42408   1.000 10.49823 ? 16  ILE   A O   1 
ATOM   128 C CB  . ILE   A 1 17 ? 7.46219   0.12141   8.64424   1.000 9.66509  ? 16  ILE   A CB  1 
ATOM   129 C CG1 . ILE   A 1 17 ? 7.86266   0.24469   10.11143  1.000 13.69195 ? 16  ILE   A CG1 1 
ATOM   130 C CG2 . ILE   A 1 17 ? 6.97433   1.49947   8.13479   1.000 12.62408 ? 16  ILE   A CG2 1 
ATOM   131 C CD1 . ILE   A 1 17 ? 9.10923   1.10959   10.27786  1.000 14.85414 ? 16  ILE   A CD1 1 
ATOM   132 N N   . ARG   A 1 18 ? 5.21451   -0.63191  6.32511   1.000 11.16755 ? 17  ARG   A N   1 
ATOM   133 C CA  . ARG   A 1 18 ? 5.06139   -0.70806  4.87373   1.000 11.06650 ? 17  ARG   A CA  1 
ATOM   134 C C   . ARG   A 1 18 ? 5.02755   0.71161   4.33380   1.000 10.35457 ? 17  ARG   A C   1 
ATOM   135 O O   . ARG   A 1 18 ? 4.29105   1.54695   4.86197   1.000 13.90583 ? 17  ARG   A O   1 
ATOM   136 C CB  . ARG   A 1 18 ? 3.77926   -1.45245  4.44971   1.000 10.43530 ? 17  ARG   A CB  1 
ATOM   137 C CG  . ARG   A 1 18 ? 3.76494   -2.90982  4.86433   1.000 13.02277 ? 17  ARG   A CG  1 
ATOM   138 C CD  . ARG   A 1 18 ? 4.90752   -3.73487  4.23856   1.000 14.84517 ? 17  ARG   A CD  1 
ATOM   139 N NE  . ARG   A 1 18 ? 4.82625   -5.14771  4.62529   1.000 11.56346 ? 17  ARG   A NE  1 
ATOM   140 C CZ  . ARG   A 1 18 ? 5.36477   -5.65238  5.72867   1.000 17.84714 ? 17  ARG   A CZ  1 
ATOM   141 N NH1 . ARG   A 1 18 ? 6.10006   -4.90537  6.55080   1.000 12.23598 ? 17  ARG   A NH1 1 
ATOM   142 N NH2 . ARG   A 1 18 ? 5.16789   -6.93606  6.01598   1.000 17.72522 ? 17  ARG   A NH2 1 
ATOM   143 N N   . VAL   A 1 19 ? 5.81739   0.98075   3.29005   1.000 9.39534  ? 18  VAL   A N   1 
ATOM   144 C CA  . VAL   A 1 19 ? 5.86616   2.29235   2.64643   1.000 9.40227  ? 18  VAL   A CA  1 
ATOM   145 C C   . VAL   A 1 19 ? 5.59208   2.07686   1.17224   1.000 8.99228  ? 18  VAL   A C   1 
ATOM   146 O O   . VAL   A 1 19 ? 6.31697   1.32376   0.51378   1.000 13.01192 ? 18  VAL   A O   1 
ATOM   147 C CB  . VAL   A 1 19 ? 7.22036   3.00669   2.82240   1.000 10.99470 ? 18  VAL   A CB  1 
ATOM   148 C CG1 . VAL   A 1 19 ? 7.16407   4.37056   2.06961   1.000 10.97574 ? 18  VAL   A CG1 1 
ATOM   149 C CG2 . VAL   A 1 19 ? 7.50709   3.28203   4.29232   1.000 11.75238 ? 18  VAL   A CG2 1 
ATOM   150 N N   . TYR   A 1 20 ? 4.56013   2.74236   0.65386   1.000 9.24785  ? 19  TYR   A N   1 
ATOM   151 C CA  . TYR   A 1 20 ? 4.16005   2.62102   -0.74551  1.000 10.68607 ? 19  TYR   A CA  1 
ATOM   152 C C   . TYR   A 1 20 ? 4.60802   3.87805   -1.45995  1.000 11.92638 ? 19  TYR   A C   1 
ATOM   153 O O   . TYR   A 1 20 ? 4.43528   4.97527   -0.93940  1.000 13.02946 ? 19  TYR   A O   1 
ATOM   154 C CB  . TYR   A 1 20 ? 2.63328   2.45938   -0.86352  1.000 13.18491 ? 19  TYR   A CB  1 
ATOM   155 C CG  . TYR   A 1 20 ? 2.21810   1.24330   -0.12244  1.000 8.87070  ? 19  TYR   A CG  1 
ATOM   156 C CD1 . TYR   A 1 20 ? 2.21768   0.00341   -0.75411  1.000 9.84113  ? 19  TYR   A CD1 1 
ATOM   157 C CD2 . TYR   A 1 20 ? 1.97069   1.29404   1.24714   1.000 10.59522 ? 19  TYR   A CD2 1 
ATOM   158 C CE1 . TYR   A 1 20 ? 1.92160   -1.15403  -0.05128  1.000 9.88770  ? 19  TYR   A CE1 1 
ATOM   159 C CE2 . TYR   A 1 20 ? 1.67471   0.13147   1.96063   1.000 9.63952  ? 19  TYR   A CE2 1 
ATOM   160 C CZ  . TYR   A 1 20 ? 1.64821   -1.08644  1.29599   1.000 12.19096 ? 19  TYR   A CZ  1 
ATOM   161 O OH  . TYR   A 1 20 ? 1.38668   -2.21778  2.02286   1.000 12.78810 ? 19  TYR   A OH  1 
ATOM   162 N N   . THR   A 1 21 ? 5.18656   3.73576   -2.65055  1.000 12.53148 ? 20  THR   A N   1 
ATOM   163 C CA  . THR   A 1 21 ? 5.68468   4.92071   -3.34908  1.000 12.48103 ? 20  THR   A CA  1 
ATOM   164 C C   . THR   A 1 21 ? 5.14997   4.91377   -4.76236  1.000 13.29424 ? 20  THR   A C   1 
ATOM   165 O O   . THR   A 1 21 ? 5.38288   3.95096   -5.49833  1.000 12.07957 ? 20  THR   A O   1 
ATOM   166 C CB  . THR   A 1 21 ? 7.20900   4.95490   -3.42659  1.000 13.98966 ? 20  THR   A CB  1 
ATOM   167 O OG1 . THR   A 1 21 ? 7.75959   4.99830   -2.10934  1.000 14.78798 ? 20  THR   A OG1 1 
ATOM   168 C CG2 . THR   A 1 21 ? 7.67248   6.15982   -4.21965  1.000 17.20279 ? 20  THR   A CG2 1 
ATOM   169 N N   . ALA   A 1 22 ? 4.50161   6.00538   -5.14785  1.000 14.98024 ? 21  ALA   A N   1 
ATOM   170 C CA  . ALA   A 1 22 ? 4.05815   6.20747   -6.51849  1.000 15.83744 ? 21  ALA   A CA  1 
ATOM   171 C C   . ALA   A 1 22 ? 5.15683   6.97669   -7.24710  1.000 17.11676 ? 21  ALA   A C   1 
ATOM   172 O O   . ALA   A 1 22 ? 5.50201   8.10404   -6.87473  1.000 17.80258 ? 21  ALA   A O   1 
ATOM   173 C CB  . ALA   A 1 22 ? 2.73037   6.94985   -6.56383  1.000 18.54673 ? 21  ALA   A CB  1 
ATOM   174 N N   . ASN   A 1 23 ? 5.72051   6.35644   -8.26846  1.000 16.99557 ? 22  ASN   A N   1 
ATOM   175 C CA  . ASN   A 1 23 ? 6.85788   6.92688   -8.97324  1.000 19.32218 ? 22  ASN   A CA  1 
ATOM   176 C C   . ASN   A 1 23 ? 6.57678   6.73319   -10.45236 1.000 24.70544 ? 22  ASN   A C   1 
ATOM   177 O O   . ASN   A 1 23 ? 6.59834   5.60411   -10.94157 1.000 23.61257 ? 22  ASN   A O   1 
ATOM   178 C CB  . ASN   A 1 23 ? 8.15317   6.24718   -8.53532  1.000 19.59806 ? 22  ASN   A CB  1 
ATOM   179 C CG  . ASN   A 1 23 ? 9.37057   6.77676   -9.24243  1.000 21.89511 ? 22  ASN   A CG  1 
ATOM   180 O OD1 . ASN   A 1 23 ? 9.27644   7.55214   -10.19060 1.000 25.19727 ? 22  ASN   A OD1 1 
ATOM   181 N ND2 . ASN   A 1 23 ? 10.53278  6.36905   -8.76789  1.000 27.67904 ? 22  ASN   A ND2 1 
ATOM   182 N N   . ASN   A 1 24 ? 6.27065   7.83152   -11.13313 1.000 23.72220 ? 23  ASN   A N   1 
ATOM   183 C CA  . ASN   A 1 24 ? 6.06959   7.84973   -12.57293 1.000 30.13610 ? 23  ASN   A CA  1 
ATOM   184 C C   . ASN   A 1 24 ? 5.04339   6.79063   -12.99117 1.000 29.46041 ? 23  ASN   A C   1 
ATOM   185 O O   . ASN   A 1 24 ? 5.26213   5.98240   -13.90089 1.000 28.12446 ? 23  ASN   A O   1 
ATOM   186 C CB  . ASN   A 1 24 ? 7.40494   7.65420   -13.28679 1.000 37.23257 ? 23  ASN   A CB  1 
ATOM   187 C CG  . ASN   A 1 24 ? 7.35273   8.05683   -14.73435 1.000 40.96935 ? 23  ASN   A CG  1 
ATOM   188 O OD1 . ASN   A 1 24 ? 6.60740   8.96180   -15.11059 1.000 39.49162 ? 23  ASN   A OD1 1 
ATOM   189 N ND2 . ASN   A 1 24 ? 8.13467   7.38162   -15.56079 1.000 51.70027 ? 23  ASN   A ND2 1 
ATOM   190 N N   . GLY   A 1 25 ? 3.91366   6.77560   -12.28870 1.000 20.16214 ? 24  GLY   A N   1 
ATOM   191 C CA  . GLY   A 1 25 ? 2.79548   5.93295   -12.66452 1.000 23.97580 ? 24  GLY   A CA  1 
ATOM   192 C C   . GLY   A 1 25 ? 2.77999   4.53069   -12.09468 1.000 22.76990 ? 24  GLY   A C   1 
ATOM   193 O O   . GLY   A 1 25 ? 1.81353   3.78902   -12.35352 1.000 23.06233 ? 24  GLY   A O   1 
ATOM   194 N N   . LYS   A 1 26 ? 3.80132   4.13256   -11.33423 1.000 20.45839 ? 25  LYS   A N   1 
ATOM   195 C CA  . LYS   A 1 26 ? 3.85355   2.79418   -10.76443 1.000 19.46140 ? 25  LYS   A CA  1 
ATOM   196 C C   . LYS   A 1 26 ? 4.09019   2.88280   -9.26200  1.000 20.46385 ? 25  LYS   A C   1 
ATOM   197 O O   . LYS   A 1 26 ? 4.92015   3.67385   -8.81005  1.000 20.75836 ? 25  LYS   A O   1 
ATOM   198 C CB  . LYS   A 1 26 ? 4.96266   1.94343   -11.41370 1.000 21.95267 ? 25  LYS   A CB  1 
ATOM   199 C CG  . LYS   A 1 26 ? 5.35208   0.71921   -10.61551 1.000 33.07015 ? 25  LYS   A CG  1 
ATOM   200 C CD  . LYS   A 1 26 ? 6.19489   -0.25921  -11.43383 1.000 39.66351 ? 25  LYS   A CD  1 
ATOM   201 C CE  . LYS   A 1 26 ? 7.52211   0.34801   -11.82777 1.000 42.25439 ? 25  LYS   A CE  1 
ATOM   202 N NZ  . LYS   A 1 26 ? 8.28316   -0.60615  -12.68286 1.000 51.21633 ? 25  LYS   A NZ  1 
ATOM   203 N N   . ILE   A 1 27 ? 3.34639   2.07711   -8.49618  1.000 22.11027 ? 26  ILE   A N   1 
ATOM   204 C CA  . ILE   A 1 27 ? 3.45492   2.01898   -7.03657  1.000 16.54102 ? 26  ILE   A CA  1 
ATOM   205 C C   . ILE   A 1 27 ? 4.18600   0.74188   -6.66038  1.000 19.28639 ? 26  ILE   A C   1 
ATOM   206 O O   . ILE   A 1 27 ? 3.78962   -0.34878  -7.07555  1.000 16.71421 ? 26  ILE   A O   1 
ATOM   207 C CB  . ILE   A 1 27 ? 2.07836   2.04916   -6.34793  1.000 17.32110 ? 26  ILE   A CB  1 
ATOM   208 C CG1 . ILE   A 1 27 ? 1.29103   3.30227   -6.69077  1.000 13.78271 ? 26  ILE   A CG1 1 
ATOM   209 C CG2 . ILE   A 1 27 ? 2.23709   1.96112   -4.80911  1.000 14.81759 ? 26  ILE   A CG2 1 
ATOM   210 C CD1 . ILE   A 1 27 ? -0.15917  3.20629   -6.18788  1.000 18.92155 ? 26  ILE   A CD1 1 
ATOM   211 N N   . THR   A 1 28 ? 5.23173   0.87135   -5.85292  1.000 16.39641 ? 27  THR   A N   1 
ATOM   212 C CA  . THR   A 1 28 ? 5.94931   -0.26260  -5.30392  1.000 16.97961 ? 27  THR   A CA  1 
ATOM   213 C C   . THR   A 1 28 ? 5.94565   -0.11802  -3.78462  1.000 12.14815 ? 27  THR   A C   1 
ATOM   214 O O   . THR   A 1 28 ? 5.47543   0.88435   -3.23873  1.000 14.86249 ? 27  THR   A O   1 
ATOM   215 C CB  . THR   A 1 28 ? 7.38203   -0.34006  -5.84198  1.000 18.46954 ? 27  THR   A CB  1 
ATOM   216 O OG1 . THR   A 1 28 ? 8.04268   0.90946   -5.62342  1.000 18.11339 ? 27  THR   A OG1 1 
ATOM   217 C CG2 . THR   A 1 28 ? 7.34349   -0.63345  -7.34879  1.000 18.65793 ? 27  THR   A CG2 1 
ATOM   218 N N   . GLU   A 1 29 ? 6.43115   -1.15483  -3.11109  1.000 13.50757 ? 28  GLU   A N   1 
ATOM   219 C CA  . GLU   A 1 29 ? 6.25496   -1.33106  -1.67645  1.000 11.85282 ? 28  GLU   A CA  1 
ATOM   220 C C   . GLU   A 1 29 ? 7.57059   -1.72638  -1.03858  1.000 11.80972 ? 28  GLU   A C   1 
ATOM   221 O O   . GLU   A 1 29 ? 8.26988   -2.60275  -1.55697  1.000 12.35984 ? 28  GLU   A O   1 
ATOM   222 C CB  . GLU   A 1 29 ? 5.18224   -2.41280  -1.41256  1.000 13.11981 ? 28  GLU   A CB  1 
ATOM   223 C CG  . GLU   A 1 29 ? 4.98951   -2.78159  0.04229   1.000 14.50383 ? 28  GLU   A CG  1 
ATOM   224 C CD  . GLU   A 1 29 ? 4.14271   -4.01935  0.20270   1.000 13.61277 ? 28  GLU   A CD  1 
ATOM   225 O OE1 . GLU   A 1 29 ? 4.40158   -5.00532  -0.52142  1.000 13.33432 ? 28  GLU   A OE1 1 
ATOM   226 O OE2 . GLU   A 1 29 ? 3.19914   -4.00519  1.02268   1.000 11.32694 ? 28  GLU   A OE2 1 
ATOM   227 N N   . ARG   A 1 30 ? 7.91536   -1.07120  0.07012   1.000 10.47513 ? 29  ARG   A N   1 
ATOM   228 C CA  . ARG   A 1 30 ? 9.09841   -1.42715  0.84043   1.000 13.09571 ? 29  ARG   A CA  1 
ATOM   229 C C   . ARG   A 1 30 ? 8.64424   -1.78167  2.24247   1.000 12.52917 ? 29  ARG   A C   1 
ATOM   230 O O   . ARG   A 1 30 ? 7.66224   -1.23319  2.73917   1.000 13.55849 ? 29  ARG   A O   1 
ATOM   231 C CB  . ARG   A 1 30 ? 10.11287  -0.28447  0.85971   1.000 11.08477 ? 29  ARG   A CB  1 
ATOM   232 C CG  . ARG   A 1 30 ? 10.68186  -0.03684  -0.52966  1.000 13.77601 ? 29  ARG   A CG  1 
ATOM   233 C CD  . ARG   A 1 30 ? 11.75746  -1.08331  -0.87134  1.000 15.43009 ? 29  ARG   A CD  1 
ATOM   234 N NE  . ARG   A 1 30 ? 13.03083  -0.77668  -0.21680  1.000 12.92838 ? 29  ARG   A NE  1 
ATOM   235 C CZ  . ARG   A 1 30 ? 14.14995  -1.48762  -0.35258  1.000 17.10802 ? 29  ARG   A CZ  1 
ATOM   236 N NH1 . ARG   A 1 30 ? 14.17031  -2.65123  -1.00324  1.000 14.34822 ? 29  ARG   A NH1 1 
ATOM   237 N NH2 . ARG   A 1 30 ? 15.27706  -1.02218  0.17947   1.000 16.47736 ? 29  ARG   A NH2 1 
ATOM   238 N N   . CYS   A 1 31 ? 9.37943   -2.67748  2.88113   1.000 13.10134 ? 30  CYS   A N   1 
ATOM   239 C CA  . CYS   A 1 31 ? 8.95128   -3.36504  4.08689   1.000 12.31075 ? 30  CYS   A CA  1 
ATOM   240 C C   . CYS   A 1 31 ? 10.07065  -3.31820  5.09536   1.000 12.81529 ? 30  CYS   A C   1 
ATOM   241 O O   . CYS   A 1 31 ? 11.22322  -3.58024  4.74108   1.000 13.49634 ? 30  CYS   A O   1 
ATOM   242 C CB  . CYS   A 1 31 ? 8.68592   -4.84409  3.77545   1.000 13.24556 ? 30  CYS   A CB  1 
ATOM   243 S SG  . CYS   A 1 31 ? 7.52343   -5.14707  2.41625   1.000 13.27574 ? 30  CYS   A SG  1 
ATOM   244 N N   . TRP   A 1 32 ? 9.73026   -3.06195  6.35121   1.000 12.57446 ? 31  TRP   A N   1 
ATOM   245 C CA  . TRP   A 1 32 ? 10.68200  -3.17669  7.45127   1.000 12.44817 ? 31  TRP   A CA  1 
ATOM   246 C C   . TRP   A 1 32 ? 10.11028  -4.06226  8.54050   1.000 15.03832 ? 31  TRP   A C   1 
ATOM   247 O O   . TRP   A 1 32 ? 8.92364   -3.98726  8.84965   1.000 16.73346 ? 31  TRP   A O   1 
ATOM   248 C CB  . TRP   A 1 32 ? 11.07569  -1.78762  7.99579   1.000 14.91679 ? 31  TRP   A CB  1 
ATOM   249 C CG  . TRP   A 1 32 ? 12.33221  -1.80914  8.78334   1.000 15.92450 ? 31  TRP   A CG  1 
ATOM   250 C CD1 . TRP   A 1 32 ? 13.62266  -1.69550  8.31920   1.000 13.32273 ? 31  TRP   A CD1 1 
ATOM   251 C CD2 . TRP   A 1 32 ? 12.41868  -1.91145  10.19094  1.000 20.78650 ? 31  TRP   A CD2 1 
ATOM   252 N NE1 . TRP   A 1 32 ? 14.51268  -1.78004  9.36766   1.000 23.88148 ? 31  TRP   A NE1 1 
ATOM   253 C CE2 . TRP   A 1 32 ? 13.78660  -1.89672  10.53194  1.000 22.11802 ? 31  TRP   A CE2 1 
ATOM   254 C CE3 . TRP   A 1 32 ? 11.46241  -2.02099  11.20651  1.000 17.70683 ? 31  TRP   A CE3 1 
ATOM   255 C CZ2 . TRP   A 1 32 ? 14.22768  -1.98816  11.85343  1.000 19.03029 ? 31  TRP   A CZ2 1 
ATOM   256 C CZ3 . TRP   A 1 32 ? 11.88592  -2.11002  12.49507  1.000 22.03869 ? 31  TRP   A CZ3 1 
ATOM   257 C CH2 . TRP   A 1 32 ? 13.27072  -2.08369  12.82267  1.000 25.53635 ? 31  TRP   A CH2 1 
ATOM   258 N N   . ASP   A 1 33 ? 10.94604  -4.94307  9.10107   1.000 16.21307 ? 32  ASP   A N   1 
ATOM   259 C CA  . ASP   A 1 33 ? 10.44762  -5.75227  10.20387  1.000 20.62937 ? 32  ASP   A CA  1 
ATOM   260 C C   . ASP   A 1 33 ? 11.57399  -6.15479  11.14749  1.000 22.24818 ? 32  ASP   A C   1 
ATOM   261 O O   . ASP   A 1 33 ? 11.61779  -7.28906  11.63708  1.000 20.07973 ? 32  ASP   A O   1 
ATOM   262 C CB  . ASP   A 1 33 ? 9.69383   -6.98878  9.71280   1.000 19.16713 ? 32  ASP   A CB  1 
ATOM   263 C CG  . ASP   A 1 33 ? 8.93596   -7.63313  10.82381  1.000 28.05019 ? 32  ASP   A CG  1 
ATOM   264 O OD1 . ASP   A 1 33 ? 8.45656   -6.86026  11.67975  1.000 28.26699 ? 32  ASP   A OD1 1 
ATOM   265 O OD2 . ASP   A 1 33 ? 8.84409   -8.86264  10.88557  1.000 28.86327 ? 32  ASP   A OD2 1 
ATOM   266 N N   . GLY   A 1 34 ? 12.46951  -5.22019  11.44686  1.000 19.72760 ? 33  GLY   A N   1 
ATOM   267 C CA  . GLY   A 1 34 ? 13.43645  -5.39237  12.51272  1.000 24.49152 ? 33  GLY   A CA  1 
ATOM   268 C C   . GLY   A 1 34 ? 14.87496  -5.39660  12.07015  1.000 25.29435 ? 33  GLY   A C   1 
ATOM   269 O O   . GLY   A 1 34 ? 15.76729  -5.20131  12.90400  1.000 23.85425 ? 33  GLY   A O   1 
ATOM   270 N N   . LYS   A 1 35 ? 15.14397  -5.61319  10.78836  1.000 17.89672 ? 34  LYS   A N   1 
ATOM   271 C CA  . LYS   A 1 35 ? 16.51387  -5.76872  10.35035  1.000 25.16169 ? 34  LYS   A CA  1 
ATOM   272 C C   . LYS   A 1 35 ? 16.74370  -4.68224  9.31687   1.000 26.16567 ? 34  LYS   A C   1 
ATOM   273 O O   . LYS   A 1 35 ? 17.05805  -3.53691  9.68019   1.000 28.81532 ? 34  LYS   A O   1 
ATOM   274 C CB  . LYS   A 1 35 ? 16.76300  -7.19215  9.84142   1.000 29.30551 ? 34  LYS   A CB  1 
ATOM   275 C CG  . LYS   A 1 35 ? 16.94549  -8.20087  10.97789  1.000 33.10197 ? 34  LYS   A CG  1 
ATOM   276 C CD  . LYS   A 1 35 ? 17.63936  -7.63612  12.25052  1.000 44.34370 ? 34  LYS   A CD  1 
ATOM   277 C CE  . LYS   A 1 35 ? 19.11871  -7.34158  12.09703  1.000 34.50056 ? 34  LYS   A CE  1 
ATOM   278 N NZ  . LYS   A 1 35 ? 19.85097  -7.58076  13.39276  1.000 31.63074 ? 34  LYS   A NZ  1 
ATOM   279 N N   . GLY   A 1 36 ? 16.56404  -4.97815  8.02784   1.000 19.11011 ? 35  GLY   A N   1 
ATOM   280 C CA  . GLY   A 1 36 ? 16.69759  -3.99215  6.98660   1.000 16.97553 ? 35  GLY   A CA  1 
ATOM   281 C C   . GLY   A 1 36 ? 15.42479  -3.89089  6.16168   1.000 17.61489 ? 35  GLY   A C   1 
ATOM   282 O O   . GLY   A 1 36 ? 14.46656  -4.65553  6.32863   1.000 15.23574 ? 35  GLY   A O   1 
ATOM   283 N N   . TRP   A 1 37 ? 15.43366  -2.93198  5.25574   1.000 12.17960 ? 36  TRP   A N   1 
ATOM   284 C CA  . TRP   A 1 37 ? 14.29209  -2.77408  4.37532   1.000 10.00863 ? 36  TRP   A CA  1 
ATOM   285 C C   . TRP   A 1 37 ? 14.39543  -3.73946  3.21546   1.000 14.67090 ? 36  TRP   A C   1 
ATOM   286 O O   . TRP   A 1 37 ? 15.48813  -4.02142  2.70441   1.000 12.91144 ? 36  TRP   A O   1 
ATOM   287 C CB  . TRP   A 1 37 ? 14.21052  -1.33913  3.84057   1.000 13.57072 ? 36  TRP   A CB  1 
ATOM   288 C CG  . TRP   A 1 37 ? 13.81555  -0.33653  4.88687   1.000 10.73517 ? 36  TRP   A CG  1 
ATOM   289 C CD1 . TRP   A 1 37 ? 14.63228  0.31749   5.75412   1.000 14.41715 ? 36  TRP   A CD1 1 
ATOM   290 C CD2 . TRP   A 1 37 ? 12.48445  0.11753   5.15775   1.000 10.95828 ? 36  TRP   A CD2 1 
ATOM   291 N NE1 . TRP   A 1 37 ? 13.89620  1.15413   6.56882   1.000 11.65674 ? 36  TRP   A NE1 1 
ATOM   292 C CE2 . TRP   A 1 37 ? 12.56208  1.02881   6.23399   1.000 11.34804 ? 36  TRP   A CE2 1 
ATOM   293 C CE3 . TRP   A 1 37 ? 11.23028  -0.20085  4.62329   1.000 13.88366 ? 36  TRP   A CE3 1 
ATOM   294 C CZ2 . TRP   A 1 37 ? 11.43921  1.67016   6.75165   1.000 10.54834 ? 36  TRP   A CZ2 1 
ATOM   295 C CZ3 . TRP   A 1 37 ? 10.12759  0.42257   5.13041   1.000 11.46318 ? 36  TRP   A CZ3 1 
ATOM   296 C CH2 . TRP   A 1 37 ? 10.21679  1.33492   6.19277   1.000 11.61809 ? 36  TRP   A CH2 1 
ATOM   297 N N   . TYR   A 1 38 ? 13.24217  -4.22920  2.77925   1.000 12.27090 ? 37  TYR   A N   1 
ATOM   298 C CA  . TYR   A 1 38 ? 13.22441  -5.10554  1.61943   1.000 14.45549 ? 37  TYR   A CA  1 
ATOM   299 C C   . TYR   A 1 38 ? 11.96682  -4.83856  0.79351   1.000 11.81119 ? 37  TYR   A C   1 
ATOM   300 O O   . TYR   A 1 38 ? 11.00620  -4.21298  1.25327   1.000 13.15764 ? 37  TYR   A O   1 
ATOM   301 C CB  . TYR   A 1 38 ? 13.30747  -6.56513  2.06181   1.000 12.21485 ? 37  TYR   A CB  1 
ATOM   302 C CG  . TYR   A 1 38 ? 12.18986  -6.99788  2.99438   1.000 13.14510 ? 37  TYR   A CG  1 
ATOM   303 C CD1 . TYR   A 1 38 ? 12.30242  -6.84785  4.39216   1.000 15.89938 ? 37  TYR   A CD1 1 
ATOM   304 C CD2 . TYR   A 1 38 ? 11.02974  -7.59023  2.48742   1.000 13.04734 ? 37  TYR   A CD2 1 
ATOM   305 C CE1 . TYR   A 1 38 ? 11.27169  -7.27994  5.24691   1.000 12.98895 ? 37  TYR   A CE1 1 
ATOM   306 C CE2 . TYR   A 1 38 ? 10.02379  -8.01847  3.32301   1.000 18.96158 ? 37  TYR   A CE2 1 
ATOM   307 C CZ  . TYR   A 1 38 ? 10.14769  -7.86722  4.69290   1.000 16.61274 ? 37  TYR   A CZ  1 
ATOM   308 O OH  . TYR   A 1 38 ? 9.11980   -8.29738  5.48914   1.000 24.72858 ? 37  TYR   A OH  1 
ATOM   309 N N   . THR   A 1 39 ? 11.95509  -5.34163  -0.43707  1.000 13.86403 ? 38  THR   A N   1 
ATOM   310 C CA  . THR   A 1 39 ? 10.87438  -4.99225  -1.35372  1.000 14.46504 ? 38  THR   A CA  1 
ATOM   311 C C   . THR   A 1 39 ? 9.71513   -5.96331  -1.16556  1.000 17.16438 ? 38  THR   A C   1 
ATOM   312 O O   . THR   A 1 39 ? 9.91265   -7.16626  -0.97404  1.000 13.79889 ? 38  THR   A O   1 
ATOM   313 C CB  . THR   A 1 39 ? 11.41739  -4.97834  -2.78104  1.000 16.46537 ? 38  THR   A CB  1 
ATOM   314 O OG1 . THR   A 1 39 ? 12.39401  -3.92177  -2.89525  1.000 14.60689 ? 38  THR   A OG1 1 
ATOM   315 C CG2 . THR   A 1 39 ? 10.32895  -4.80613  -3.82186  1.000 17.22460 ? 38  THR   A CG2 1 
ATOM   316 N N   . GLY   A 1 40 ? 8.50008   -5.42204  -1.13233  1.000 13.80545 ? 39  GLY   A N   1 
ATOM   317 C CA  . GLY   A 1 40 ? 7.31961   -6.23034  -0.94600  1.000 10.66120 ? 39  GLY   A CA  1 
ATOM   318 C C   . GLY   A 1 40 ? 6.66768   -6.63286  -2.25311  1.000 17.07975 ? 39  GLY   A C   1 
ATOM   319 O O   . GLY   A 1 40 ? 7.06118   -6.22918  -3.34604  1.000 12.45663 ? 39  GLY   A O   1 
ATOM   320 N N   . ALA   A 1 41 ? 5.62020   -7.45033  -2.11832  1.000 15.01381 ? 40  ALA   A N   1 
ATOM   321 C CA  . ALA   A 1 41 ? 4.95588   -8.02017  -3.28809  1.000 11.05635 ? 40  ALA   A CA  1 
ATOM   322 C C   . ALA   A 1 41 ? 4.07458   -7.01008  -4.01068  1.000 14.48792 ? 40  ALA   A C   1 
ATOM   323 O O   . ALA   A 1 41 ? 3.76010   -7.22090  -5.19153  1.000 14.95427 ? 40  ALA   A O   1 
ATOM   324 C CB  . ALA   A 1 41 ? 4.08076   -9.21399  -2.87299  1.000 17.64921 ? 40  ALA   A CB  1 
ATOM   325 N N   . PHE   A 1 42 ? 3.65940   -5.92303  -3.34329  1.000 13.25008 ? 41  PHE   A N   1 
ATOM   326 C CA  . PHE   A 1 42 ? 2.72376   -4.99913  -3.97838  1.000 15.57543 ? 41  PHE   A CA  1 
ATOM   327 C C   . PHE   A 1 42 ? 3.38717   -4.25842  -5.14015  1.000 16.74597 ? 41  PHE   A C   1 
ATOM   328 O O   . PHE   A 1 42 ? 4.39836   -3.56788  -4.96023  1.000 16.72978 ? 41  PHE   A O   1 
ATOM   329 C CB  . PHE   A 1 42 ? 2.15547   -3.99379  -2.96798  1.000 12.56664 ? 41  PHE   A CB  1 
ATOM   330 C CG  . PHE   A 1 42 ? 1.11004   -3.10372  -3.56660  1.000 14.81555 ? 41  PHE   A CG  1 
ATOM   331 C CD1 . PHE   A 1 42 ? -0.19427  -3.54954  -3.67361  1.000 21.58039 ? 41  PHE   A CD1 1 
ATOM   332 C CD2 . PHE   A 1 42 ? 1.43564   -1.87184  -4.08336  1.000 12.85400 ? 41  PHE   A CD2 1 
ATOM   333 C CE1 . PHE   A 1 42 ? -1.16534  -2.74017  -4.24737  1.000 22.55768 ? 41  PHE   A CE1 1 
ATOM   334 C CE2 . PHE   A 1 42 ? 0.47639   -1.05914  -4.65911  1.000 10.13716 ? 41  PHE   A CE2 1 
ATOM   335 C CZ  . PHE   A 1 42 ? -0.82716  -1.49178  -4.72070  1.000 15.57736 ? 41  PHE   A CZ  1 
ATOM   336 N N   . ASN   A 1 43 ? 2.76567   -4.33962  -6.32133  1.000 15.31106 ? 42  ASN   A N   1 
ATOM   337 C CA  . ASN   A 1 43 ? 3.28651   -3.63223  -7.48516  1.000 17.08246 ? 42  ASN   A CA  1 
ATOM   338 C C   . ASN   A 1 43 ? 2.10586   -3.42559  -8.42928  1.000 19.85661 ? 42  ASN   A C   1 
ATOM   339 O O   . ASN   A 1 43 ? 1.66908   -4.37717  -9.08236  1.000 21.80191 ? 42  ASN   A O   1 
ATOM   340 C CB  . ASN   A 1 43 ? 4.41286   -4.44401  -8.11537  1.000 18.82794 ? 42  ASN   A CB  1 
ATOM   341 C CG  . ASN   A 1 43 ? 5.13098   -3.70831  -9.21562  1.000 22.81077 ? 42  ASN   A CG  1 
ATOM   342 O OD1 . ASN   A 1 43 ? 4.50375   -3.13446  -10.11476 1.000 23.70572 ? 42  ASN   A OD1 1 
ATOM   343 N ND2 . ASN   A 1 43 ? 6.46689   -3.71350  -9.15293  1.000 21.33899 ? 42  ASN   A ND2 1 
ATOM   344 N N   . GLU   A 1 44 ? 1.58467   -2.20487  -8.47282  1.000 16.77825 ? 43  GLU   A N   1 
ATOM   345 C CA  . GLU   A 1 44 ? 0.40221   -1.88407  -9.25722  1.000 18.05767 ? 43  GLU   A CA  1 
ATOM   346 C C   . GLU   A 1 44 ? 0.51239   -0.46886  -9.80702  1.000 14.86873 ? 43  GLU   A C   1 
ATOM   347 O O   . GLU   A 1 44 ? 1.17647   0.39167   -9.21647  1.000 16.09086 ? 43  GLU   A O   1 
ATOM   348 C CB  . GLU   A 1 44 ? -0.88903  -2.02529  -8.42231  1.000 16.37295 ? 43  GLU   A CB  1 
ATOM   349 C CG  . GLU   A 1 44 ? -1.11132  -3.41871  -7.84176  1.000 16.73837 ? 43  GLU   A CG  1 
ATOM   350 C CD  . GLU   A 1 44 ? -1.33722  -4.50374  -8.87452  1.000 25.38170 ? 43  GLU   A CD  1 
ATOM   351 O OE1 . GLU   A 1 44 ? -1.59155  -4.17697  -10.05379 1.000 22.36652 ? 43  GLU   A OE1 1 
ATOM   352 O OE2 . GLU   A 1 44 ? -1.25431  -5.69760  -8.50203  1.000 22.37187 ? 43  GLU   A OE2 1 
ATOM   353 N N   . PRO   A 1 45 ? -0.18528  -0.17641  -10.90558 1.000 18.52734 ? 44  PRO   A N   1 
ATOM   354 C CA  . PRO   A 1 45 ? -0.15545  1.18729   -11.44620 1.000 17.58307 ? 44  PRO   A CA  1 
ATOM   355 C C   . PRO   A 1 45 ? -0.79445  2.18859   -10.49622 1.000 19.90199 ? 44  PRO   A C   1 
ATOM   356 O O   . PRO   A 1 45 ? -1.77656  1.89150   -9.81139  1.000 18.99485 ? 44  PRO   A O   1 
ATOM   357 C CB  . PRO   A 1 45 ? -0.97769  1.07438   -12.73874 1.000 23.57159 ? 44  PRO   A CB  1 
ATOM   358 C CG  . PRO   A 1 45 ? -1.03216  -0.36636  -13.04563 1.000 23.73345 ? 44  PRO   A CG  1 
ATOM   359 C CD  . PRO   A 1 45 ? -1.00466  -1.07380  -11.73329 1.000 23.68708 ? 44  PRO   A CD  1 
ATOM   360 N N   . GLY   A 1 46 ? -0.26317  3.40469   -10.50989 1.000 18.63890 ? 45  GLY   A N   1 
ATOM   361 C CA  . GLY   A 1 46 ? -0.83386  4.48719   -9.72820  1.000 18.85074 ? 45  GLY   A CA  1 
ATOM   362 C C   . GLY   A 1 46 ? 0.03453   5.73219   -9.68167  1.000 19.43366 ? 45  GLY   A C   1 
ATOM   363 O O   . GLY   A 1 46 ? 1.26447   5.65119   -9.58066  1.000 21.03153 ? 45  GLY   A O   1 
ATOM   364 N N   . ASP   A 1 47 ? -0.59656  6.90140   -9.75493  1.000 20.84847 ? 46  ASP   A N   1 
ATOM   365 C CA  . ASP   A 1 47 ? 0.09230   8.16873   -9.59202  1.000 20.48583 ? 46  ASP   A CA  1 
ATOM   366 C C   . ASP   A 1 47 ? -0.03720  8.72849   -8.18458  1.000 18.38921 ? 46  ASP   A C   1 
ATOM   367 O O   . ASP   A 1 47 ? 0.77741   9.56547   -7.79205  1.000 21.88459 ? 46  ASP   A O   1 
ATOM   368 C CB  . ASP   A 1 47 ? -0.45342  9.22089   -10.56541 1.000 20.65565 ? 46  ASP   A CB  1 
ATOM   369 C CG  . ASP   A 1 47 ? -0.17061  8.89357   -12.02961 1.000 26.67358 ? 46  ASP   A CG  1 
ATOM   370 O OD1 . ASP   A 1 47 ? 1.00551   8.75581   -12.40124 1.000 29.15005 ? 46  ASP   A OD1 1 
ATOM   371 O OD2 . ASP   A 1 47 ? -1.14655  8.77529   -12.80891 1.000 27.58547 ? 46  ASP   A OD2 1 
ATOM   372 N N   . ASN   A 1 48 ? -1.06523  8.32197   -7.44820  1.000 20.76604 ? 47  ASN   A N   1 
ATOM   373 C CA  A ASN   A 1 48 ? -1.28054  8.71186   -6.06166  0.500 17.13596 ? 47  ASN   A CA  1 
ATOM   374 C CA  B ASN   A 1 48 ? -1.20936  8.69979   -6.04829  0.500 17.09476 ? 47  ASN   A CA  1 
ATOM   375 C C   . ASN   A 1 48 ? -1.65410  7.47044   -5.26284  1.000 15.59989 ? 47  ASN   A C   1 
ATOM   376 O O   . ASN   A 1 48 ? -2.27971  6.54835   -5.79581  1.000 14.99742 ? 47  ASN   A O   1 
ATOM   377 C CB  A ASN   A 1 48 ? -2.39178  9.77486   -5.94467  0.500 17.73551 ? 47  ASN   A CB  1 
ATOM   378 C CB  B ASN   A 1 48 ? -2.20426  9.87793   -5.83386  0.500 17.74080 ? 47  ASN   A CB  1 
ATOM   379 C CG  A ASN   A 1 48 ? -2.85699  9.97481   -4.52376  0.500 15.32492 ? 47  ASN   A CG  1 
ATOM   380 C CG  B ASN   A 1 48 ? -1.63374  11.25785  -6.25856  0.500 18.94986 ? 47  ASN   A CG  1 
ATOM   381 O OD1 A ASN   A 1 48 ? -3.83580  9.36422   -4.07836  0.500 13.72648 ? 47  ASN   A OD1 1 
ATOM   382 O OD1 B ASN   A 1 48 ? -0.48421  11.62308  -5.95159  0.500 15.01670 ? 47  ASN   A OD1 1 
ATOM   383 N ND2 A ASN   A 1 48 ? -2.15780  10.84248  -3.79542  0.500 19.38481 ? 47  ASN   A ND2 1 
ATOM   384 N ND2 B ASN   A 1 48 ? -2.47145  12.04793  -6.92666  0.500 20.25616 ? 47  ASN   A ND2 1 
ATOM   385 N N   . VAL   A 1 49 ? -1.30091  7.45370   -3.97611  1.000 17.24040 ? 48  VAL   A N   1 
ATOM   386 C CA  . VAL   A 1 49 ? -1.50085  6.26997   -3.14544  1.000 12.48057 ? 48  VAL   A CA  1 
ATOM   387 C C   . VAL   A 1 49 ? -1.86682  6.69668   -1.73835  1.000 13.71906 ? 48  VAL   A C   1 
ATOM   388 O O   . VAL   A 1 49 ? -1.36425  7.71125   -1.24047  1.000 13.27298 ? 48  VAL   A O   1 
ATOM   389 C CB  . VAL   A 1 49 ? -0.24303  5.36247   -3.13469  1.000 10.90723 ? 48  VAL   A CB  1 
ATOM   390 C CG1 . VAL   A 1 49 ? 1.00040   6.10351   -2.54069  1.000 12.65655 ? 48  VAL   A CG1 1 
ATOM   391 C CG2 . VAL   A 1 49 ? -0.53718  4.10837   -2.35601  1.000 13.72962 ? 48  VAL   A CG2 1 
ATOM   392 N N   . SER   A 1 50 ? -2.78467  5.95172   -1.11584  1.000 10.23126 ? 49  SER   A N   1 
ATOM   393 C CA  . SER   A 1 50 ? -3.00247  6.05879   0.32250   1.000 11.49811 ? 49  SER   A CA  1 
ATOM   394 C C   . SER   A 1 50 ? -3.18155  4.64757   0.86533   1.000 8.63653  ? 49  SER   A C   1 
ATOM   395 O O   . SER   A 1 50 ? -3.34396  3.68495   0.09909   1.000 12.66753 ? 49  SER   A O   1 
ATOM   396 C CB  . SER   A 1 50 ? -4.21622  6.95573   0.67333   1.000 9.83210  ? 49  SER   A CB  1 
ATOM   397 O OG  . SER   A 1 50 ? -5.40522  6.41807   0.13426   1.000 13.83638 ? 49  SER   A OG  1 
ATOM   398 N N   . VAL   A 1 51 ? -3.10734  4.50891   2.19468   1.000 9.82656  ? 50  VAL   A N   1 
ATOM   399 C CA  . VAL   A 1 51 ? -3.13133  3.17902   2.79987   1.000 9.93688  ? 50  VAL   A CA  1 
ATOM   400 C C   . VAL   A 1 51 ? -3.76583  3.24832   4.18323   1.000 11.46169 ? 50  VAL   A C   1 
ATOM   401 O O   . VAL   A 1 51 ? -3.69677  4.26800   4.88095   1.000 11.42707 ? 50  VAL   A O   1 
ATOM   402 C CB  . VAL   A 1 51 ? -1.70375  2.56973   2.86095   1.000 11.00922 ? 50  VAL   A CB  1 
ATOM   403 C CG1 . VAL   A 1 51 ? -0.78311  3.33918   3.80895   1.000 13.24367 ? 50  VAL   A CG1 1 
ATOM   404 C CG2 . VAL   A 1 51 ? -1.77195  1.06434   3.19967   1.000 13.17207 ? 50  VAL   A CG2 1 
ATOM   405 N N   . THR   A 1 52 ? -4.40168  2.14727   4.57541   1.000 10.74746 ? 51  THR   A N   1 
ATOM   406 C CA  . THR   A 1 52 ? -4.82222  1.94078   5.94994   1.000 12.31686 ? 51  THR   A CA  1 
ATOM   407 C C   . THR   A 1 52 ? -4.70924  0.45070   6.23092   1.000 12.29526 ? 51  THR   A C   1 
ATOM   408 O O   . THR   A 1 52 ? -4.69845  -0.37946  5.30834   1.000 13.53875 ? 51  THR   A O   1 
ATOM   409 C CB  . THR   A 1 52 ? -6.25592  2.45874   6.19692   1.000 11.13358 ? 51  THR   A CB  1 
ATOM   410 O OG1 . THR   A 1 52 ? -6.51929  2.42725   7.60471   1.000 12.01775 ? 51  THR   A OG1 1 
ATOM   411 C CG2 . THR   A 1 52 ? -7.28657  1.58969   5.46493   1.000 10.66338 ? 51  THR   A CG2 1 
ATOM   412 N N   . SER   A 1 53 ? -4.54907  0.11111   7.50178   1.000 14.54732 ? 52  SER   A N   1 
ATOM   413 C CA  . SER   A 1 53 ? -4.39125  -1.29762  7.83612   1.000 12.51393 ? 52  SER   A CA  1 
ATOM   414 C C   . SER   A 1 53 ? -5.04500  -1.52578  9.18507   1.000 13.73610 ? 52  SER   A C   1 
ATOM   415 O O   . SER   A 1 53 ? -5.31032  -0.57926  9.92189   1.000 14.01433 ? 52  SER   A O   1 
ATOM   416 C CB  . SER   A 1 53 ? -2.91403  -1.72401  7.84967   1.000 12.28378 ? 52  SER   A CB  1 
ATOM   417 O OG  . SER   A 1 53 ? -2.21077  -1.03216  8.88423   1.000 15.08533 ? 52  SER   A OG  1 
ATOM   418 N N   . TRP   A 1 54 ? -5.40159  -2.78311  9.44443   1.000 14.63497 ? 53  TRP   A N   1 
ATOM   419 C CA  . TRP   A 1 54 ? -5.99861  -3.16420  10.71696  1.000 17.00491 ? 53  TRP   A CA  1 
ATOM   420 C C   . TRP   A 1 54 ? -5.65321  -4.61514  10.99291  1.000 16.42426 ? 53  TRP   A C   1 
ATOM   421 O O   . TRP   A 1 54 ? -5.30549  -5.37612  10.08490  1.000 18.28415 ? 53  TRP   A O   1 
ATOM   422 C CB  . TRP   A 1 54 ? -7.53040  -3.00763  10.74110  1.000 16.31919 ? 53  TRP   A CB  1 
ATOM   423 C CG  . TRP   A 1 54 ? -8.23266  -3.91170  9.79134   1.000 14.89335 ? 53  TRP   A CG  1 
ATOM   424 C CD1 . TRP   A 1 54 ? -8.70615  -5.16418  10.04126  1.000 17.52667 ? 53  TRP   A CD1 1 
ATOM   425 C CD2 . TRP   A 1 54 ? -8.53600  -3.63015  8.42697   1.000 13.43115 ? 53  TRP   A CD2 1 
ATOM   426 N NE1 . TRP   A 1 54 ? -9.26416  -5.68500  8.91197   1.000 17.48797 ? 53  TRP   A NE1 1 
ATOM   427 C CE2 . TRP   A 1 54 ? -9.18330  -4.76070  7.90274   1.000 15.23518 ? 53  TRP   A CE2 1 
ATOM   428 C CE3 . TRP   A 1 54 ? -8.30608  -2.53184  7.59260   1.000 12.96957 ? 53  TRP   A CE3 1 
ATOM   429 C CZ2 . TRP   A 1 54 ? -9.61726  -4.83204  6.57827   1.000 17.32344 ? 53  TRP   A CZ2 1 
ATOM   430 C CZ3 . TRP   A 1 54 ? -8.73986  -2.59388  6.28263   1.000 10.71122 ? 53  TRP   A CZ3 1 
ATOM   431 C CH2 . TRP   A 1 54 ? -9.39194  -3.74064  5.78075   1.000 14.71536 ? 53  TRP   A CH2 1 
ATOM   432 N N   . LEU   A 1 55 ? -5.77180  -4.99089  12.26299  1.000 20.39378 ? 54  LEU   A N   1 
ATOM   433 C CA  . LEU   A 1 55 ? -5.44743  -6.32881  12.72263  1.000 19.97479 ? 54  LEU   A CA  1 
ATOM   434 C C   . LEU   A 1 55 ? -6.72445  -7.05155  13.10308  1.000 26.42930 ? 54  LEU   A C   1 
ATOM   435 O O   . LEU   A 1 55 ? -7.66622  -6.43751  13.62159  1.000 26.70861 ? 54  LEU   A O   1 
ATOM   436 C CB  . LEU   A 1 55 ? -4.50971  -6.27913  13.92516  1.000 21.43146 ? 54  LEU   A CB  1 
ATOM   437 C CG  . LEU   A 1 55 ? -3.09378  -5.81040  13.61081  1.000 20.68560 ? 54  LEU   A CG  1 
ATOM   438 C CD1 . LEU   A 1 55 ? -2.45265  -5.32368  14.88383  1.000 30.27658 ? 54  LEU   A CD1 1 
ATOM   439 C CD2 . LEU   A 1 55 ? -2.28331  -6.93958  13.02657  1.000 23.56301 ? 54  LEU   A CD2 1 
ATOM   440 N N   . VAL   A 1 56 ? -6.76348  -8.33864  12.78391  1.000 31.04562 ? 55  VAL   A N   1 
ATOM   441 C CA  . VAL   A 1 56 ? -7.72628  -9.28520  13.33331  1.000 33.64675 ? 55  VAL   A CA  1 
ATOM   442 C C   . VAL   A 1 56 ? -6.88928  -10.28134 14.11792  1.000 26.65461 ? 55  VAL   A C   1 
ATOM   443 O O   . VAL   A 1 56 ? -6.20859  -11.13013 13.53903  1.000 29.40747 ? 55  VAL   A O   1 
ATOM   444 C CB  . VAL   A 1 56 ? -8.56253  -9.97174  12.25323  1.000 30.84685 ? 55  VAL   A CB  1 
ATOM   445 C CG1 . VAL   A 1 56 ? -9.53492  -10.94407 12.89392  1.000 40.04093 ? 55  VAL   A CG1 1 
ATOM   446 C CG2 . VAL   A 1 56 ? -9.34705  -8.93062  11.47975  1.000 32.20362 ? 55  VAL   A CG2 1 
ATOM   447 N N   . GLY   A 1 57 ? -6.88699  -10.13995 15.43556  1.000 35.17894 ? 56  GLY   A N   1 
ATOM   448 C CA  . GLY   A 1 57 ? -5.95532  -10.89852 16.23482  1.000 28.23500 ? 56  GLY   A CA  1 
ATOM   449 C C   . GLY   A 1 57 ? -4.55290  -10.46461 15.89765  1.000 31.91769 ? 56  GLY   A C   1 
ATOM   450 O O   . GLY   A 1 57 ? -4.19073  -9.30433  16.13163  1.000 34.56911 ? 56  GLY   A O   1 
ATOM   451 N N   . SER   A 1 58 ? -3.76270  -11.38842 15.34202  1.000 29.90099 ? 57  SER   A N   1 
ATOM   452 C CA  . SER   A 1 58 ? -2.39390  -11.12031 14.92931  1.000 30.01312 ? 57  SER   A CA  1 
ATOM   453 C C   . SER   A 1 58 ? -2.25064  -11.05931 13.42097  1.000 35.50974 ? 57  SER   A C   1 
ATOM   454 O O   . SER   A 1 58 ? -1.13056  -10.99425 12.91717  1.000 35.46233 ? 57  SER   A O   1 
ATOM   455 C CB  . SER   A 1 58 ? -1.45046  -12.19328 15.47660  1.000 37.67135 ? 57  SER   A CB  1 
ATOM   456 O OG  . SER   A 1 58 ? -1.47479  -12.20578 16.89049  1.000 48.11731 ? 57  SER   A OG  1 
ATOM   457 N N   . ALA   A 1 59 ? -3.35014  -11.11493 12.68872  1.000 29.37539 ? 58  ALA   A N   1 
ATOM   458 C CA  . ALA   A 1 59 ? -3.31957  -11.15187 11.23631  1.000 24.34095 ? 58  ALA   A CA  1 
ATOM   459 C C   . ALA   A 1 59 ? -3.54209  -9.74626  10.70757  1.000 25.05431 ? 58  ALA   A C   1 
ATOM   460 O O   . ALA   A 1 59 ? -4.50446  -9.08563  11.09958  1.000 24.40310 ? 58  ALA   A O   1 
ATOM   461 C CB  . ALA   A 1 59 ? -4.40017  -12.08872 10.69160  1.000 23.31886 ? 58  ALA   A CB  1 
ATOM   462 N N   . ILE   A 1 60 ? -2.66190  -9.30452  9.81508   1.000 23.08007 ? 59  ILE   A N   1 
ATOM   463 C CA  . ILE   A 1 60 ? -2.71386  -7.94837  9.28649   1.000 17.43639 ? 59  ILE   A CA  1 
ATOM   464 C C   . ILE   A 1 60 ? -3.54846  -7.92953  8.01762   1.000 17.63935 ? 59  ILE   A C   1 
ATOM   465 O O   . ILE   A 1 60 ? -3.47638  -8.84145  7.18217   1.000 17.59873 ? 59  ILE   A O   1 
ATOM   466 C CB  . ILE   A 1 60 ? -1.28600  -7.41455  9.02589   1.000 16.68104 ? 59  ILE   A CB  1 
ATOM   467 C CG1 . ILE   A 1 60 ? -1.33068  -5.91531  8.67259   1.000 16.76842 ? 59  ILE   A CG1 1 
ATOM   468 C CG2 . ILE   A 1 60 ? -0.56881  -8.22518  7.97007   1.000 19.02005 ? 59  ILE   A CG2 1 
ATOM   469 C CD1 . ILE   A 1 60 ? -1.84923  -5.01700  9.80284   1.000 15.45917 ? 59  ILE   A CD1 1 
ATOM   470 N N   . HIS   A 1 61 ? -4.32130  -6.86126  7.85825   1.000 14.42940 ? 60  HIS   A N   1 
ATOM   471 C CA  . HIS   A 1 61 ? -5.10175  -6.61461  6.65969   1.000 13.57894 ? 60  HIS   A CA  1 
ATOM   472 C C   . HIS   A 1 61 ? -4.73217  -5.22886  6.18239   1.000 11.65460 ? 60  HIS   A C   1 
ATOM   473 O O   . HIS   A 1 61 ? -4.65312  -4.31492  7.00425   1.000 13.50796 ? 60  HIS   A O   1 
ATOM   474 C CB  . HIS   A 1 61 ? -6.59295  -6.69738  6.98119   1.000 15.34104 ? 60  HIS   A CB  1 
ATOM   475 C CG  . HIS   A 1 61 ? -6.99865  -8.04860  7.44080   1.000 18.84002 ? 60  HIS   A CG  1 
ATOM   476 N ND1 . HIS   A 1 61 ? -7.57419  -8.97461  6.59407   1.000 14.96756 ? 60  HIS   A ND1 1 
ATOM   477 C CD2 . HIS   A 1 61 ? -6.83510  -8.66584  8.63278   1.000 21.97239 ? 60  HIS   A CD2 1 
ATOM   478 C CE1 . HIS   A 1 61 ? -7.78085  -10.09680 7.26599   1.000 23.00515 ? 60  HIS   A CE1 1 
ATOM   479 N NE2 . HIS   A 1 61 ? -7.32797  -9.94079  8.49824   1.000 22.46232 ? 60  HIS   A NE2 1 
ATOM   480 N N   . ILE   A 1 62 ? -4.47718  -5.07479  4.88606   1.000 12.89870 ? 61  ILE   A N   1 
ATOM   481 C CA  . ILE   A 1 62 ? -4.02200  -3.80661  4.32232   1.000 12.96384 ? 61  ILE   A CA  1 
ATOM   482 C C   . ILE   A 1 62 ? -4.92430  -3.42167  3.15373   1.000 14.67112 ? 61  ILE   A C   1 
ATOM   483 O O   . ILE   A 1 62 ? -5.30556  -4.27880  2.35258   1.000 13.76993 ? 61  ILE   A O   1 
ATOM   484 C CB  . ILE   A 1 62 ? -2.55030  -3.88395  3.84492   1.000 14.52431 ? 61  ILE   A CB  1 
ATOM   485 C CG1 . ILE   A 1 62 ? -1.66903  -4.51946  4.91505   1.000 13.20845 ? 61  ILE   A CG1 1 
ATOM   486 C CG2 . ILE   A 1 62 ? -2.03526  -2.48093  3.55574   1.000 12.47387 ? 61  ILE   A CG2 1 
ATOM   487 C CD1 . ILE   A 1 62 ? -0.22106  -4.80169  4.44202   1.000 15.43291 ? 61  ILE   A CD1 1 
ATOM   488 N N   . ARG   A 1 63 ? -5.24164  -2.12930  3.03148   1.000 13.52683 ? 62  ARG   A N   1 
ATOM   489 C CA  . ARG   A 1 63 ? -5.96253  -1.62643  1.86602   1.000 8.16190  ? 62  ARG   A CA  1 
ATOM   490 C C   . ARG   A 1 63 ? -5.15602  -0.47701  1.28159   1.000 10.84463 ? 62  ARG   A C   1 
ATOM   491 O O   . ARG   A 1 63 ? -4.83173  0.47250   1.99545   1.000 13.32654 ? 62  ARG   A O   1 
ATOM   492 C CB  . ARG   A 1 63 ? -7.38178  -1.13922  2.23237   1.000 9.70764  ? 62  ARG   A CB  1 
ATOM   493 C CG  . ARG   A 1 63 ? -8.27292  -2.24717  2.78066   1.000 11.56836 ? 62  ARG   A CG  1 
ATOM   494 C CD  . ARG   A 1 63 ? -8.48799  -3.35918  1.70907   1.000 15.61798 ? 62  ARG   A CD  1 
ATOM   495 N NE  . ARG   A 1 63 ? -9.37461  -4.43967  2.15422   1.000 12.65947 ? 62  ARG   A NE  1 
ATOM   496 C CZ  . ARG   A 1 63 ? -8.97157  -5.54742  2.76833   1.000 15.97090 ? 62  ARG   A CZ  1 
ATOM   497 N NH1 . ARG   A 1 63 ? -7.67609  -5.81901  2.95360   1.000 13.09067 ? 62  ARG   A NH1 1 
ATOM   498 N NH2 . ARG   A 1 63 ? -9.88669  -6.40892  3.21388   1.000 15.54823 ? 62  ARG   A NH2 1 
ATOM   499 N N   . VAL   A 1 64 ? -4.81359  -0.57219  -0.00066  1.000 11.05708 ? 63  VAL   A N   1 
ATOM   500 C CA  . VAL   A 1 64 ? -4.03160  0.44518   -0.70699  1.000 11.67740 ? 63  VAL   A CA  1 
ATOM   501 C C   . VAL   A 1 64 ? -4.93933  1.03592   -1.78384  1.000 11.52654 ? 63  VAL   A C   1 
ATOM   502 O O   . VAL   A 1 64 ? -5.51355  0.29341   -2.58009  1.000 12.79227 ? 63  VAL   A O   1 
ATOM   503 C CB  . VAL   A 1 64 ? -2.73977  -0.14404  -1.32398  1.000 12.62425 ? 63  VAL   A CB  1 
ATOM   504 C CG1 . VAL   A 1 64 ? -2.01846  0.93762   -2.14770  1.000 14.33150 ? 63  VAL   A CG1 1 
ATOM   505 C CG2 . VAL   A 1 64 ? -1.78563  -0.62507  -0.22569  1.000 12.01010 ? 63  VAL   A CG2 1 
ATOM   506 N N   . TYR   A 1 65 ? -5.10717  2.36124   -1.77825  1.000 13.21892 ? 64  TYR   A N   1 
ATOM   507 C CA  . TYR   A 1 65 ? -5.98704  3.03095   -2.72728  1.000 12.42276 ? 64  TYR   A CA  1 
ATOM   508 C C   . TYR   A 1 65 ? -5.08249  3.67198   -3.77119  1.000 12.20502 ? 64  TYR   A C   1 
ATOM   509 O O   . TYR   A 1 65 ? -4.34351  4.60506   -3.45501  1.000 13.73556 ? 64  TYR   A O   1 
ATOM   510 C CB  . TYR   A 1 65 ? -6.89521  4.05340   -2.00678  1.000 11.59315 ? 64  TYR   A CB  1 
ATOM   511 C CG  . TYR   A 1 65 ? -7.76280  3.25662   -1.07117  1.000 10.97725 ? 64  TYR   A CG  1 
ATOM   512 C CD1 . TYR   A 1 65 ? -8.96855  2.67197   -1.51391  1.000 12.96862 ? 64  TYR   A CD1 1 
ATOM   513 C CD2 . TYR   A 1 65 ? -7.36199  3.03226   0.23949   1.000 11.22556 ? 64  TYR   A CD2 1 
ATOM   514 C CE1 . TYR   A 1 65 ? -9.70483  1.85799   -0.67991  1.000 10.12517 ? 64  TYR   A CE1 1 
ATOM   515 C CE2 . TYR   A 1 65 ? -8.12689  2.22990   1.09516   1.000 10.15147 ? 64  TYR   A CE2 1 
ATOM   516 C CZ  . TYR   A 1 65 ? -9.27345  1.63042   0.61988   1.000 11.44608 ? 64  TYR   A CZ  1 
ATOM   517 O OH  . TYR   A 1 65 ? -9.98080  0.83530   1.48921   1.000 10.77635 ? 64  TYR   A OH  1 
ATOM   518 N N   . ALA   A 1 66 ? -5.08340  3.11855   -4.98902  1.000 13.98955 ? 65  ALA   A N   1 
ATOM   519 C CA  . ALA   A 1 66 ? -4.20307  3.56219   -6.07017  1.000 16.16924 ? 65  ALA   A CA  1 
ATOM   520 C C   . ALA   A 1 66 ? -5.02110  4.37181   -7.05719  1.000 19.23496 ? 65  ALA   A C   1 
ATOM   521 O O   . ALA   A 1 66 ? -6.04673  3.89050   -7.53127  1.000 21.12545 ? 65  ALA   A O   1 
ATOM   522 C CB  . ALA   A 1 66 ? -3.56800  2.37607   -6.80231  1.000 15.51379 ? 65  ALA   A CB  1 
ATOM   523 N N   . SER   A 1 67 ? -4.57498  5.58712   -7.36563  1.000 14.75462 ? 66  SER   A N   1 
ATOM   524 C CA  . SER   A 1 67 ? -5.33631  6.46633   -8.24231  1.000 19.54834 ? 66  SER   A CA  1 
ATOM   525 C C   . SER   A 1 67 ? -4.50617  6.81266   -9.46258  1.000 18.81926 ? 66  SER   A C   1 
ATOM   526 O O   . SER   A 1 67 ? -3.36677  7.25513   -9.33978  1.000 19.49365 ? 66  SER   A O   1 
ATOM   527 C CB  . SER   A 1 67 ? -5.78666  7.73603   -7.52074  1.000 17.54563 ? 66  SER   A CB  1 
ATOM   528 O OG  . SER   A 1 67 ? -6.58862  7.41009   -6.40035  1.000 18.98568 ? 66  SER   A OG  1 
ATOM   529 N N   . THR   A 1 68 ? -5.06997  6.55634   -10.63549 1.000 20.53057 ? 67  THR   A N   1 
ATOM   530 C CA  . THR   A 1 68 ? -4.56031  7.05833   -11.90424 1.000 22.71026 ? 67  THR   A CA  1 
ATOM   531 C C   . THR   A 1 68 ? -5.67409  7.88689   -12.52784 1.000 18.48140 ? 67  THR   A C   1 
ATOM   532 O O   . THR   A 1 68 ? -6.74327  7.35264   -12.82150 1.000 19.83365 ? 67  THR   A O   1 
ATOM   533 C CB  . THR   A 1 68 ? -4.15352  5.91722   -12.82671 1.000 23.21844 ? 67  THR   A CB  1 
ATOM   534 O OG1 . THR   A 1 68 ? -3.14354  5.11694   -12.19209 1.000 21.28954 ? 67  THR   A OG1 1 
ATOM   535 C CG2 . THR   A 1 68 ? -3.61182  6.46313   -14.11879 1.000 24.14068 ? 67  THR   A CG2 1 
ATOM   536 N N   . GLY   A 1 69 ? -5.43541  9.18313   -12.70387 1.000 19.77069 ? 68  GLY   A N   1 
ATOM   537 C CA  . GLY   A 1 69 ? -6.52940  10.03870  -13.15320 1.000 23.90046 ? 68  GLY   A CA  1 
ATOM   538 C C   . GLY   A 1 69 ? -7.61934  10.08803  -12.10095 1.000 26.96847 ? 68  GLY   A C   1 
ATOM   539 O O   . GLY   A 1 69 ? -7.33746  10.23024  -10.90556 1.000 24.42700 ? 68  GLY   A O   1 
ATOM   540 N N   . THR   A 1 70 ? -8.88126  9.97557   -12.53961 1.000 20.29571 ? 69  THR   A N   1 
ATOM   541 C CA  . THR   A 1 70 ? -10.02428 9.94305   -11.62285 1.000 24.09090 ? 69  THR   A CA  1 
ATOM   542 C C   . THR   A 1 70 ? -10.41688 8.53206   -11.20493 1.000 21.57064 ? 69  THR   A C   1 
ATOM   543 O O   . THR   A 1 70 ? -11.45479 8.35917   -10.55286 1.000 30.50779 ? 69  THR   A O   1 
ATOM   544 C CB  . THR   A 1 70 ? -11.25412 10.63067  -12.24546 1.000 27.53585 ? 69  THR   A CB  1 
ATOM   545 O OG1 . THR   A 1 70 ? -11.61438 9.94315   -13.45338 1.000 24.65238 ? 69  THR   A OG1 1 
ATOM   546 C CG2 . THR   A 1 70 ? -10.94730 12.09584  -12.56089 1.000 28.08933 ? 69  THR   A CG2 1 
ATOM   547 N N   . THR   A 1 71 ? -9.62111  7.52674   -11.56151 1.000 19.68854 ? 70  THR   A N   1 
ATOM   548 C CA  . THR   A 1 71 ? -9.93356  6.13427   -11.27718 1.000 20.37112 ? 70  THR   A CA  1 
ATOM   549 C C   . THR   A 1 71 ? -9.09676  5.66792   -10.09540 1.000 17.78495 ? 70  THR   A C   1 
ATOM   550 O O   . THR   A 1 71 ? -7.86915  5.64881   -10.18066 1.000 16.66740 ? 70  THR   A O   1 
ATOM   551 C CB  . THR   A 1 71 ? -9.64680  5.25295   -12.49179 1.000 23.25305 ? 70  THR   A CB  1 
ATOM   552 O OG1 . THR   A 1 71 ? -10.48840 5.65842   -13.57932 1.000 27.09871 ? 70  THR   A OG1 1 
ATOM   553 C CG2 . THR   A 1 71 ? -9.92130  3.80757   -12.14988 1.000 21.31661 ? 70  THR   A CG2 1 
ATOM   554 N N   . THR   A 1 72 ? -9.76453  5.27248   -9.01242  1.000 20.60724 ? 71  THR   A N   1 
ATOM   555 C CA  . THR   A 1 72 ? -9.10284  4.77142   -7.80873  1.000 19.83054 ? 71  THR   A CA  1 
ATOM   556 C C   . THR   A 1 72 ? -9.41268  3.28624   -7.67660  1.000 20.16945 ? 71  THR   A C   1 
ATOM   557 O O   . THR   A 1 72 ? -10.58546 2.89185   -7.62396  1.000 20.92554 ? 71  THR   A O   1 
ATOM   558 C CB  . THR   A 1 72 ? -9.55012  5.55079   -6.56466  1.000 15.04788 ? 71  THR   A CB  1 
ATOM   559 O OG1 . THR   A 1 72 ? -9.13054  6.91497   -6.68598  1.000 17.77871 ? 71  THR   A OG1 1 
ATOM   560 C CG2 . THR   A 1 72 ? -8.90159  4.97187   -5.30198  1.000 13.60277 ? 71  THR   A CG2 1 
ATOM   561 N N   . THR   A 1 73 ? -8.36614  2.46297   -7.67020  1.000 14.60527 ? 72  THR   A N   1 
ATOM   562 C CA  . THR   A 1 73 ? -8.50314  1.03126   -7.47366  1.000 15.89942 ? 72  THR   A CA  1 
ATOM   563 C C   . THR   A 1 73 ? -8.04860  0.65576   -6.07948  1.000 17.95382 ? 72  THR   A C   1 
ATOM   564 O O   . THR   A 1 73 ? -6.91232  0.93715   -5.71631  1.000 18.07685 ? 72  THR   A O   1 
ATOM   565 C CB  . THR   A 1 73 ? -7.66698  0.24931   -8.49661  1.000 19.67777 ? 72  THR   A CB  1 
ATOM   566 O OG1 . THR   A 1 73 ? -8.06800  0.61666   -9.82465  1.000 18.90067 ? 72  THR   A OG1 1 
ATOM   567 C CG2 . THR   A 1 73 ? -7.84585  -1.22762  -8.27437  1.000 17.59217 ? 72  THR   A CG2 1 
ATOM   568 N N   . GLU   A 1 74 ? -8.90819  -0.01866  -5.31997  1.000 12.70472 ? 73  GLU   A N   1 
ATOM   569 C CA  . GLU   A 1 74 ? -8.49629  -0.57006  -4.03304  1.000 12.34460 ? 73  GLU   A CA  1 
ATOM   570 C C   . GLU   A 1 74 ? -7.84483  -1.93844  -4.20489  1.000 9.97814  ? 73  GLU   A C   1 
ATOM   571 O O   . GLU   A 1 74 ? -8.38157  -2.80381  -4.89306  1.000 11.92257 ? 73  GLU   A O   1 
ATOM   572 C CB  . GLU   A 1 74 ? -9.70536  -0.68576  -3.10008  1.000 15.10793 ? 73  GLU   A CB  1 
ATOM   573 C CG  . GLU   A 1 74 ? -9.47337  -1.44436  -1.79624  1.000 13.76950 ? 73  GLU   A CG  1 
ATOM   574 C CD  . GLU   A 1 74 ? -10.78075 -1.69174  -1.06397  1.000 11.91196 ? 73  GLU   A CD  1 
ATOM   575 O OE1 . GLU   A 1 74 ? -11.68898 -2.25809  -1.69152  1.000 13.14858 ? 73  GLU   A OE1 1 
ATOM   576 O OE2 . GLU   A 1 74 ? -10.91488 -1.33210  0.11225   1.000 13.10877 ? 73  GLU   A OE2 1 
ATOM   577 N N   . TRP   A 1 75 ? -6.71975  -2.15171  -3.51461  1.000 12.83112 ? 74  TRP   A N   1 
ATOM   578 C CA  . TRP   A 1 75 ? -5.98696  -3.41670  -3.50046  1.000 11.71936 ? 74  TRP   A CA  1 
ATOM   579 C C   . TRP   A 1 75 ? -5.95156  -3.92006  -2.07597  1.000 12.77503 ? 74  TRP   A C   1 
ATOM   580 O O   . TRP   A 1 75 ? -5.70977  -3.13618  -1.14484  1.000 12.49438 ? 74  TRP   A O   1 
ATOM   581 C CB  . TRP   A 1 75 ? -4.55115  -3.23461  -4.01907  1.000 12.18610 ? 74  TRP   A CB  1 
ATOM   582 C CG  . TRP   A 1 75 ? -4.54668  -2.87477  -5.48081  1.000 12.55322 ? 74  TRP   A CG  1 
ATOM   583 C CD1 . TRP   A 1 75 ? -4.49091  -1.61507  -6.02735  1.000 12.64175 ? 74  TRP   A CD1 1 
ATOM   584 C CD2 . TRP   A 1 75 ? -4.67886  -3.77915  -6.57620  1.000 15.21937 ? 74  TRP   A CD2 1 
ATOM   585 N NE1 . TRP   A 1 75 ? -4.54521  -1.69148  -7.40177  1.000 18.26608 ? 74  TRP   A NE1 1 
ATOM   586 C CE2 . TRP   A 1 75 ? -4.65696  -3.00906  -7.76221  1.000 13.04899 ? 74  TRP   A CE2 1 
ATOM   587 C CE3 . TRP   A 1 75 ? -4.77418  -5.15913  -6.67245  1.000 18.77889 ? 74  TRP   A CE3 1 
ATOM   588 C CZ2 . TRP   A 1 75 ? -4.73786  -3.59092  -9.02858  1.000 19.89924 ? 74  TRP   A CZ2 1 
ATOM   589 C CZ3 . TRP   A 1 75 ? -4.85315  -5.73838  -7.93832  1.000 27.49324 ? 74  TRP   A CZ3 1 
ATOM   590 C CH2 . TRP   A 1 75 ? -4.84727  -4.94712  -9.09500  1.000 24.91256 ? 74  TRP   A CH2 1 
ATOM   591 N N   . CYS   A 1 76 ? -6.18787  -5.21101  -1.90360  1.000 13.82024 ? 75  CYS   A N   1 
ATOM   592 C CA  . CYS   A 1 76 ? -6.46852  -5.78905  -0.59861  1.000 11.76679 ? 75  CYS   A CA  1 
ATOM   593 C C   . CYS   A 1 76 ? -5.42611  -6.83999  -0.29179  1.000 11.83661 ? 75  CYS   A C   1 
ATOM   594 O O   . CYS   A 1 76 ? -5.22070  -7.77309  -1.09184  1.000 13.22320 ? 75  CYS   A O   1 
ATOM   595 C CB  . CYS   A 1 76 ? -7.84748  -6.44161  -0.57259  1.000 14.04670 ? 75  CYS   A CB  1 
ATOM   596 S SG  . CYS   A 1 76 ? -9.19896  -5.34958  -1.09403  1.000 15.94437 ? 75  CYS   A SG  1 
ATOM   597 N N   . TRP   A 1 77 ? -4.82169  -6.72903  0.87996   1.000 10.80388 ? 76  TRP   A N   1 
ATOM   598 C CA  . TRP   A 1 77 ? -3.97802  -7.78329  1.43756   1.000 12.70278 ? 76  TRP   A CA  1 
ATOM   599 C C   . TRP   A 1 77 ? -4.72371  -8.36422  2.62508   1.000 16.95863 ? 76  TRP   A C   1 
ATOM   600 O O   . TRP   A 1 77 ? -5.05180  -7.63037  3.56289   1.000 16.78807 ? 76  TRP   A O   1 
ATOM   601 C CB  . TRP   A 1 77 ? -2.63025  -7.23038  1.90609   1.000 13.20223 ? 76  TRP   A CB  1 
ATOM   602 C CG  . TRP   A 1 77 ? -1.81272  -8.29646  2.57291   1.000 16.97585 ? 76  TRP   A CG  1 
ATOM   603 C CD1 . TRP   A 1 77 ? -1.77683  -8.59003  3.90326   1.000 18.78027 ? 76  TRP   A CD1 1 
ATOM   604 C CD2 . TRP   A 1 77 ? -0.94142  -9.22864  1.92636   1.000 15.47609 ? 76  TRP   A CD2 1 
ATOM   605 N NE1 . TRP   A 1 77 ? -0.92534  -9.65559  4.12297   1.000 22.63602 ? 76  TRP   A NE1 1 
ATOM   606 C CE2 . TRP   A 1 77 ? -0.40446  -10.05724 2.91896   1.000 18.46853 ? 76  TRP   A CE2 1 
ATOM   607 C CE3 . TRP   A 1 77 ? -0.56298  -9.44153  0.58999   1.000 16.65736 ? 76  TRP   A CE3 1 
ATOM   608 C CZ2 . TRP   A 1 77 ? 0.49364   -11.09418 2.62263   1.000 15.60212 ? 76  TRP   A CZ2 1 
ATOM   609 C CZ3 . TRP   A 1 77 ? 0.36204   -10.46668 0.30398   1.000 18.42186 ? 76  TRP   A CZ3 1 
ATOM   610 C CH2 . TRP   A 1 77 ? 0.85992   -11.27214 1.31128   1.000 18.13585 ? 76  TRP   A CH2 1 
ATOM   611 N N   . ASP   A 1 78 ? -4.96984  -9.67786  2.60091   1.000 16.84475 ? 77  ASP   A N   1 
ATOM   612 C CA  . ASP   A 1 78 ? -5.60485  -10.35839 3.71875   1.000 16.35687 ? 77  ASP   A CA  1 
ATOM   613 C C   . ASP   A 1 78 ? -4.86539  -11.65654 4.03993   1.000 17.86723 ? 77  ASP   A C   1 
ATOM   614 O O   . ASP   A 1 78 ? -5.47241  -12.62976 4.48048   1.000 23.90602 ? 77  ASP   A O   1 
ATOM   615 C CB  . ASP   A 1 78 ? -7.08258  -10.62150 3.43276   1.000 16.27942 ? 77  ASP   A CB  1 
ATOM   616 C CG  . ASP   A 1 78 ? -7.86101  -9.32822  3.14984   1.000 19.07134 ? 77  ASP   A CG  1 
ATOM   617 O OD1 . ASP   A 1 78 ? -8.02500  -8.50500  4.07988   1.000 20.62777 ? 77  ASP   A OD1 1 
ATOM   618 O OD2 . ASP   A 1 78 ? -8.26773  -9.10907  1.98989   1.000 22.55562 ? 77  ASP   A OD2 1 
ATOM   619 N N   . GLY   A 1 79 ? -3.56679  -11.68948 3.78067   1.000 18.02387 ? 78  GLY   A N   1 
ATOM   620 C CA  . GLY   A 1 79 ? -2.70391  -12.76819 4.20483   1.000 20.34931 ? 78  GLY   A CA  1 
ATOM   621 C C   . GLY   A 1 79 ? -2.21543  -13.65141 3.08313   1.000 19.59981 ? 78  GLY   A C   1 
ATOM   622 O O   . GLY   A 1 79 ? -1.31953  -14.46836 3.30513   1.000 25.52733 ? 78  GLY   A O   1 
ATOM   623 N N   . ASN   A 1 80 ? -2.75084  -13.50062 1.88208   1.000 22.24369 ? 79  ASN   A N   1 
ATOM   624 C CA  . ASN   A 1 80 ? -2.54399  -14.50131 0.84300   1.000 23.65703 ? 79  ASN   A CA  1 
ATOM   625 C C   . ASN   A 1 80 ? -2.50406  -13.84839 -0.52647  1.000 23.40192 ? 79  ASN   A C   1 
ATOM   626 O O   . ASN   A 1 80 ? -3.03723  -14.38224 -1.50244  1.000 22.09126 ? 79  ASN   A O   1 
ATOM   627 C CB  . ASN   A 1 80 ? -3.62530  -15.58034 0.89054   1.000 30.96494 ? 79  ASN   A CB  1 
ATOM   628 C CG  . ASN   A 1 80 ? -3.77023  -16.19441 2.27617   1.000 34.99027 ? 79  ASN   A CG  1 
ATOM   629 O OD1 . ASN   A 1 80 ? -2.86578  -16.88836 2.75622   1.000 42.71131 ? 79  ASN   A OD1 1 
ATOM   630 N ND2 . ASN   A 1 80 ? -4.89907  -15.92396 2.93470   1.000 37.88582 ? 79  ASN   A ND2 1 
ATOM   631 N N   . GLY   A 1 81 ? -1.82387  -12.72075 -0.62940  1.000 16.01714 ? 80  GLY   A N   1 
ATOM   632 C CA  . GLY   A 1 81 ? -1.67213  -12.08959 -1.91699  1.000 15.67548 ? 80  GLY   A CA  1 
ATOM   633 C C   . GLY   A 1 81 ? -2.57739  -10.88496 -2.05589  1.000 14.79341 ? 80  GLY   A C   1 
ATOM   634 O O   . GLY   A 1 81 ? -3.57098  -10.72011 -1.34011  1.000 16.77420 ? 80  GLY   A O   1 
ATOM   635 N N   . TRP   A 1 82 ? -2.22941  -10.02669 -2.99966  1.000 13.99996 ? 81  TRP   A N   1 
ATOM   636 C CA  . TRP   A 1 82 ? -3.01407  -8.82085  -3.23133  1.000 11.25751 ? 81  TRP   A CA  1 
ATOM   637 C C   . TRP   A 1 82 ? -4.13517  -9.08679  -4.22398  1.000 13.67780 ? 81  TRP   A C   1 
ATOM   638 O O   . TRP   A 1 82 ? -3.91394  -9.67216  -5.28891  1.000 15.96543 ? 81  TRP   A O   1 
ATOM   639 C CB  . TRP   A 1 82 ? -2.11726  -7.71335  -3.75877  1.000 14.36395 ? 81  TRP   A CB  1 
ATOM   640 C CG  . TRP   A 1 82 ? -1.15636  -7.23421  -2.74005  1.000 14.46337 ? 81  TRP   A CG  1 
ATOM   641 C CD1 . TRP   A 1 82 ? 0.13082   -7.67674  -2.52258  1.000 12.88043 ? 81  TRP   A CD1 1 
ATOM   642 C CD2 . TRP   A 1 82 ? -1.40460  -6.21677  -1.77841  1.000 16.08743 ? 81  TRP   A CD2 1 
ATOM   643 N NE1 . TRP   A 1 82 ? 0.70228   -6.95728  -1.49345  1.000 13.51683 ? 81  TRP   A NE1 1 
ATOM   644 C CE2 . TRP   A 1 82 ? -0.22527  -6.05968  -1.01118  1.000 11.29744 ? 81  TRP   A CE2 1 
ATOM   645 C CE3 . TRP   A 1 82 ? -2.51215  -5.40552  -1.49606  1.000 13.04451 ? 81  TRP   A CE3 1 
ATOM   646 C CZ2 . TRP   A 1 82 ? -0.11686  -5.13400  0.03505   1.000 12.37194 ? 81  TRP   A CZ2 1 
ATOM   647 C CZ3 . TRP   A 1 82 ? -2.40310  -4.47171  -0.44836  1.000 11.72871 ? 81  TRP   A CZ3 1 
ATOM   648 C CH2 . TRP   A 1 82 ? -1.19001  -4.34175  0.29746   1.000 13.87181 ? 81  TRP   A CH2 1 
ATOM   649 N N   . THR   A 1 83 ? -5.32851  -8.62225  -3.88593  1.000 11.34794 ? 82  THR   A N   1 
ATOM   650 C CA  . THR   A 1 83 ? -6.49427  -8.79345  -4.74346  1.000 13.93302 ? 82  THR   A CA  1 
ATOM   651 C C   . THR   A 1 83 ? -7.26974  -7.48679  -4.86956  1.000 14.28433 ? 82  THR   A C   1 
ATOM   652 O O   . THR   A 1 83 ? -7.20743  -6.63858  -3.97925  1.000 16.58052 ? 82  THR   A O   1 
ATOM   653 C CB  . THR   A 1 83 ? -7.35582  -9.91204  -4.18493  1.000 18.55561 ? 82  THR   A CB  1 
ATOM   654 O OG1 . THR   A 1 83 ? -8.12004  -10.49662 -5.24504  1.000 33.59124 ? 82  THR   A OG1 1 
ATOM   655 C CG2 . THR   A 1 83 ? -8.18700  -9.41805  -3.02393  1.000 17.41036 ? 82  THR   A CG2 1 
ATOM   656 N N   . LYS   A 1 84 ? -7.99814  -7.30804  -5.98396  1.000 11.92292 ? 83  LYS   A N   1 
ATOM   657 C CA  . LYS   A 1 84 ? -8.74076  -6.05557  -6.14532  1.000 14.10023 ? 83  LYS   A CA  1 
ATOM   658 C C   . LYS   A 1 84 ? -9.95958  -6.06254  -5.24585  1.000 16.55893 ? 83  LYS   A C   1 
ATOM   659 O O   . LYS   A 1 84 ? -10.64881 -7.08169  -5.10211  1.000 18.40601 ? 83  LYS   A O   1 
ATOM   660 C CB  . LYS   A 1 84 ? -9.19635  -5.80121  -7.58928  1.000 20.37450 ? 83  LYS   A CB  1 
ATOM   661 C CG  . LYS   A 1 84 ? -8.13040  -5.23689  -8.49343  1.000 26.21884 ? 83  LYS   A CG  1 
ATOM   662 C CD  . LYS   A 1 84 ? -8.62664  -4.63064  -9.83623  1.000 22.29448 ? 83  LYS   A CD  1 
ATOM   663 C CE  . LYS   A 1 84 ? -9.66667  -5.48685  -10.53331 1.000 33.35891 ? 83  LYS   A CE  1 
ATOM   664 N NZ  . LYS   A 1 84 ? -9.90105  -5.00823  -11.92125 1.000 30.71403 ? 83  LYS   A NZ  1 
ATOM   665 N N   . GLY   A 1 85 ? -10.21010 -4.91541  -4.62429  1.000 12.50323 ? 84  GLY   A N   1 
ATOM   666 C CA  . GLY   A 1 85 ? -11.34750 -4.73460  -3.75852  1.000 16.23160 ? 84  GLY   A CA  1 
ATOM   667 C C   . GLY   A 1 85 ? -12.51081 -4.04750  -4.46307  1.000 12.85278 ? 84  GLY   A C   1 
ATOM   668 O O   . GLY   A 1 85 ? -12.43712 -3.62070  -5.61741  1.000 14.01550 ? 84  GLY   A O   1 
ATOM   669 N N   . ALA   A 1 86 ? -13.60804 -3.95955  -3.72330  1.000 11.11620 ? 85  ALA   A N   1 
ATOM   670 C CA  . ALA   A 1 86 ? -14.88047 -3.47481  -4.25071  1.000 12.48310 ? 85  ALA   A CA  1 
ATOM   671 C C   . ALA   A 1 86 ? -14.98778 -1.95352  -4.28989  1.000 17.03041 ? 85  ALA   A C   1 
ATOM   672 O O   . ALA   A 1 86 ? -15.94767 -1.44026  -4.87973  1.000 16.73602 ? 85  ALA   A O   1 
ATOM   673 C CB  . ALA   A 1 86 ? -16.02755 -4.04094  -3.42007  1.000 15.17184 ? 85  ALA   A CB  1 
ATOM   674 N N   . TYR   A 1 87 ? -14.01147 -1.22397  -3.73675  1.000 13.88046 ? 86  TYR   A N   1 
ATOM   675 C CA  . TYR   A 1 87 ? -14.08064 0.23669   -3.69042  1.000 15.92945 ? 86  TYR   A CA  1 
ATOM   676 C C   . TYR   A 1 87 ? -14.40934 0.86098   -5.04828  1.000 13.81491 ? 86  TYR   A C   1 
ATOM   677 O O   . TYR   A 1 87 ? -13.77855 0.55085   -6.07060  1.000 15.45819 ? 86  TYR   A O   1 
ATOM   678 C CB  . TYR   A 1 87 ? -12.74279 0.82369   -3.18492  1.000 10.75063 ? 86  TYR   A CB  1 
ATOM   679 C CG  . TYR   A 1 87 ? -12.77357 2.34575   -3.18385  1.000 9.72078  ? 86  TYR   A CG  1 
ATOM   680 C CD1 . TYR   A 1 87 ? -13.28747 3.03215   -2.09822  1.000 10.22541 ? 86  TYR   A CD1 1 
ATOM   681 C CD2 . TYR   A 1 87 ? -12.31914 3.07750   -4.27110  1.000 12.72309 ? 86  TYR   A CD2 1 
ATOM   682 C CE1 . TYR   A 1 87 ? -13.38552 4.40879   -2.10662  1.000 12.31560 ? 86  TYR   A CE1 1 
ATOM   683 C CE2 . TYR   A 1 87 ? -12.39750 4.45059   -4.29171  1.000 13.25855 ? 86  TYR   A CE2 1 
ATOM   684 C CZ  . TYR   A 1 87 ? -12.92677 5.10758   -3.21039  1.000 13.92711 ? 86  TYR   A CZ  1 
ATOM   685 O OH  . TYR   A 1 87 ? -12.99938 6.47390   -3.24386  1.000 15.83337 ? 86  TYR   A OH  1 
ATOM   686 N N   . THR   A 1 88 ? -15.36381 1.78887   -5.03342  1.000 11.48497 ? 87  THR   A N   1 
ATOM   687 C CA  . THR   A 1 88 ? -15.61386 2.74711   -6.10919  1.000 15.18786 ? 87  THR   A CA  1 
ATOM   688 C C   . THR   A 1 88 ? -15.83120 4.12192   -5.48268  1.000 13.58267 ? 87  THR   A C   1 
ATOM   689 O O   . THR   A 1 88 ? -16.21600 4.22503   -4.32519  1.000 14.12153 ? 87  THR   A O   1 
ATOM   690 C CB  . THR   A 1 88 ? -16.87168 2.40059   -6.92556  1.000 16.18820 ? 87  THR   A CB  1 
ATOM   691 O OG1 . THR   A 1 88 ? -17.97907 2.26479   -6.03390  1.000 15.19404 ? 87  THR   A OG1 1 
ATOM   692 C CG2 . THR   A 1 88 ? -16.67729 1.09133   -7.65197  1.000 15.87290 ? 87  THR   A CG2 1 
ATOM   693 N N   . ALA   A 1 89 ? -15.61004 5.18057   -6.25706  1.000 13.60680 ? 88  ALA   A N   1 
ATOM   694 C CA  . ALA   A 1 89 ? -15.71093 6.51858   -5.68056  1.000 17.58736 ? 88  ALA   A CA  1 
ATOM   695 C C   . ALA   A 1 89 ? -17.13538 7.05675   -5.82194  1.000 26.09719 ? 88  ALA   A C   1 
ATOM   696 O O   . ALA   A 1 89 ? -17.99214 6.44409   -6.45404  1.000 29.45406 ? 88  ALA   A O   1 
ATOM   697 C CB  . ALA   A 1 89 ? -14.71414 7.47578   -6.32781  1.000 21.16723 ? 88  ALA   A CB  1 
ATOM   698 N N   . THR   A 1 90 ? -17.39716 8.21849   -5.20698  1.000 24.40376 ? 89  THR   A N   1 
ATOM   699 C CA  . THR   A 1 90 ? -18.75347 8.78023   -5.24834  1.000 35.46961 ? 89  THR   A CA  1 
ATOM   700 C C   . THR   A 1 90 ? -19.24397 8.96012   -6.69208  1.000 45.07608 ? 89  THR   A C   1 
ATOM   701 O O   . THR   A 1 90 ? -18.50720 9.44221   -7.55789  1.000 49.29541 ? 89  THR   A O   1 
ATOM   702 C CB  . THR   A 1 90 ? -18.81727 10.12609  -4.51261  1.000 45.14117 ? 89  THR   A CB  1 
ATOM   703 O OG1 . THR   A 1 90 ? -18.25059 9.99907   -3.19763  1.000 42.09964 ? 89  THR   A OG1 1 
ATOM   704 C CG2 . THR   A 1 90 ? -20.29443 10.57408  -4.36825  1.000 37.80192 ? 89  THR   A CG2 1 
ATOM   705 N N   . ASN   A 1 91 ? -20.49028 8.56642   -6.94783  0.000 42.31514 ? 90  ASN   A N   1 
ATOM   706 C CA  . ASN   A 1 91 ? -21.09338 8.67959   -8.28152  0.000 43.79292 ? 90  ASN   A CA  1 
ATOM   707 C C   . ASN   A 1 91 ? -20.20214 8.12141   -9.39212  0.000 44.83073 ? 90  ASN   A C   1 
ATOM   708 O O   . ASN   A 1 91 ? -19.64289 7.03230   -9.26857  0.000 44.58606 ? 90  ASN   A O   1 
ATOM   709 C CB  . ASN   A 1 91 ? -21.44346 10.13925  -8.59355  0.000 45.56836 ? 90  ASN   A CB  1 
ATOM   710 C CG  . ASN   A 1 91 ? -21.98768 10.88008  -7.38936  0.000 44.57533 ? 90  ASN   A CG  1 
ATOM   711 O OD1 . ASN   A 1 91 ? -22.76307 10.32979  -6.60779  0.000 41.68501 ? 90  ASN   A OD1 1 
ATOM   712 N ND2 . ASN   A 1 91 ? -21.58891 12.13772  -7.23644  0.000 44.99683 ? 90  ASN   A ND2 1 
HETATM 713 C C10 . A1IZO B 2 .  ? 13.37102  14.95592  -10.29452 1.000 33.37699 ? 101 A1IZO A C10 1 
HETATM 714 C C13 . A1IZO B 2 .  ? 13.50081  15.93648  -9.23780  1.000 34.73218 ? 101 A1IZO A C13 1 
HETATM 715 C C14 . A1IZO B 2 .  ? 14.69393  16.25638  -8.53549  1.000 39.74878 ? 101 A1IZO A C14 1 
HETATM 716 C C15 . A1IZO B 2 .  ? 14.74728  17.18171  -7.51884  1.000 25.04959 ? 101 A1IZO A C15 1 
HETATM 717 C C16 . A1IZO B 2 .  ? 13.59987  17.86023  -7.17406  1.000 33.49867 ? 101 A1IZO A C16 1 
HETATM 718 C C17 . A1IZO B 2 .  ? 12.38379  17.63752  -7.77215  1.000 35.63019 ? 101 A1IZO A C17 1 
HETATM 719 C C18 . A1IZO B 2 .  ? 12.38351  16.69006  -8.80062  1.000 28.13150 ? 101 A1IZO A C18 1 
HETATM 720 C C20 . A1IZO B 2 .  ? 15.48713  9.55905   -15.14955 1.000 42.14382 ? 101 A1IZO A C20 1 
HETATM 721 C C21 . A1IZO B 2 .  ? 15.98993  10.23404  -16.41115 1.000 38.89377 ? 101 A1IZO A C21 1 
HETATM 722 C C22 . A1IZO B 2 .  ? 10.57612  19.13669  -8.56599  1.000 33.12079 ? 101 A1IZO A C22 1 
HETATM 723 C C23 . A1IZO B 2 .  ? 15.93432  11.63346  -16.54324 1.000 41.06818 ? 101 A1IZO A C23 1 
HETATM 724 C C25 . A1IZO B 2 .  ? 16.78058  11.66700  -18.70698 1.000 47.85363 ? 101 A1IZO A C25 1 
HETATM 725 C C01 . A1IZO B 2 .  ? 14.19953  10.25861  -14.81144 1.000 41.84370 ? 101 A1IZO A C01 1 
HETATM 726 C C02 . A1IZO B 2 .  ? 13.03987  10.09280  -15.55304 1.000 38.89992 ? 101 A1IZO A C02 1 
HETATM 727 C C03 . A1IZO B 2 .  ? 11.86221  10.80007  -15.26137 1.000 36.06011 ? 101 A1IZO A C03 1 
HETATM 728 C C04 . A1IZO B 2 .  ? 11.86855  11.72973  -14.21611 1.000 31.34101 ? 101 A1IZO A C04 1 
HETATM 729 C C05 . A1IZO B 2 .  ? 12.98728  11.98206  -13.44658 1.000 31.85204 ? 101 A1IZO A C05 1 
HETATM 730 C C06 . A1IZO B 2 .  ? 14.12977  11.22418  -13.80756 1.000 32.45768 ? 101 A1IZO A C06 1 
HETATM 731 C C07 . A1IZO B 2 .  ? 13.06509  12.92263  -12.39829 1.000 31.72172 ? 101 A1IZO A C07 1 
HETATM 732 C C08 . A1IZO B 2 .  ? 14.20757  13.73445  -12.24470 1.000 32.42900 ? 101 A1IZO A C08 1 
HETATM 733 C C09 . A1IZO B 2 .  ? 14.35467  14.69141  -11.24973 1.000 27.76833 ? 101 A1IZO A C09 1 
HETATM 734 C C11 . A1IZO B 2 .  ? 12.22405  14.14976  -10.45272 1.000 32.48449 ? 101 A1IZO A C11 1 
HETATM 735 C C12 . A1IZO B 2 .  ? 12.07396  13.18383  -11.45080 1.000 29.83814 ? 101 A1IZO A C12 1 
HETATM 736 C C19 . A1IZO B 2 .  ? 11.13376  18.38284  -7.41722  1.000 28.74861 ? 101 A1IZO A C19 1 
HETATM 737 C C24 . A1IZO B 2 .  ? 16.33814  12.41008  -17.63117 1.000 33.28139 ? 101 A1IZO A C24 1 
HETATM 738 C C26 . A1IZO B 2 .  ? 16.86090  10.26837  -18.70442 1.000 41.83859 ? 101 A1IZO A C26 1 
HETATM 739 C C27 . A1IZO B 2 .  ? 16.43669  9.56805   -17.56817 1.000 51.32456 ? 101 A1IZO A C27 1 
HETATM 740 C C28 . A1IZO B 2 .  ? 9.22429   19.15804  -8.88738  1.000 37.10333 ? 101 A1IZO A C28 1 
HETATM 741 C C29 . A1IZO B 2 .  ? 8.72885   19.87198  -9.97478  1.000 44.89533 ? 101 A1IZO A C29 1 
HETATM 742 C C30 . A1IZO B 2 .  ? 9.63427   20.55303  -10.79796 1.000 38.72007 ? 101 A1IZO A C30 1 
HETATM 743 C C31 . A1IZO B 2 .  ? 10.99891  20.57707  -10.56907 1.000 34.35099 ? 101 A1IZO A C31 1 
HETATM 744 C C32 . A1IZO B 2 .  ? 11.39589  19.82869  -9.45040  1.000 26.98744 ? 101 A1IZO A C32 1 
HETATM 745 C C33 . A1IZO B 2 .  ? 11.95361  21.22865  -11.41260 1.000 40.03542 ? 101 A1IZO A C33 1 
HETATM 746 C C34 . A1IZO B 2 .  ? 16.22042  13.87408  -17.68475 1.000 29.15060 ? 101 A1IZO A C34 1 
HETATM 747 C C35 . A1IZO B 2 .  ? 17.29326  14.76641  -17.94535 1.000 34.89391 ? 101 A1IZO A C35 1 
HETATM 748 C C36 . A1IZO B 2 .  ? 17.15355  16.16335  -18.03293 1.000 24.40040 ? 101 A1IZO A C36 1 
HETATM 749 C C37 . A1IZO B 2 .  ? 15.92166  16.79210  -17.87096 1.000 23.24253 ? 101 A1IZO A C37 1 
HETATM 750 C C38 . A1IZO B 2 .  ? 14.86803  15.89416  -17.63651 1.000 27.41609 ? 101 A1IZO A C38 1 
HETATM 751 C C39 . A1IZO B 2 .  ? 15.01356  14.51752  -17.56079 1.000 26.06141 ? 101 A1IZO A C39 1 
HETATM 752 C C40 . A1IZO B 2 .  ? 11.82357  21.32540  -12.78192 1.000 46.49597 ? 101 A1IZO A C40 1 
HETATM 753 C C41 . A1IZO B 2 .  ? 12.74976  21.91086  -13.61563 1.000 45.94762 ? 101 A1IZO A C41 1 
HETATM 754 C C42 . A1IZO B 2 .  ? 13.93178  22.46815  -13.17699 1.000 32.91194 ? 101 A1IZO A C42 1 
HETATM 755 C C43 . A1IZO B 2 .  ? 14.09396  22.35663  -11.80443 1.000 42.81531 ? 101 A1IZO A C43 1 
HETATM 756 C C44 . A1IZO B 2 .  ? 13.16023  21.76185  -10.95741 1.000 38.41699 ? 101 A1IZO A C44 1 
HETATM 757 C C45 . A1IZO B 2 .  ? 15.65738  18.23635  -17.98574 1.000 21.16417 ? 101 A1IZO A C45 1 
HETATM 758 C C46 . A1IZO B 2 .  ? 14.86474  23.02307  -14.08170 1.000 23.76599 ? 101 A1IZO A C46 1 
HETATM 759 C C47 . A1IZO B 2 .  ? 16.44042  19.20362  -17.33564 1.000 26.18030 ? 101 A1IZO A C47 1 
HETATM 760 C C48 . A1IZO B 2 .  ? 16.23737  20.57769  -17.39942 1.000 26.01407 ? 101 A1IZO A C48 1 
HETATM 761 C C49 . A1IZO B 2 .  ? 15.14418  21.00556  -18.19710 1.000 25.51661 ? 101 A1IZO A C49 1 
HETATM 762 C C50 . A1IZO B 2 .  ? 14.32688  20.11839  -18.86884 1.000 22.22904 ? 101 A1IZO A C50 1 
HETATM 763 C C51 . A1IZO B 2 .  ? 14.60044  18.76056  -18.74196 1.000 25.96010 ? 101 A1IZO A C51 1 
HETATM 764 C C52 . A1IZO B 2 .  ? 15.18287  24.37554  -14.23255 1.000 40.20724 ? 101 A1IZO A C52 1 
HETATM 765 C C53 . A1IZO B 2 .  ? 16.13272  24.85392  -15.14403 1.000 27.84770 ? 101 A1IZO A C53 1 
HETATM 766 C C54 . A1IZO B 2 .  ? 16.76966  23.91477  -15.96607 1.000 27.52822 ? 101 A1IZO A C54 1 
HETATM 767 C C55 . A1IZO B 2 .  ? 16.51512  22.54801  -15.86466 1.000 24.57686 ? 101 A1IZO A C55 1 
HETATM 768 C C56 . A1IZO B 2 .  ? 15.56762  22.17433  -14.93846 1.000 26.86278 ? 101 A1IZO A C56 1 
HETATM 769 C C57 . A1IZO B 2 .  ? 17.16854  21.50399  -16.68322 1.000 22.94474 ? 101 A1IZO A C57 1 
HETATM 770 O O58 . A1IZO B 2 .  ? 17.18120  12.31476  -19.85093 1.000 36.91253 ? 101 A1IZO A O58 1 
HETATM 771 O O60 . A1IZO B 2 .  ? 18.41814  10.78223  -21.27584 1.000 44.35208 ? 101 A1IZO A O60 1 
HETATM 772 O O61 . A1IZO B 2 .  ? 19.58443  11.89073  -19.67550 1.000 43.84691 ? 101 A1IZO A O61 1 
HETATM 773 O O62 . A1IZO B 2 .  ? 18.65321  13.15242  -21.53375 1.000 24.95053 ? 101 A1IZO A O62 1 
HETATM 774 O O63 . A1IZO B 2 .  ? 16.55946  8.23068   -17.60079 1.000 65.56367 ? 101 A1IZO A O63 1 
HETATM 775 O O65 . A1IZO B 2 .  ? 18.58992  7.93249   -16.07745 1.000 48.43751 ? 101 A1IZO A O65 1 
HETATM 776 O O66 . A1IZO B 2 .  ? 18.87149  7.63066   -18.40398 1.000 78.93357 ? 101 A1IZO A O66 1 
HETATM 777 O O67 . A1IZO B 2 .  ? 17.53460  6.07721   -17.16074 1.000 66.81869 ? 101 A1IZO A O67 1 
HETATM 778 O O68 . A1IZO B 2 .  ? 9.09642   21.19074  -11.86506 1.000 41.35024 ? 101 A1IZO A O68 1 
HETATM 779 O O70 . A1IZO B 2 .  ? 6.90540   22.28705  -11.43495 1.000 70.34798 ? 101 A1IZO A O70 1 
HETATM 780 O O71 . A1IZO B 2 .  ? 8.18916   22.90755  -13.27476 1.000 66.41364 ? 101 A1IZO A O71 1 
HETATM 781 O O72 . A1IZO B 2 .  ? 8.98253   23.40550  -10.99509 1.000 45.91774 ? 101 A1IZO A O72 1 
HETATM 782 O O73 . A1IZO B 2 .  ? 8.34354   18.53684  -8.09275  1.000 38.40267 ? 101 A1IZO A O73 1 
HETATM 783 O O75 . A1IZO B 2 .  ? 7.46176   18.15490  -5.87926  1.000 35.92161 ? 101 A1IZO A O75 1 
HETATM 784 O O76 . A1IZO B 2 .  ? 8.44234   20.27004  -6.22186  1.000 36.29895 ? 101 A1IZO A O76 1 
HETATM 785 O O77 . A1IZO B 2 .  ? 6.47756   19.80827  -7.40423  1.000 46.74054 ? 101 A1IZO A O77 1 
HETATM 786 O O78 . A1IZO B 2 .  ? 10.70253  12.40810  -13.99949 1.000 32.05284 ? 101 A1IZO A O78 1 
HETATM 787 O O80 . A1IZO B 2 .  ? 9.56083   10.80132  -12.44637 1.000 40.07394 ? 101 A1IZO A O80 1 
HETATM 788 O O81 . A1IZO B 2 .  ? 8.38982   11.33406  -14.39068 1.000 53.80281 ? 101 A1IZO A O81 1 
HETATM 789 O O82 . A1IZO B 2 .  ? 8.70351   13.05764  -12.77020 1.000 40.71950 ? 101 A1IZO A O82 1 
HETATM 790 O O83 . A1IZO B 2 .  ? 15.86040  15.62397  -8.79872  1.000 37.44576 ? 101 A1IZO A O83 1 
HETATM 791 O O85 . A1IZO B 2 .  ? 17.42340  13.75891  -8.95043  1.000 49.79053 ? 101 A1IZO A O85 1 
HETATM 792 O O86 . A1IZO B 2 .  ? 16.89204  14.54573  -6.79306  1.000 44.10914 ? 101 A1IZO A O86 1 
HETATM 793 O O87 . A1IZO B 2 .  ? 15.21965  13.39282  -7.98805  1.000 34.24609 ? 101 A1IZO A O87 1 
HETATM 794 O O88 . A1IZO B 2 .  ? 13.00148  9.23020   -16.57827 1.000 48.77590 ? 101 A1IZO A O88 1 
HETATM 795 O O90 . A1IZO B 2 .  ? 12.63553  6.98686   -15.50601 1.000 56.35999 ? 101 A1IZO A O90 1 
HETATM 796 O O91 . A1IZO B 2 .  ? 12.87942  7.03807   -17.80167 1.000 62.38808 ? 101 A1IZO A O91 1 
HETATM 797 O O92 . A1IZO B 2 .  ? 10.94655  8.12021   -16.75544 1.000 52.78348 ? 101 A1IZO A O92 1 
HETATM 798 O O93 . A1IZO B 2 .  ? 13.69376  18.76805  -6.20638  1.000 34.76575 ? 101 A1IZO A O93 1 
HETATM 799 O O95 . A1IZO B 2 .  ? 15.94068  19.82072  -6.41285  1.000 38.66535 ? 101 A1IZO A O95 1 
HETATM 800 O O96 . A1IZO B 2 .  ? 14.03682  20.84235  -7.36035  1.000 50.08040 ? 101 A1IZO A O96 1 
HETATM 801 O O97 . A1IZO B 2 .  ? 14.27893  20.72338  -4.97790  1.000 42.82682 ? 101 A1IZO A O97 1 
HETATM 802 O O98 . A1IZO B 2 .  ? 14.57049  25.31000  -13.47488 1.000 39.00390 ? 101 A1IZO A O98 1 
HETATM 803 O OA0 . A1IZO B 2 .  ? 16.07754  25.12917  -11.61200 1.000 48.63176 ? 101 A1IZO A OA0 1 
HETATM 804 O OA1 . A1IZO B 2 .  ? 16.14266  27.11969  -12.78800 1.000 79.80639 ? 101 A1IZO A OA1 1 
HETATM 805 O OA2 . A1IZO B 2 .  ? 14.12659  26.60106  -11.56843 1.000 55.11775 ? 101 A1IZO A OA2 1 
HETATM 806 O OA3 . A1IZO B 2 .  ? 17.69326  24.37134  -16.83358 1.000 25.40587 ? 101 A1IZO A OA3 1 
HETATM 807 O OA5 . A1IZO B 2 .  ? 19.95158  23.31491  -16.25004 1.000 36.72603 ? 101 A1IZO A OA5 1 
HETATM 808 O OA6 . A1IZO B 2 .  ? 19.39300  25.33750  -15.21937 1.000 33.14092 ? 101 A1IZO A OA6 1 
HETATM 809 O OA7 . A1IZO B 2 .  ? 19.71523  25.25656  -17.60898 1.000 29.27205 ? 101 A1IZO A OA7 1 
HETATM 810 O OA8 . A1IZO B 2 .  ? 14.83223  22.32761  -18.28948 1.000 29.06096 ? 101 A1IZO A OA8 1 
HETATM 811 O OAA . A1IZO B 2 .  ? 15.66589  22.87351  -20.51782 1.000 33.02662 ? 101 A1IZO A OAA 1 
HETATM 812 O OAB . A1IZO B 2 .  ? 15.00588  24.64081  -19.18672 1.000 33.46219 ? 101 A1IZO A OAB 1 
HETATM 813 O OAC . A1IZO B 2 .  ? 13.35230  23.03007  -19.93566 1.000 38.81125 ? 101 A1IZO A OAC 1 
HETATM 814 O OAD . A1IZO B 2 .  ? 13.83616  17.85932  -19.48207 1.000 25.93358 ? 101 A1IZO A OAD 1 
HETATM 815 O OAF . A1IZO B 2 .  ? 12.11940  16.33575  -20.31699 1.000 24.46055 ? 101 A1IZO A OAF 1 
HETATM 816 O OAG . A1IZO B 2 .  ? 11.71015  18.61625  -20.46170 1.000 28.50465 ? 101 A1IZO A OAG 1 
HETATM 817 O OAH . A1IZO B 2 .  ? 11.86308  17.66162  -18.30587 1.000 33.08690 ? 101 A1IZO A OAH 1 
HETATM 818 S S59 . A1IZO B 2 .  ? 18.55496  12.06316  -20.65578 1.000 32.85928 ? 101 A1IZO A S59 1 
HETATM 819 S S64 . A1IZO B 2 .  ? 17.99178  7.39847   -17.28289 1.000 65.97495 ? 101 A1IZO A S64 1 
HETATM 820 S S69 . A1IZO B 2 .  ? 8.24319   22.58820  -11.87659 1.000 60.21285 ? 101 A1IZO A S69 1 
HETATM 821 S S74 . A1IZO B 2 .  ? 7.61203   19.24665  -6.80570  1.000 39.54624 ? 101 A1IZO A S74 1 
HETATM 822 S S79 . A1IZO B 2 .  ? 9.23759   11.87624  -13.34817 1.000 40.48439 ? 101 A1IZO A S79 1 
HETATM 823 S S84 . A1IZO B 2 .  ? 16.36500  14.21364  -8.09469  1.000 40.00848 ? 101 A1IZO A S84 1 
HETATM 824 S S89 . A1IZO B 2 .  ? 12.29794  7.74432   -16.68448 1.000 66.70200 ? 101 A1IZO A S89 1 
HETATM 825 S S94 . A1IZO B 2 .  ? 14.55104  20.13789  -6.23037  1.000 43.41894 ? 101 A1IZO A S94 1 
HETATM 826 S S99 . A1IZO B 2 .  ? 15.25217  26.11508  -12.26299 1.000 67.64344 ? 101 A1IZO A S99 1 
HETATM 827 S SA4 . A1IZO B 2 .  ? 19.28359  24.59050  -16.43967 1.000 30.25685 ? 101 A1IZO A SA4 1 
HETATM 828 S SA9 . A1IZO B 2 .  ? 14.68264  23.28439  -19.57522 1.000 38.58217 ? 101 A1IZO A SA9 1 
HETATM 829 S SAE . A1IZO B 2 .  ? 12.29481  17.58672  -19.64058 1.000 25.67619 ? 101 A1IZO A SAE 1 
HETATM 830 C C1  . BDF   C 3 .  ? -12.18664 -7.58263  0.30950   1.000 25.72394 ? 102 BDF   A C1  1 
HETATM 831 C C2  . BDF   C 3 .  ? -13.04939 -6.41931  0.81914   1.000 16.32551 ? 102 BDF   A C2  1 
HETATM 832 C C3  . BDF   C 3 .  ? -13.05517 -5.29767  -0.19960  1.000 18.60134 ? 102 BDF   A C3  1 
HETATM 833 C C4  . BDF   C 3 .  ? -13.83245 -4.12769  0.34473   1.000 15.63532 ? 102 BDF   A C4  1 
HETATM 834 C C5  . BDF   C 3 .  ? -13.27874 -3.64165  1.65247   1.000 15.10583 ? 102 BDF   A C5  1 
HETATM 835 C C6  . BDF   C 3 .  ? -13.25030 -4.77493  2.68314   1.000 19.53638 ? 102 BDF   A C6  1 
HETATM 836 O O1  . BDF   C 3 .  ? -12.15709 -8.57537  1.30219   1.000 26.99828 ? 102 BDF   A O1  1 
HETATM 837 O O2  . BDF   C 3 .  ? -14.32118 -6.85873  0.99225   1.000 21.97244 ? 102 BDF   A O2  1 
HETATM 838 O O3  . BDF   C 3 .  ? -13.62952 -5.79191  -1.41768  1.000 14.11126 ? 102 BDF   A O3  1 
HETATM 839 O O4  . BDF   C 3 .  ? -13.79932 -3.07334  -0.65151  1.000 14.03096 ? 102 BDF   A O4  1 
HETATM 840 O O5  . BDF   C 3 .  ? -11.92342 -3.20517  1.49248   1.000 12.99518 ? 102 BDF   A O5  1 
HETATM 841 O O6  . BDF   C 3 .  ? -12.49414 -5.92830  2.14205   1.000 18.99363 ? 102 BDF   A O6  1 
HETATM 842 C C1  . BDF   D 3 .  ? 6.41581   -8.75756  3.08787   1.000 17.33313 ? 103 BDF   A C1  1 
HETATM 843 C C2  . BDF   D 3 .  ? 4.90758   -8.90811  2.74003   1.000 17.29186 ? 103 BDF   A C2  1 
HETATM 844 C C3  . BDF   D 3 .  ? 4.68674   -8.18124  1.42341   1.000 13.83698 ? 103 BDF   A C3  1 
HETATM 845 C C4  . BDF   D 3 .  ? 3.22018   -8.02064  1.13895   1.000 13.18159 ? 103 BDF   A C4  1 
HETATM 846 C C5  . BDF   D 3 .  ? 2.48445   -7.37178  2.26804   1.000 14.63968 ? 103 BDF   A C5  1 
HETATM 847 C C6  . BDF   D 3 .  ? 2.58980   -8.28009  3.48733   1.000 15.85783 ? 103 BDF   A C6  1 
HETATM 848 O O1  . BDF   D 3 .  ? 6.73611   -9.51358  4.22201   1.000 24.99982 ? 103 BDF   A O1  1 
HETATM 849 O O2  . BDF   D 3 .  ? 4.58390   -10.22474 2.51958   1.000 18.49957 ? 103 BDF   A O2  1 
HETATM 850 O O3  . BDF   D 3 .  ? 5.36203   -8.95633  0.40509   1.000 14.48547 ? 103 BDF   A O3  1 
HETATM 851 O O4  . BDF   D 3 .  ? 3.07788   -7.24305  -0.06797  1.000 13.59251 ? 103 BDF   A O4  1 
HETATM 852 O O5  . BDF   D 3 .  ? 3.08901   -6.11212  2.64703   1.000 13.93621 ? 103 BDF   A O5  1 
HETATM 853 O O6  . BDF   D 3 .  ? 4.02318   -8.37450  3.83950   1.000 20.21162 ? 103 BDF   A O6  1 
HETATM 854 O O   . HOH   E 4 .  ? 6.97866   -7.28975  8.20769   1.000 33.49912 ? 201 HOH   A O   1 
HETATM 855 O O   . HOH   E 4 .  ? 8.34894   4.12082   -11.60082 1.000 32.32389 ? 202 HOH   A O   1 
HETATM 856 O O   . HOH   E 4 .  ? -2.60633  10.44151  -1.46280  1.000 36.57228 ? 203 HOH   A O   1 
HETATM 857 O O   . HOH   E 4 .  ? -0.74774  1.61895   12.23710  1.000 27.83850 ? 204 HOH   A O   1 
HETATM 858 O O   . HOH   E 4 .  ? -18.16091 0.30593   -4.53838  1.000 14.41747 ? 205 HOH   A O   1 
HETATM 859 O O   . HOH   E 4 .  ? 5.25046   -8.00444  -7.06891  1.000 22.80853 ? 206 HOH   A O   1 
HETATM 860 O O   . HOH   E 4 .  ? -5.03322  7.13798   -4.18084  1.000 16.86073 ? 207 HOH   A O   1 
HETATM 861 O O   . HOH   E 4 .  ? 19.15540  27.77619  -14.55126 1.000 38.63559 ? 208 HOH   A O   1 
HETATM 862 O O   A HOH   E 4 .  ? -2.10392  -1.04978  11.43110  0.550 14.32967 ? 209 HOH   A O   1 
HETATM 863 O O   B HOH   E 4 .  ? -2.77044  -0.01050  11.70863  0.450 24.15489 ? 209 HOH   A O   1 
HETATM 864 O O   . HOH   E 4 .  ? -0.15903  14.14687  -2.78207  0.33  30.72236 ? 210 HOH   A O   1 
HETATM 865 O O   . HOH   E 4 .  ? -11.48847 7.67375   -4.93022  1.000 19.57853 ? 211 HOH   A O   1 
HETATM 866 O O   . HOH   E 4 .  ? 2.53457   -2.67833  -11.70049 1.000 33.89777 ? 212 HOH   A O   1 
HETATM 867 O O   . HOH   E 4 .  ? 16.68009  -5.02086  0.64047   1.000 32.36798 ? 213 HOH   A O   1 
HETATM 868 O O   . HOH   E 4 .  ? 6.97409   -3.60389  -4.73180  1.000 14.97725 ? 214 HOH   A O   1 
HETATM 869 O O   . HOH   E 4 .  ? 10.95259  8.63054   -12.09426 1.000 37.29537 ? 215 HOH   A O   1 
HETATM 870 O O   . HOH   E 4 .  ? 8.87285   11.39045  -9.99540  1.000 30.74072 ? 216 HOH   A O   1 
HETATM 871 O O   . HOH   E 4 .  ? -4.79370  -11.82495 0.69198   1.000 18.28571 ? 217 HOH   A O   1 
HETATM 872 O O   . HOH   E 4 .  ? -8.77904  -10.70365 -0.02336  1.000 36.45814 ? 218 HOH   A O   1 
HETATM 873 O O   . HOH   E 4 .  ? -12.84726 1.87925   -8.49803  1.000 26.57104 ? 219 HOH   A O   1 
HETATM 874 O O   . HOH   E 4 .  ? -0.21005  7.33653   -14.80433 1.000 35.20405 ? 220 HOH   A O   1 
HETATM 875 O O   . HOH   E 4 .  ? -7.75194  -12.35453 9.50882   1.000 30.04496 ? 221 HOH   A O   1 
HETATM 876 O O   . HOH   E 4 .  ? 11.86414  -8.96511  -0.93975  1.000 23.91650 ? 222 HOH   A O   1 
HETATM 877 O O   . HOH   E 4 .  ? -4.07400  3.50550   -10.29898 1.000 21.60490 ? 223 HOH   A O   1 
HETATM 878 O O   . HOH   E 4 .  ? 8.21483   2.57141   -1.12229  1.000 14.42502 ? 224 HOH   A O   1 
HETATM 879 O O   . HOH   E 4 .  ? 17.61041  25.09189  -19.48299 1.000 31.04783 ? 225 HOH   A O   1 
HETATM 880 O O   . HOH   E 4 .  ? -6.03423  3.96540   9.74581   1.000 28.66392 ? 226 HOH   A O   1 
HETATM 881 O O   . HOH   E 4 .  ? -3.78363  -11.51563 7.25823   1.000 25.41282 ? 227 HOH   A O   1 
HETATM 882 O O   . HOH   E 4 .  ? 12.40986  -3.42556  17.66686  1.000 34.56124 ? 228 HOH   A O   1 
HETATM 883 O O   . HOH   E 4 .  ? 17.92097  -1.10948  8.86674   1.000 32.73452 ? 229 HOH   A O   1 
HETATM 884 O O   . HOH   E 4 .  ? 7.57730   2.97015   -7.32701  1.000 23.12113 ? 230 HOH   A O   1 
HETATM 885 O O   . HOH   E 4 .  ? -10.51708 -0.07967  -10.79442 1.000 32.94860 ? 231 HOH   A O   1 
HETATM 886 O O   . HOH   E 4 .  ? 13.48514  -6.08022  8.43547   1.000 15.38548 ? 232 HOH   A O   1 
HETATM 887 O O   . HOH   E 4 .  ? 1.17814   1.56324   14.02565  1.000 22.44295 ? 233 HOH   A O   1 
HETATM 888 O O   . HOH   E 4 .  ? -16.49478 -6.85535  -0.68094  1.000 21.32402 ? 234 HOH   A O   1 
HETATM 889 O O   . HOH   E 4 .  ? 7.78792   -11.99624 3.62045   1.000 34.62218 ? 235 HOH   A O   1 
HETATM 890 O O   . HOH   E 4 .  ? 4.18413   -11.41314 -0.10137  1.000 19.30790 ? 236 HOH   A O   1 
HETATM 891 O O   . HOH   E 4 .  ? -12.41666 6.06973   -8.86917  1.000 21.19172 ? 237 HOH   A O   1 
HETATM 892 O O   . HOH   E 4 .  ? 0.48563   -6.21608  -6.40205  1.000 29.00008 ? 238 HOH   A O   1 
HETATM 893 O O   . HOH   E 4 .  ? -10.62820 -9.78604  -6.26826  1.000 19.20001 ? 239 HOH   A O   1 
HETATM 894 O O   . HOH   E 4 .  ? 11.68268  0.04266   16.31224  1.000 26.58088 ? 240 HOH   A O   1 
HETATM 895 O O   . HOH   E 4 .  ? 1.88674   -0.83580  16.52869  1.000 29.28770 ? 241 HOH   A O   1 
HETATM 896 O O   . HOH   E 4 .  ? 9.61351   1.71676   -3.43086  1.000 22.29786 ? 242 HOH   A O   1 
HETATM 897 O O   . HOH   E 4 .  ? 3.97010   -11.64466 4.87526   1.000 26.94548 ? 243 HOH   A O   1 
HETATM 898 O O   . HOH   E 4 .  ? -6.89294  3.02040   -10.71299 1.000 20.37367 ? 244 HOH   A O   1 
HETATM 899 O O   . HOH   E 4 .  ? -20.23548 2.16961   -7.72513  1.000 34.08632 ? 245 HOH   A O   1 
HETATM 900 O O   . HOH   E 4 .  ? -11.39986 -0.95760  -6.27843  1.000 13.56234 ? 246 HOH   A O   1 
HETATM 901 O O   . HOH   E 4 .  ? -3.88585  0.02730   -9.57237  1.000 18.64083 ? 247 HOH   A O   1 
HETATM 902 O O   . HOH   E 4 .  ? 16.69872  -7.27913  6.32689   1.000 25.09920 ? 248 HOH   A O   1 
HETATM 903 O O   . HOH   E 4 .  ? -0.68145  4.74446   -13.61299 1.000 28.71424 ? 249 HOH   A O   1 
HETATM 904 O O   . HOH   E 4 .  ? 3.51429   9.16607   -10.74037 1.000 30.30005 ? 250 HOH   A O   1 
HETATM 905 O O   . HOH   E 4 .  ? 8.20431   -4.39802  -6.96510  1.000 19.65983 ? 251 HOH   A O   1 
HETATM 906 O O   . HOH   E 4 .  ? -14.63178 4.47424   -8.87237  1.000 31.22329 ? 252 HOH   A O   1 
HETATM 907 O O   . HOH   E 4 .  ? -6.13498  -2.95407  14.28187  1.000 24.58305 ? 253 HOH   A O   1 
HETATM 908 O O   . HOH   E 4 .  ? 6.58657   10.52685  -10.13088 1.000 32.07317 ? 254 HOH   A O   1 
HETATM 909 O O   . HOH   E 4 .  ? 14.29043  -6.86776  -1.23443  1.000 24.15666 ? 255 HOH   A O   1 
HETATM 910 O O   . HOH   E 4 .  ? -2.28491  5.44498   7.13266   1.000 32.05019 ? 256 HOH   A O   1 
HETATM 911 O O   . HOH   E 4 .  ? -2.29516  3.46239   8.46384   1.000 28.08669 ? 257 HOH   A O   1 
HETATM 912 O O   . HOH   E 4 .  ? 0.13246   7.22086   5.08201   1.000 15.28210 ? 258 HOH   A O   1 
HETATM 913 O O   . HOH   E 4 .  ? 13.23000  6.60420   -9.91695  1.000 35.94381 ? 259 HOH   A O   1 
HETATM 914 O O   . HOH   E 4 .  ? -11.23408 -10.37883 -0.85693  1.000 24.41403 ? 260 HOH   A O   1 
HETATM 915 O O   . HOH   E 4 .  ? 16.69765  -6.45492  4.02657   1.000 23.47773 ? 261 HOH   A O   1 
HETATM 916 O O   . HOH   E 4 .  ? 18.17131  -1.89550  -0.36750  1.000 26.37304 ? 262 HOH   A O   1 
HETATM 917 O O   . HOH   E 4 .  ? -3.98945  2.22184   9.66301   1.000 27.10506 ? 263 HOH   A O   1 
HETATM 918 O O   . HOH   E 4 .  ? -11.73016 8.43693   -7.49015  1.000 28.90438 ? 264 HOH   A O   1 
HETATM 919 O O   . HOH   E 4 .  ? -11.43093 -7.86553  8.75904   1.000 35.94000 ? 265 HOH   A O   1 
HETATM 920 O O   . HOH   E 4 .  ? -2.01790  7.12265   3.43551   1.000 14.60945 ? 266 HOH   A O   1 
HETATM 921 O O   . HOH   E 4 .  ? -12.23351 -8.85201  -3.10894  1.000 35.77001 ? 267 HOH   A O   1 
HETATM 922 O O   . HOH   E 4 .  ? 3.84344   10.20185  -8.45571  1.000 35.76782 ? 268 HOH   A O   1 
HETATM 923 O O   A HOH   E 4 .  ? -1.98009  9.29679   1.40680   0.410 16.11505 ? 269 HOH   A O   1 
HETATM 924 O O   B HOH   E 4 .  ? -0.43172  9.20862   1.51147   0.590 18.28208 ? 269 HOH   A O   1 
HETATM 925 O O   . HOH   E 4 .  ? -0.66673  12.57012  -0.36365  0.33  18.77293 ? 270 HOH   A O   1 
HETATM 926 O O   . HOH   E 4 .  ? -5.69940  -13.55177 7.55101   1.000 31.65252 ? 271 HOH   A O   1 
HETATM 927 O O   . HOH   E 4 .  ? 18.05352  7.81893   -22.52925 1.000 40.82018 ? 272 HOH   A O   1 
HETATM 928 O O   . HOH   E 4 .  ? -2.61085  -17.62773 -1.89688  1.000 28.00685 ? 273 HOH   A O   1 
HETATM 929 O O   . HOH   E 4 .  ? 11.17017  6.03656   -5.54690  1.000 39.11788 ? 274 HOH   A O   1 
HETATM 930 O O   A HOH   E 4 .  ? -2.15328  -8.95830  -8.01829  0.480 18.23556 ? 275 HOH   A O   1 
HETATM 931 O O   B HOH   E 4 .  ? -1.36951  -10.78889 -8.14418  0.520 15.77318 ? 275 HOH   A O   1 
HETATM 932 O O   . HOH   E 4 .  ? -14.77617 -1.94969  -8.13773  1.000 28.11479 ? 276 HOH   A O   1 
HETATM 933 O O   . HOH   E 4 .  ? 10.09408  3.92918   -6.16582  1.000 29.12167 ? 277 HOH   A O   1 
HETATM 934 O O   . HOH   E 4 .  ? 8.38597   2.71154   -9.72161  1.000 36.60795 ? 278 HOH   A O   1 
HETATM 935 O O   A HOH   E 4 .  ? 22.07020  13.18941  -22.73355 0.540 31.18939 ? 279 HOH   A O   1 
HETATM 936 O O   B HOH   E 4 .  ? 20.81445  13.15825  -23.21627 0.460 28.04944 ? 279 HOH   A O   1 
HETATM 937 O O   . HOH   E 4 .  ? -21.14561 13.62286  -3.91819  1.000 32.94595 ? 280 HOH   A O   1 
HETATM 938 O O   . HOH   E 4 .  ? 13.06749  -8.57470  8.42167   1.000 29.33447 ? 281 HOH   A O   1 
HETATM 939 O O   . HOH   E 4 .  ? 13.41314  8.13818   -12.01480 1.000 36.78892 ? 282 HOH   A O   1 
HETATM 940 O O   . HOH   E 4 .  ? -4.81534  -0.64911  -12.06473 1.000 28.85503 ? 283 HOH   A O   1 
HETATM 941 O O   . HOH   E 4 .  ? 14.83942  -8.98997  6.85751   1.000 32.89012 ? 284 HOH   A O   1 
HETATM 942 O O   . HOH   E 4 .  ? -6.78973  2.97546   -13.53417 1.000 26.77451 ? 285 HOH   A O   1 
# 
